data_5UJ7
#
_entry.id   5UJ7
#
_cell.length_a   120.887
_cell.length_b   81.141
_cell.length_c   151.947
_cell.angle_alpha   90.00
_cell.angle_beta   97.25
_cell.angle_gamma   90.00
#
_symmetry.space_group_name_H-M   'P 1 21 1'
#
loop_
_entity.id
_entity.type
_entity.pdbx_description
1 polymer 'Origin recognition complex subunit 1'
2 polymer 'Origin recognition complex subunit 4'
3 polymer 'Origin recognition complex subunit 5'
4 non-polymer "ADENOSINE-5'-TRIPHOSPHATE"
5 non-polymer 'MAGNESIUM ION'
6 non-polymer 'POTASSIUM ION'
#
loop_
_entity_poly.entity_id
_entity_poly.type
_entity_poly.pdbx_seq_one_letter_code
_entity_poly.pdbx_strand_id
1 'polypeptide(L)'
;APQIRSRSLAAQEPASVLEEARLRLHVSAVPESLPCREQEFQDIYNFVESKLLDHTGGCMYISGVPGTGKTATVHEVIRC
LQQAAQANDVPPFQYIEVNGMKLTEPHQVYVQILQKLTGQKATANHAAELLAKQFCTRGSPQETTVLLVDELDLLWTHKQ
DIMYNLFDWPTHKEARLVVLAIANTMDLPERIMMNRVSSRLGLTRMCFQPYTYSQLQQILRSRLKHLKAFEDDAIQLVAR
KVAALSGDARRCLDICRRATEICEFSQQKPDSPGLVTIAHSMEAVDEMFSSSYITAIKNSSVLEQSFLRAILAEFRRSGL
EEATFQQIYSQHVALCRMEGLPYPTMSETMAVCSHLGSCRLLLVEPSRNDLLLRVRLNVSQDDVLYALKDE
;
A,B
2 'polypeptide(L)'
;MSSRKSKSNSLIHTECLSQVQRILRERFCRQSPHSNLFGVQVQYKHLSELLKRTALHGESNSVLIIGPRGSGKTMLINHA
LKELMEIEEVSENVLQVHLNGLLQINDKIALKEITRQLNLENVVGDKVFGSFAENLSFLLEALKKGDRTSSCPVIFILDE
FDLFAHHKNQTLLYNLFDISQSAQTPIAVIGLTCRLDILELLEKRVKSRFSHRQIHLMNSFGFPQYVKIFKEQLSLPAEF
PDKVFAEKWNENVQYLSEDRSVQEVLQKHFNISKNLRSLHMLLMLALNRVTASHPFMTAVDLMEASQLCSMDSKANIVHG
LSVLEICLIIAMKHLNDIYEEEPFNFQMVYNEFQKFVQRKAHSVYNFEKPVVMKAFEHLQQLELIKPMERTSGNSQREYQ
LMKLLLDNTQIMNALQKYPNCPTDVRQWATSSLSWL
;
C,D
3 'polypeptide(L)'
;MPHLENVVLCRESQVSILQSLFGERHHFSFPSIFIYGHTASGKTYVTQTLLKTLELPHVFVNCVECFTLRLLLEQILNKL
NHLSSSEDGCSTEITCETFNDFVRLFKQVTTAENLKDQTVYIVLDKAEYLRDMEANLLPGFLRLQELADRNVTVLFLSEI
VWEKFRPNTGCFEPFVLYFPDYSIGNLQKILSHDHPPEYSADFYAAYINILLGVFYTVCRDLKELRHLAVLNFPKYCEPV
VKGEASERDTRKLWRNIEPHLKKAMQTVYLREISSSQWEKLQKD
;
E,F
#
loop_
_chem_comp.id
_chem_comp.type
_chem_comp.name
_chem_comp.formula
ATP non-polymer ADENOSINE-5'-TRIPHOSPHATE 'C10 H16 N5 O13 P3'
K non-polymer 'POTASSIUM ION' 'K 1'
MG non-polymer 'MAGNESIUM ION' 'Mg 2'
#
# COMPACT_ATOMS: atom_id res chain seq x y z
N GLU A 20 -43.33 2.92 0.37
CA GLU A 20 -44.12 3.17 -0.83
C GLU A 20 -45.06 4.36 -0.65
N ALA A 21 -44.81 5.18 0.39
CA ALA A 21 -45.71 6.29 0.70
C ALA A 21 -45.42 7.49 -0.19
N ARG A 22 -44.33 8.20 0.10
CA ARG A 22 -43.88 9.28 -0.77
C ARG A 22 -43.09 8.77 -1.96
N LEU A 23 -42.82 7.47 -2.02
CA LEU A 23 -42.20 6.87 -3.19
C LEU A 23 -43.21 6.68 -4.32
N ARG A 24 -44.48 6.45 -3.98
CA ARG A 24 -45.51 6.38 -5.02
C ARG A 24 -45.70 7.72 -5.72
N LEU A 25 -45.25 8.81 -5.10
CA LEU A 25 -45.29 10.09 -5.76
C LEU A 25 -44.22 10.21 -6.84
N HIS A 26 -43.14 9.43 -6.72
CA HIS A 26 -42.20 9.30 -7.83
C HIS A 26 -42.92 8.79 -9.08
N VAL A 27 -43.70 7.71 -8.92
CA VAL A 27 -44.30 7.02 -10.06
C VAL A 27 -45.21 7.93 -10.85
N SER A 28 -45.72 9.01 -10.25
CA SER A 28 -46.75 9.83 -10.87
C SER A 28 -46.21 11.02 -11.65
N ALA A 29 -44.90 11.28 -11.61
CA ALA A 29 -44.37 12.49 -12.23
C ALA A 29 -44.05 12.35 -13.72
N VAL A 30 -43.43 11.27 -14.17
CA VAL A 30 -42.75 11.28 -15.47
C VAL A 30 -43.71 11.49 -16.64
N PRO A 31 -44.67 10.58 -16.95
CA PRO A 31 -45.84 10.99 -17.74
C PRO A 31 -47.06 11.26 -16.86
N GLU A 32 -48.20 11.66 -17.43
CA GLU A 32 -49.40 11.91 -16.65
C GLU A 32 -50.63 11.97 -17.57
N SER A 33 -51.79 12.13 -16.93
CA SER A 33 -53.08 12.36 -17.58
C SER A 33 -54.02 12.79 -16.45
N LEU A 34 -55.17 13.44 -16.70
CA LEU A 34 -55.63 13.95 -17.99
C LEU A 34 -55.39 15.46 -18.05
N PRO A 35 -55.70 16.10 -19.18
CA PRO A 35 -55.30 17.50 -19.36
C PRO A 35 -55.98 18.45 -18.40
N CYS A 36 -55.22 19.46 -17.99
CA CYS A 36 -55.70 20.65 -17.33
C CYS A 36 -55.86 21.83 -18.30
N ARG A 37 -55.67 21.61 -19.60
CA ARG A 37 -56.04 22.61 -20.59
C ARG A 37 -57.47 22.27 -20.97
N GLU A 38 -58.43 23.02 -20.41
CA GLU A 38 -59.84 22.76 -20.64
C GLU A 38 -60.38 23.50 -21.86
N GLN A 39 -60.01 24.77 -22.01
CA GLN A 39 -60.61 25.61 -23.05
C GLN A 39 -59.97 25.34 -24.40
N GLU A 40 -58.65 25.19 -24.43
CA GLU A 40 -57.97 24.87 -25.68
C GLU A 40 -58.51 23.58 -26.27
N PHE A 41 -58.62 22.53 -25.44
CA PHE A 41 -59.13 21.25 -25.92
C PHE A 41 -60.44 21.42 -26.69
N GLN A 42 -61.40 22.14 -26.11
CA GLN A 42 -62.71 22.29 -26.76
C GLN A 42 -62.57 22.93 -28.14
N ASP A 43 -61.70 23.92 -28.27
CA ASP A 43 -61.54 24.60 -29.55
C ASP A 43 -61.08 23.64 -30.63
N ILE A 44 -60.05 22.85 -30.34
CA ILE A 44 -59.52 21.91 -31.32
C ILE A 44 -60.56 20.84 -31.63
N TYR A 45 -61.25 20.33 -30.62
CA TYR A 45 -62.29 19.34 -30.86
C TYR A 45 -63.33 19.86 -31.84
N ASN A 46 -63.77 21.11 -31.66
CA ASN A 46 -64.79 21.66 -32.55
C ASN A 46 -64.23 21.93 -33.94
N PHE A 47 -62.93 22.22 -34.04
CA PHE A 47 -62.34 22.40 -35.36
C PHE A 47 -62.41 21.11 -36.18
N VAL A 48 -61.92 20.01 -35.61
CA VAL A 48 -61.98 18.74 -36.31
C VAL A 48 -63.42 18.29 -36.50
N GLU A 49 -64.26 18.47 -35.48
CA GLU A 49 -65.67 18.08 -35.60
C GLU A 49 -66.35 18.87 -36.72
N SER A 50 -66.05 20.16 -36.81
CA SER A 50 -66.61 20.98 -37.88
C SER A 50 -66.21 20.44 -39.25
N LYS A 51 -64.89 20.35 -39.48
CA LYS A 51 -64.40 19.84 -40.75
C LYS A 51 -64.85 18.41 -40.99
N LEU A 52 -64.96 17.61 -39.93
CA LEU A 52 -65.34 16.21 -40.09
C LEU A 52 -66.83 16.09 -40.41
N LEU A 53 -67.67 16.83 -39.69
CA LEU A 53 -69.11 16.77 -39.95
C LEU A 53 -69.43 17.15 -41.38
N ASP A 54 -68.71 18.14 -41.93
CA ASP A 54 -68.99 18.65 -43.26
C ASP A 54 -68.42 17.78 -44.37
N HIS A 55 -67.59 16.80 -44.05
CA HIS A 55 -66.85 16.04 -45.05
C HIS A 55 -65.96 16.96 -45.88
N THR A 56 -65.28 17.89 -45.21
CA THR A 56 -64.37 18.82 -45.87
C THR A 56 -63.00 18.74 -45.22
N GLY A 57 -62.04 19.48 -45.80
CA GLY A 57 -60.69 19.54 -45.31
C GLY A 57 -60.35 20.88 -44.66
N GLY A 58 -59.15 20.93 -44.12
CA GLY A 58 -58.66 22.14 -43.48
C GLY A 58 -57.29 21.91 -42.88
N CYS A 59 -56.75 22.99 -42.32
CA CYS A 59 -55.45 22.97 -41.68
C CYS A 59 -55.47 23.92 -40.49
N MET A 60 -54.84 23.51 -39.39
CA MET A 60 -54.73 24.36 -38.21
C MET A 60 -53.31 24.32 -37.69
N TYR A 61 -52.70 25.49 -37.51
CA TYR A 61 -51.36 25.62 -36.98
C TYR A 61 -51.44 25.95 -35.50
N ILE A 62 -50.66 25.23 -34.68
CA ILE A 62 -50.70 25.35 -33.24
C ILE A 62 -49.32 25.81 -32.77
N SER A 63 -49.28 26.98 -32.12
CA SER A 63 -48.04 27.53 -31.60
C SER A 63 -47.91 27.26 -30.10
N GLY A 64 -46.77 27.62 -29.54
CA GLY A 64 -46.59 27.56 -28.10
C GLY A 64 -45.14 27.32 -27.72
N VAL A 65 -44.93 27.32 -26.40
CA VAL A 65 -43.64 27.02 -25.79
C VAL A 65 -43.53 25.50 -25.74
N PRO A 66 -42.33 24.90 -25.68
CA PRO A 66 -42.26 23.43 -25.78
C PRO A 66 -43.02 22.68 -24.68
N GLY A 67 -43.38 23.32 -23.57
CA GLY A 67 -43.98 22.63 -22.45
C GLY A 67 -45.46 22.86 -22.22
N THR A 68 -46.18 23.34 -23.23
CA THR A 68 -47.53 23.85 -23.04
C THR A 68 -48.62 22.82 -23.26
N GLY A 69 -48.28 21.55 -23.48
CA GLY A 69 -49.30 20.53 -23.61
C GLY A 69 -49.97 20.46 -24.96
N LYS A 70 -49.27 20.88 -26.02
CA LYS A 70 -49.87 20.89 -27.35
C LYS A 70 -50.15 19.48 -27.86
N THR A 71 -49.13 18.64 -27.94
CA THR A 71 -49.34 17.31 -28.50
C THR A 71 -50.21 16.46 -27.57
N ALA A 72 -50.06 16.64 -26.26
CA ALA A 72 -50.89 15.90 -25.32
C ALA A 72 -52.37 16.22 -25.53
N THR A 73 -52.70 17.52 -25.59
CA THR A 73 -54.08 17.92 -25.84
C THR A 73 -54.60 17.32 -27.14
N VAL A 74 -53.78 17.34 -28.20
CA VAL A 74 -54.22 16.80 -29.48
C VAL A 74 -54.52 15.31 -29.34
N HIS A 75 -53.60 14.55 -28.74
CA HIS A 75 -53.82 13.13 -28.53
C HIS A 75 -55.13 12.90 -27.79
N GLU A 76 -55.40 13.72 -26.78
CA GLU A 76 -56.67 13.62 -26.07
C GLU A 76 -57.83 13.82 -27.03
N VAL A 77 -57.84 14.94 -27.76
CA VAL A 77 -58.92 15.22 -28.71
C VAL A 77 -59.13 14.05 -29.66
N ILE A 78 -58.05 13.38 -30.03
CA ILE A 78 -58.17 12.26 -30.97
C ILE A 78 -58.86 11.08 -30.31
N ARG A 79 -58.46 10.73 -29.09
CA ARG A 79 -59.09 9.61 -28.40
C ARG A 79 -60.57 9.85 -28.18
N CYS A 80 -60.94 11.11 -27.89
CA CYS A 80 -62.34 11.45 -27.72
C CYS A 80 -63.09 11.34 -29.05
N LEU A 81 -62.49 11.84 -30.13
CA LEU A 81 -63.11 11.75 -31.44
C LEU A 81 -63.26 10.29 -31.90
N GLN A 82 -62.34 9.42 -31.49
CA GLN A 82 -62.50 8.01 -31.81
C GLN A 82 -63.65 7.39 -31.02
N GLN A 83 -63.77 7.74 -29.73
CA GLN A 83 -64.94 7.31 -28.96
C GLN A 83 -66.22 7.80 -29.62
N ALA A 84 -66.28 9.09 -29.96
CA ALA A 84 -67.45 9.62 -30.64
C ALA A 84 -67.70 8.88 -31.95
N ALA A 85 -66.62 8.49 -32.65
CA ALA A 85 -66.76 7.75 -33.88
C ALA A 85 -67.32 6.35 -33.68
N GLN A 86 -67.20 5.80 -32.48
CA GLN A 86 -67.76 4.48 -32.22
C GLN A 86 -69.27 4.52 -32.01
N ALA A 87 -69.77 5.60 -31.40
CA ALA A 87 -71.21 5.77 -31.21
C ALA A 87 -71.90 6.38 -32.42
N ASN A 88 -71.17 6.63 -33.50
CA ASN A 88 -71.69 7.28 -34.70
C ASN A 88 -72.09 8.72 -34.45
N ASP A 89 -71.52 9.36 -33.43
CA ASP A 89 -71.76 10.79 -33.24
C ASP A 89 -71.06 11.60 -34.33
N VAL A 90 -69.88 11.15 -34.76
CA VAL A 90 -69.10 11.88 -35.76
C VAL A 90 -68.75 10.90 -36.87
N PRO A 91 -68.51 11.41 -38.09
CA PRO A 91 -68.15 10.51 -39.17
C PRO A 91 -66.87 9.76 -38.86
N PRO A 92 -66.69 8.55 -39.41
CA PRO A 92 -65.45 7.78 -39.30
C PRO A 92 -64.33 8.31 -40.22
N PHE A 93 -63.09 7.86 -40.05
CA PHE A 93 -62.52 7.41 -38.78
C PHE A 93 -61.05 7.85 -38.74
N GLN A 94 -60.34 7.44 -39.79
CA GLN A 94 -58.90 7.22 -39.78
C GLN A 94 -58.12 8.45 -39.31
N TYR A 95 -56.97 8.17 -38.70
CA TYR A 95 -56.10 9.18 -38.12
C TYR A 95 -54.65 8.77 -38.35
N ILE A 96 -53.79 9.76 -38.58
CA ILE A 96 -52.37 9.54 -38.85
C ILE A 96 -51.57 10.62 -38.16
N GLU A 97 -50.44 10.23 -37.56
CA GLU A 97 -49.54 11.16 -36.89
C GLU A 97 -48.11 10.87 -37.31
N VAL A 98 -47.32 11.93 -37.46
CA VAL A 98 -45.90 11.81 -37.80
C VAL A 98 -45.17 12.99 -37.17
N ASN A 99 -43.96 12.72 -36.69
CA ASN A 99 -43.13 13.71 -36.03
C ASN A 99 -41.98 14.12 -36.92
N GLY A 100 -41.70 15.43 -36.97
CA GLY A 100 -40.60 15.91 -37.80
C GLY A 100 -39.25 15.53 -37.24
N MET A 101 -39.06 15.71 -35.93
CA MET A 101 -37.80 15.39 -35.29
C MET A 101 -37.53 13.89 -35.20
N LYS A 102 -38.48 13.05 -35.58
CA LYS A 102 -38.26 11.61 -35.59
C LYS A 102 -37.65 11.12 -36.91
N LEU A 103 -37.37 12.02 -37.85
CA LEU A 103 -36.82 11.65 -39.14
C LEU A 103 -35.44 12.26 -39.31
N THR A 104 -34.57 11.53 -40.02
CA THR A 104 -33.26 12.08 -40.38
C THR A 104 -33.40 13.04 -41.55
N GLU A 105 -34.13 12.63 -42.57
CA GLU A 105 -34.27 13.38 -43.81
C GLU A 105 -35.73 13.79 -44.00
N PRO A 106 -36.04 15.09 -44.07
CA PRO A 106 -37.46 15.50 -44.11
C PRO A 106 -38.34 14.73 -45.08
N HIS A 107 -37.83 14.34 -46.25
CA HIS A 107 -38.67 13.74 -47.28
C HIS A 107 -39.23 12.38 -46.88
N GLN A 108 -38.69 11.75 -45.83
CA GLN A 108 -39.27 10.50 -45.36
C GLN A 108 -40.72 10.68 -44.93
N VAL A 109 -41.16 11.93 -44.70
CA VAL A 109 -42.54 12.21 -44.34
C VAL A 109 -43.51 11.55 -45.32
N TYR A 110 -43.29 11.79 -46.62
CA TYR A 110 -44.20 11.22 -47.62
C TYR A 110 -44.30 9.71 -47.48
N VAL A 111 -43.22 9.05 -47.06
CA VAL A 111 -43.28 7.61 -46.86
C VAL A 111 -44.20 7.29 -45.69
N GLN A 112 -43.98 7.94 -44.55
CA GLN A 112 -44.82 7.77 -43.37
C GLN A 112 -46.29 7.85 -43.76
N ILE A 113 -46.72 9.03 -44.21
CA ILE A 113 -48.14 9.24 -44.52
C ILE A 113 -48.68 8.11 -45.38
N LEU A 114 -48.00 7.81 -46.49
CA LEU A 114 -48.47 6.75 -47.37
C LEU A 114 -48.49 5.41 -46.66
N GLN A 115 -47.43 5.10 -45.90
CA GLN A 115 -47.36 3.81 -45.22
C GLN A 115 -48.48 3.66 -44.21
N LYS A 116 -48.88 4.75 -43.56
CA LYS A 116 -50.00 4.69 -42.63
C LYS A 116 -51.29 4.43 -43.38
N LEU A 117 -51.45 5.03 -44.55
CA LEU A 117 -52.56 4.71 -45.44
C LEU A 117 -52.25 3.41 -46.17
N THR A 118 -53.07 3.05 -47.15
CA THR A 118 -52.75 1.94 -48.03
C THR A 118 -51.67 2.39 -49.03
N GLY A 119 -51.24 1.46 -49.88
CA GLY A 119 -50.15 1.71 -50.80
C GLY A 119 -48.79 1.43 -50.22
N GLN A 120 -48.65 1.48 -48.90
CA GLN A 120 -47.47 1.05 -48.18
C GLN A 120 -46.20 1.71 -48.72
N LYS A 121 -45.14 0.92 -48.90
CA LYS A 121 -43.80 1.48 -49.08
C LYS A 121 -43.60 2.00 -50.49
N ALA A 122 -42.74 3.02 -50.60
CA ALA A 122 -42.44 3.67 -51.86
C ALA A 122 -41.40 4.75 -51.57
N THR A 123 -40.77 5.23 -52.64
CA THR A 123 -39.82 6.33 -52.52
C THR A 123 -40.56 7.65 -52.27
N ALA A 124 -39.80 8.62 -51.73
CA ALA A 124 -40.39 9.93 -51.44
C ALA A 124 -40.98 10.56 -52.70
N ASN A 125 -40.33 10.38 -53.85
CA ASN A 125 -40.87 10.93 -55.09
C ASN A 125 -42.18 10.24 -55.48
N HIS A 126 -42.19 8.91 -55.48
CA HIS A 126 -43.40 8.17 -55.84
C HIS A 126 -44.50 8.37 -54.82
N ALA A 127 -44.14 8.45 -53.53
CA ALA A 127 -45.15 8.66 -52.49
C ALA A 127 -45.86 10.00 -52.68
N ALA A 128 -45.11 11.09 -52.76
CA ALA A 128 -45.71 12.41 -52.94
C ALA A 128 -46.63 12.43 -54.16
N GLU A 129 -46.22 11.76 -55.25
CA GLU A 129 -47.08 11.66 -56.41
C GLU A 129 -48.37 10.93 -56.09
N LEU A 130 -48.29 9.88 -55.26
CA LEU A 130 -49.48 9.12 -54.89
C LEU A 130 -50.40 9.94 -53.99
N LEU A 131 -49.85 10.60 -52.99
CA LEU A 131 -50.68 11.41 -52.11
C LEU A 131 -51.40 12.50 -52.90
N ALA A 132 -50.73 13.07 -53.91
CA ALA A 132 -51.41 14.01 -54.79
C ALA A 132 -52.60 13.37 -55.48
N LYS A 133 -52.47 12.10 -55.89
CA LYS A 133 -53.57 11.42 -56.56
C LYS A 133 -54.72 11.17 -55.59
N GLN A 134 -54.40 10.70 -54.37
CA GLN A 134 -55.45 10.43 -53.39
C GLN A 134 -56.22 11.70 -53.06
N PHE A 135 -55.49 12.82 -52.92
CA PHE A 135 -56.08 14.10 -52.55
C PHE A 135 -56.54 14.89 -53.76
N CYS A 136 -56.53 14.29 -54.94
CA CYS A 136 -57.08 14.94 -56.13
C CYS A 136 -57.58 13.91 -57.14
N THR A 144 -62.58 10.39 -45.08
CA THR A 144 -61.87 11.52 -44.50
C THR A 144 -60.68 11.05 -43.66
N THR A 145 -59.73 11.94 -43.40
CA THR A 145 -58.54 11.59 -42.62
C THR A 145 -58.04 12.80 -41.84
N VAL A 146 -57.56 12.54 -40.62
CA VAL A 146 -56.95 13.56 -39.78
C VAL A 146 -55.46 13.27 -39.70
N LEU A 147 -54.65 14.23 -40.13
CA LEU A 147 -53.21 14.09 -40.17
C LEU A 147 -52.57 15.06 -39.18
N LEU A 148 -51.87 14.51 -38.20
CA LEU A 148 -51.14 15.31 -37.21
C LEU A 148 -49.67 15.34 -37.63
N VAL A 149 -49.16 16.54 -37.88
CA VAL A 149 -47.75 16.75 -38.15
C VAL A 149 -47.19 17.51 -36.95
N ASP A 150 -46.44 16.81 -36.11
CA ASP A 150 -45.92 17.40 -34.89
C ASP A 150 -44.53 17.95 -35.18
N GLU A 151 -44.35 19.24 -34.88
CA GLU A 151 -43.07 19.91 -35.09
C GLU A 151 -42.64 19.79 -36.55
N LEU A 152 -43.38 20.48 -37.41
CA LEU A 152 -43.01 20.57 -38.81
C LEU A 152 -41.95 21.64 -39.04
N ASP A 153 -41.51 22.32 -37.97
CA ASP A 153 -40.34 23.18 -38.06
C ASP A 153 -39.18 22.45 -38.71
N LEU A 154 -39.14 21.11 -38.57
CA LEU A 154 -38.06 20.30 -39.14
C LEU A 154 -38.25 20.01 -40.61
N LEU A 155 -39.44 20.26 -41.16
CA LEU A 155 -39.70 20.10 -42.57
C LEU A 155 -39.33 21.34 -43.39
N TRP A 156 -38.75 22.35 -42.75
CA TRP A 156 -38.23 23.48 -43.50
C TRP A 156 -37.15 23.01 -44.47
N THR A 157 -37.25 23.48 -45.71
CA THR A 157 -36.25 23.19 -46.73
C THR A 157 -36.12 24.44 -47.60
N HIS A 158 -35.00 24.51 -48.35
CA HIS A 158 -34.76 25.69 -49.17
C HIS A 158 -35.98 26.05 -50.01
N LYS A 159 -36.56 25.06 -50.72
CA LYS A 159 -37.70 25.31 -51.58
C LYS A 159 -39.05 25.07 -50.91
N GLN A 160 -39.07 24.50 -49.69
CA GLN A 160 -40.29 24.40 -48.88
C GLN A 160 -41.44 23.72 -49.63
N ASP A 161 -41.13 22.81 -50.55
CA ASP A 161 -42.20 22.17 -51.32
C ASP A 161 -43.11 21.35 -50.42
N ILE A 162 -42.57 20.76 -49.35
CA ILE A 162 -43.37 19.82 -48.57
C ILE A 162 -44.42 20.56 -47.75
N MET A 163 -44.03 21.67 -47.12
CA MET A 163 -45.02 22.50 -46.45
C MET A 163 -46.10 22.95 -47.43
N TYR A 164 -45.68 23.53 -48.56
CA TYR A 164 -46.65 23.97 -49.57
C TYR A 164 -47.60 22.85 -49.93
N ASN A 165 -47.12 21.60 -49.95
CA ASN A 165 -47.99 20.49 -50.31
C ASN A 165 -48.93 20.12 -49.16
N LEU A 166 -48.42 20.02 -47.94
CA LEU A 166 -49.28 19.65 -46.82
C LEU A 166 -50.39 20.67 -46.61
N PHE A 167 -50.08 21.96 -46.79
CA PHE A 167 -51.10 22.99 -46.63
C PHE A 167 -51.96 23.14 -47.87
N ASP A 168 -51.46 22.75 -49.04
CA ASP A 168 -52.27 22.87 -50.25
C ASP A 168 -53.26 21.71 -50.37
N TRP A 169 -52.85 20.51 -49.95
CA TRP A 169 -53.70 19.33 -50.09
C TRP A 169 -55.07 19.50 -49.46
N PRO A 170 -55.21 19.94 -48.20
CA PRO A 170 -56.55 20.01 -47.60
C PRO A 170 -57.49 20.96 -48.33
N THR A 171 -56.97 21.90 -49.11
CA THR A 171 -57.81 22.88 -49.80
C THR A 171 -58.31 22.39 -51.15
N HIS A 172 -57.93 21.18 -51.56
CA HIS A 172 -58.45 20.62 -52.80
C HIS A 172 -59.89 20.16 -52.63
N LYS A 173 -60.66 20.26 -53.71
CA LYS A 173 -62.06 19.84 -53.68
C LYS A 173 -62.18 18.37 -53.32
N GLU A 174 -61.53 17.49 -54.10
CA GLU A 174 -61.65 16.06 -53.87
C GLU A 174 -60.94 15.61 -52.60
N ALA A 175 -60.05 16.43 -52.05
CA ALA A 175 -59.31 16.06 -50.85
C ALA A 175 -60.19 16.30 -49.63
N ARG A 176 -60.45 15.24 -48.87
CA ARG A 176 -61.00 15.39 -47.53
C ARG A 176 -59.85 15.05 -46.59
N LEU A 177 -59.24 16.08 -46.04
CA LEU A 177 -58.09 15.93 -45.15
C LEU A 177 -58.10 17.06 -44.14
N VAL A 178 -57.89 16.72 -42.87
CA VAL A 178 -57.75 17.71 -41.81
C VAL A 178 -56.34 17.60 -41.28
N VAL A 179 -55.66 18.75 -41.20
CA VAL A 179 -54.24 18.81 -40.85
C VAL A 179 -54.10 19.58 -39.55
N LEU A 180 -53.33 19.01 -38.62
CA LEU A 180 -53.00 19.66 -37.36
C LEU A 180 -51.48 19.79 -37.30
N ALA A 181 -51.00 21.02 -37.37
CA ALA A 181 -49.56 21.30 -37.45
C ALA A 181 -49.11 21.94 -36.16
N ILE A 182 -48.17 21.30 -35.47
CA ILE A 182 -47.65 21.80 -34.20
C ILE A 182 -46.22 22.29 -34.41
N ALA A 183 -45.90 23.42 -33.80
CA ALA A 183 -44.54 23.92 -33.74
C ALA A 183 -44.47 24.95 -32.63
N ASN A 184 -43.26 25.46 -32.37
CA ASN A 184 -43.04 26.31 -31.21
C ASN A 184 -43.12 27.81 -31.49
N THR A 185 -43.17 28.24 -32.74
CA THR A 185 -43.10 29.66 -33.07
C THR A 185 -44.35 30.09 -33.83
N MET A 186 -44.76 31.34 -33.61
CA MET A 186 -45.94 31.86 -34.30
C MET A 186 -45.62 32.32 -35.71
N ASP A 187 -44.36 32.60 -36.02
CA ASP A 187 -44.00 33.14 -37.33
C ASP A 187 -43.89 32.07 -38.40
N LEU A 188 -43.87 30.79 -38.05
CA LEU A 188 -43.62 29.74 -39.03
C LEU A 188 -44.57 29.81 -40.22
N PRO A 189 -45.89 29.83 -40.06
CA PRO A 189 -46.77 29.87 -41.24
C PRO A 189 -46.59 31.12 -42.09
N GLU A 190 -45.97 32.17 -41.54
CA GLU A 190 -45.75 33.41 -42.29
C GLU A 190 -44.50 33.34 -43.18
N ARG A 191 -43.79 32.22 -43.17
CA ARG A 191 -42.56 32.09 -43.95
C ARG A 191 -42.65 30.89 -44.89
N THR A 204 -57.59 29.80 -39.03
CA THR A 204 -56.86 28.57 -39.31
C THR A 204 -55.59 28.48 -38.46
N ARG A 205 -55.64 28.99 -37.24
CA ARG A 205 -54.45 29.07 -36.40
C ARG A 205 -54.85 29.09 -34.93
N MET A 206 -53.89 28.69 -34.08
CA MET A 206 -54.10 28.59 -32.64
C MET A 206 -52.76 28.72 -31.92
N CYS A 207 -52.83 29.13 -30.65
CA CYS A 207 -51.63 29.31 -29.82
C CYS A 207 -51.87 28.87 -28.39
N PHE A 208 -50.86 28.21 -27.81
CA PHE A 208 -50.85 27.79 -26.41
C PHE A 208 -49.91 28.70 -25.63
N GLN A 209 -50.45 29.42 -24.65
CA GLN A 209 -49.61 30.31 -23.86
C GLN A 209 -48.81 29.53 -22.83
N PRO A 210 -47.67 30.06 -22.39
CA PRO A 210 -46.94 29.43 -21.29
C PRO A 210 -47.78 29.32 -20.03
N TYR A 211 -47.43 28.37 -19.19
CA TYR A 211 -48.20 28.08 -17.97
C TYR A 211 -47.94 29.10 -16.87
N THR A 212 -49.01 29.47 -16.17
CA THR A 212 -48.96 30.50 -15.16
C THR A 212 -48.70 29.92 -13.77
N TYR A 213 -48.60 30.81 -12.79
CA TYR A 213 -48.43 30.40 -11.40
C TYR A 213 -49.49 29.37 -11.02
N SER A 214 -50.76 29.70 -11.23
CA SER A 214 -51.85 28.82 -10.81
C SER A 214 -51.95 27.58 -11.70
N GLN A 215 -51.68 27.73 -12.99
CA GLN A 215 -51.81 26.59 -13.89
C GLN A 215 -50.82 25.49 -13.55
N LEU A 216 -49.57 25.87 -13.26
CA LEU A 216 -48.59 24.87 -12.86
C LEU A 216 -48.93 24.30 -11.50
N GLN A 217 -49.23 25.17 -10.54
CA GLN A 217 -49.67 24.71 -9.22
C GLN A 217 -50.80 23.69 -9.34
N GLN A 218 -51.69 23.89 -10.31
CA GLN A 218 -52.81 22.98 -10.52
C GLN A 218 -52.33 21.59 -10.91
N ILE A 219 -51.42 21.49 -11.89
CA ILE A 219 -51.06 20.20 -12.45
C ILE A 219 -50.42 19.32 -11.38
N LEU A 220 -49.58 19.89 -10.52
CA LEU A 220 -48.90 19.09 -9.51
C LEU A 220 -49.90 18.51 -8.53
N ARG A 221 -50.67 19.37 -7.86
CA ARG A 221 -51.68 18.85 -6.95
C ARG A 221 -52.74 18.08 -7.71
N SER A 222 -52.86 18.31 -9.02
CA SER A 222 -53.89 17.64 -9.80
C SER A 222 -53.74 16.13 -9.70
N ARG A 223 -52.52 15.61 -9.83
CA ARG A 223 -52.21 14.31 -9.24
C ARG A 223 -51.15 14.50 -8.18
N LEU A 224 -51.58 14.78 -6.95
CA LEU A 224 -50.95 14.29 -5.73
C LEU A 224 -51.87 13.35 -4.96
N LYS A 225 -53.00 12.96 -5.56
CA LYS A 225 -54.13 12.44 -4.80
C LYS A 225 -53.73 11.42 -3.75
N HIS A 226 -52.58 10.76 -3.92
CA HIS A 226 -52.04 9.98 -2.82
C HIS A 226 -52.04 10.78 -1.53
N LEU A 227 -51.62 12.05 -1.61
CA LEU A 227 -51.75 13.01 -0.52
C LEU A 227 -52.72 14.09 -0.97
N LYS A 228 -53.93 14.09 -0.41
CA LYS A 228 -54.94 15.07 -0.77
C LYS A 228 -54.97 16.21 0.24
N ILE A 235 -47.60 18.75 2.30
CA ILE A 235 -46.65 18.57 1.21
C ILE A 235 -46.93 19.60 0.11
N GLN A 236 -48.03 20.33 0.24
CA GLN A 236 -48.51 21.22 -0.81
C GLN A 236 -48.06 22.67 -0.66
N LEU A 237 -47.27 22.98 0.37
CA LEU A 237 -46.57 24.27 0.35
C LEU A 237 -45.53 24.31 -0.76
N VAL A 238 -45.06 23.14 -1.18
CA VAL A 238 -44.04 23.04 -2.22
C VAL A 238 -44.66 23.29 -3.58
N ALA A 239 -45.77 22.63 -3.88
CA ALA A 239 -46.33 22.67 -5.22
C ALA A 239 -46.45 24.10 -5.72
N ARG A 240 -46.75 25.04 -4.83
CA ARG A 240 -46.82 26.44 -5.21
C ARG A 240 -45.43 27.08 -5.25
N LYS A 241 -44.50 26.62 -4.41
CA LYS A 241 -43.14 27.14 -4.46
C LYS A 241 -42.50 26.90 -5.81
N VAL A 242 -42.43 25.64 -6.23
CA VAL A 242 -41.90 25.30 -7.54
C VAL A 242 -42.69 25.97 -8.66
N ALA A 243 -43.95 26.33 -8.39
CA ALA A 243 -44.86 26.80 -9.43
C ALA A 243 -44.46 28.14 -10.04
N ALA A 244 -43.49 28.86 -9.49
CA ALA A 244 -43.09 30.13 -10.10
C ALA A 244 -41.98 29.81 -11.08
N LEU A 245 -42.32 29.79 -12.37
CA LEU A 245 -41.39 29.34 -13.40
C LEU A 245 -41.73 29.97 -14.74
N SER A 246 -40.88 29.67 -15.73
CA SER A 246 -41.01 30.17 -17.08
C SER A 246 -40.62 29.09 -18.10
N GLY A 247 -41.54 28.62 -18.95
CA GLY A 247 -42.94 28.42 -18.64
C GLY A 247 -43.32 26.94 -18.73
N ASP A 248 -42.33 26.06 -18.88
CA ASP A 248 -42.59 24.66 -19.20
C ASP A 248 -43.31 23.92 -18.08
N ALA A 249 -44.09 22.91 -18.47
CA ALA A 249 -44.68 22.00 -17.50
C ALA A 249 -43.70 20.92 -17.07
N ARG A 250 -42.87 20.41 -18.00
CA ARG A 250 -41.93 19.37 -17.64
C ARG A 250 -41.01 19.80 -16.49
N ARG A 251 -40.67 21.09 -16.44
CA ARG A 251 -39.83 21.58 -15.35
C ARG A 251 -40.44 21.22 -14.00
N CYS A 252 -41.74 21.46 -13.83
CA CYS A 252 -42.40 21.20 -12.57
C CYS A 252 -42.27 19.74 -12.16
N LEU A 253 -42.75 18.84 -13.01
CA LEU A 253 -42.76 17.43 -12.64
C LEU A 253 -41.34 16.90 -12.40
N ASP A 254 -40.38 17.31 -13.23
CA ASP A 254 -39.00 16.86 -13.04
C ASP A 254 -38.37 17.49 -11.80
N ILE A 255 -38.66 18.76 -11.54
CA ILE A 255 -38.12 19.41 -10.34
C ILE A 255 -38.63 18.72 -9.09
N CYS A 256 -39.96 18.67 -8.94
CA CYS A 256 -40.53 18.10 -7.72
C CYS A 256 -40.16 16.63 -7.56
N ARG A 257 -40.02 15.91 -8.68
CA ARG A 257 -39.55 14.54 -8.61
C ARG A 257 -38.15 14.48 -7.99
N ARG A 258 -37.31 15.47 -8.31
CA ARG A 258 -35.99 15.54 -7.67
C ARG A 258 -36.11 15.92 -6.21
N ALA A 259 -37.06 16.80 -5.86
CA ALA A 259 -37.25 17.18 -4.47
C ALA A 259 -37.52 15.96 -3.60
N THR A 260 -38.40 15.07 -4.07
CA THR A 260 -38.65 13.84 -3.33
C THR A 260 -37.37 13.02 -3.18
N GLU A 261 -36.51 13.04 -4.20
CA GLU A 261 -35.22 12.36 -4.07
C GLU A 261 -34.38 12.98 -2.97
N ILE A 262 -34.48 14.30 -2.79
CA ILE A 262 -33.76 14.96 -1.71
C ILE A 262 -34.34 14.55 -0.36
N CYS A 263 -35.68 14.55 -0.25
CA CYS A 263 -36.33 14.22 1.01
C CYS A 263 -35.91 12.84 1.51
N GLU A 264 -36.14 11.80 0.71
CA GLU A 264 -35.82 10.45 1.14
C GLU A 264 -34.37 10.33 1.56
N PHE A 265 -33.44 10.76 0.71
CA PHE A 265 -32.02 10.68 1.03
C PHE A 265 -31.48 12.02 1.52
N VAL A 276 -42.56 16.32 2.07
CA VAL A 276 -41.65 17.20 1.34
C VAL A 276 -41.95 18.64 1.72
N THR A 277 -40.90 19.36 2.15
CA THR A 277 -41.04 20.72 2.63
C THR A 277 -40.54 21.70 1.56
N ILE A 278 -40.67 22.99 1.85
CA ILE A 278 -40.21 24.00 0.90
C ILE A 278 -38.69 24.00 0.82
N ALA A 279 -38.02 23.75 1.94
CA ALA A 279 -36.56 23.70 1.93
C ALA A 279 -36.07 22.65 0.93
N HIS A 280 -36.78 21.52 0.84
CA HIS A 280 -36.37 20.47 -0.10
C HIS A 280 -36.47 20.94 -1.54
N SER A 281 -37.47 21.78 -1.85
CA SER A 281 -37.65 22.25 -3.23
C SER A 281 -36.70 23.38 -3.57
N MET A 282 -36.39 24.26 -2.61
CA MET A 282 -35.35 25.25 -2.85
C MET A 282 -34.03 24.56 -3.19
N GLU A 283 -33.67 23.53 -2.43
CA GLU A 283 -32.49 22.73 -2.75
C GLU A 283 -32.62 22.12 -4.14
N ALA A 284 -33.81 21.61 -4.48
CA ALA A 284 -33.99 20.99 -5.80
C ALA A 284 -33.74 21.99 -6.91
N VAL A 285 -34.31 23.20 -6.79
CA VAL A 285 -34.15 24.20 -7.84
C VAL A 285 -32.70 24.69 -7.90
N ASP A 286 -32.07 24.87 -6.74
CA ASP A 286 -30.69 25.34 -6.71
C ASP A 286 -29.72 24.31 -7.27
N GLU A 287 -30.12 23.03 -7.35
CA GLU A 287 -29.31 22.03 -8.03
C GLU A 287 -29.55 22.01 -9.52
N MET A 288 -30.54 22.75 -10.01
CA MET A 288 -30.90 22.72 -11.43
C MET A 288 -30.67 24.08 -12.08
N PHE A 289 -31.52 25.07 -11.80
CA PHE A 289 -31.45 26.35 -12.50
C PHE A 289 -30.25 27.19 -12.10
N SER A 290 -29.52 26.81 -11.05
CA SER A 290 -28.38 27.60 -10.59
C SER A 290 -27.31 27.67 -11.68
N SER A 291 -26.89 28.89 -11.99
CA SER A 291 -25.85 29.09 -12.99
C SER A 291 -24.53 28.52 -12.49
N SER A 292 -23.91 27.67 -13.31
CA SER A 292 -22.65 27.05 -12.96
C SER A 292 -21.45 27.95 -13.19
N TYR A 293 -21.60 29.00 -14.01
CA TYR A 293 -20.47 29.87 -14.34
C TYR A 293 -19.83 30.44 -13.07
N ILE A 294 -20.64 31.08 -12.22
CA ILE A 294 -20.10 31.71 -11.02
C ILE A 294 -19.45 30.68 -10.11
N THR A 295 -19.99 29.45 -10.08
CA THR A 295 -19.36 28.38 -9.33
C THR A 295 -17.96 28.09 -9.82
N ALA A 296 -17.79 28.01 -11.14
CA ALA A 296 -16.50 27.61 -11.71
C ALA A 296 -15.44 28.67 -11.46
N ILE A 297 -15.83 29.95 -11.53
CA ILE A 297 -14.87 31.02 -11.31
C ILE A 297 -14.35 30.98 -9.88
N LYS A 298 -15.21 30.58 -8.93
CA LYS A 298 -14.79 30.50 -7.53
C LYS A 298 -13.84 29.35 -7.30
N ASN A 299 -14.04 28.24 -8.01
CA ASN A 299 -13.20 27.05 -7.86
C ASN A 299 -11.99 27.07 -8.79
N SER A 300 -11.87 28.07 -9.66
CA SER A 300 -10.75 28.13 -10.58
C SER A 300 -9.44 28.30 -9.82
N SER A 301 -8.36 27.89 -10.45
CA SER A 301 -7.05 27.94 -9.81
C SER A 301 -6.58 29.38 -9.68
N VAL A 302 -5.42 29.54 -9.06
CA VAL A 302 -4.88 30.88 -8.79
C VAL A 302 -4.61 31.61 -10.10
N LEU A 303 -3.78 31.03 -10.95
CA LEU A 303 -3.40 31.72 -12.18
C LEU A 303 -4.61 31.89 -13.10
N GLU A 304 -5.59 30.99 -13.02
CA GLU A 304 -6.80 31.15 -13.82
C GLU A 304 -7.54 32.42 -13.45
N GLN A 305 -7.66 32.72 -12.15
CA GLN A 305 -8.31 33.95 -11.74
C GLN A 305 -7.50 35.18 -12.17
N SER A 306 -6.19 35.14 -11.98
CA SER A 306 -5.35 36.27 -12.40
C SER A 306 -5.48 36.53 -13.89
N PHE A 307 -5.72 35.49 -14.68
CA PHE A 307 -5.95 35.67 -16.10
C PHE A 307 -7.26 36.38 -16.37
N LEU A 308 -8.30 36.06 -15.58
CA LEU A 308 -9.57 36.79 -15.70
C LEU A 308 -9.40 38.24 -15.28
N ARG A 309 -8.72 38.47 -14.16
CA ARG A 309 -8.38 39.84 -13.78
C ARG A 309 -7.63 40.54 -14.89
N ALA A 310 -6.71 39.83 -15.55
CA ALA A 310 -6.01 40.40 -16.70
C ALA A 310 -6.98 40.81 -17.79
N ILE A 311 -7.94 39.93 -18.11
CA ILE A 311 -8.96 40.28 -19.09
C ILE A 311 -9.70 41.54 -18.68
N LEU A 312 -10.23 41.54 -17.45
CA LEU A 312 -10.98 42.69 -16.98
C LEU A 312 -10.13 43.95 -17.00
N ALA A 313 -8.83 43.84 -16.75
CA ALA A 313 -7.97 45.01 -16.82
C ALA A 313 -7.89 45.55 -18.24
N GLU A 314 -7.62 44.67 -19.21
CA GLU A 314 -7.57 45.10 -20.60
C GLU A 314 -8.89 45.70 -21.05
N PHE A 315 -10.01 45.08 -20.67
CA PHE A 315 -11.31 45.59 -21.07
C PHE A 315 -11.54 46.97 -20.48
N ARG A 316 -11.24 47.16 -19.20
CA ARG A 316 -11.43 48.46 -18.58
C ARG A 316 -10.55 49.51 -19.23
N ARG A 317 -9.42 49.10 -19.82
CA ARG A 317 -8.61 50.04 -20.58
C ARG A 317 -9.26 50.38 -21.92
N SER A 318 -9.58 49.35 -22.71
CA SER A 318 -10.15 49.60 -24.03
C SER A 318 -11.64 49.90 -23.97
N GLY A 319 -12.38 49.17 -23.14
CA GLY A 319 -13.82 49.29 -23.09
C GLY A 319 -14.56 48.42 -24.09
N LEU A 320 -13.85 47.58 -24.85
CA LEU A 320 -14.47 46.73 -25.84
C LEU A 320 -14.71 45.32 -25.28
N GLU A 321 -15.35 44.48 -26.08
CA GLU A 321 -15.63 43.10 -25.72
C GLU A 321 -14.59 42.13 -26.25
N GLU A 322 -13.62 42.59 -27.04
CA GLU A 322 -12.57 41.75 -27.58
C GLU A 322 -11.20 42.27 -27.18
N ALA A 323 -10.26 41.35 -27.04
CA ALA A 323 -8.86 41.69 -26.83
C ALA A 323 -8.02 40.52 -27.26
N THR A 324 -6.75 40.79 -27.55
CA THR A 324 -5.87 39.76 -28.08
C THR A 324 -5.06 39.13 -26.95
N PHE A 325 -4.82 37.82 -27.06
CA PHE A 325 -4.05 37.12 -26.04
C PHE A 325 -2.77 37.87 -25.71
N GLN A 326 -2.20 38.55 -26.69
CA GLN A 326 -1.00 39.33 -26.44
C GLN A 326 -1.26 40.45 -25.43
N GLN A 327 -2.33 41.22 -25.64
CA GLN A 327 -2.65 42.30 -24.70
C GLN A 327 -3.00 41.74 -23.33
N ILE A 328 -3.91 40.76 -23.29
CA ILE A 328 -4.25 40.11 -22.03
C ILE A 328 -3.00 39.58 -21.36
N TYR A 329 -2.04 39.10 -22.16
CA TYR A 329 -0.83 38.53 -21.60
C TYR A 329 -0.03 39.59 -20.84
N SER A 330 0.07 40.80 -21.40
CA SER A 330 0.77 41.87 -20.72
C SER A 330 0.14 42.16 -19.36
N GLN A 331 -1.19 42.23 -19.30
CA GLN A 331 -1.88 42.44 -18.04
C GLN A 331 -1.59 41.30 -17.08
N HIS A 332 -1.73 40.05 -17.54
CA HIS A 332 -1.50 38.90 -16.69
C HIS A 332 -0.09 38.93 -16.09
N VAL A 333 0.90 39.36 -16.87
CA VAL A 333 2.25 39.50 -16.35
C VAL A 333 2.27 40.50 -15.20
N ALA A 334 1.64 41.65 -15.39
CA ALA A 334 1.61 42.67 -14.36
C ALA A 334 1.05 42.12 -13.05
N LEU A 335 -0.07 41.40 -13.12
CA LEU A 335 -0.71 40.90 -11.90
C LEU A 335 0.17 39.84 -11.22
N CYS A 336 0.71 38.90 -11.99
CA CYS A 336 1.57 37.88 -11.41
C CYS A 336 2.80 38.51 -10.76
N ARG A 337 3.25 39.66 -11.28
CA ARG A 337 4.33 40.39 -10.65
C ARG A 337 3.90 40.96 -9.31
N MET A 338 2.67 41.46 -9.23
CA MET A 338 2.18 42.12 -8.02
C MET A 338 1.73 41.14 -6.95
N GLU A 339 1.39 39.91 -7.33
CA GLU A 339 0.96 38.89 -6.38
C GLU A 339 2.11 38.04 -5.85
N GLY A 340 3.35 38.33 -6.25
CA GLY A 340 4.47 37.53 -5.84
C GLY A 340 4.59 36.21 -6.56
N LEU A 341 3.79 36.00 -7.61
CA LEU A 341 3.80 34.76 -8.36
C LEU A 341 5.01 34.70 -9.28
N PRO A 342 5.34 33.50 -9.78
CA PRO A 342 6.39 33.40 -10.79
C PRO A 342 5.93 33.96 -12.12
N TYR A 343 6.89 34.23 -12.98
CA TYR A 343 6.58 34.78 -14.29
C TYR A 343 5.63 33.83 -15.02
N PRO A 344 4.62 34.35 -15.71
CA PRO A 344 3.69 33.48 -16.45
C PRO A 344 4.25 33.05 -17.80
N THR A 345 5.02 31.97 -17.82
CA THR A 345 5.55 31.43 -19.06
C THR A 345 4.44 31.29 -20.09
N MET A 346 4.70 31.77 -21.31
CA MET A 346 3.65 31.84 -22.32
C MET A 346 3.07 30.47 -22.64
N SER A 347 3.89 29.41 -22.52
CA SER A 347 3.35 28.07 -22.69
C SER A 347 2.30 27.76 -21.63
N GLU A 348 2.60 28.12 -20.37
CA GLU A 348 1.61 28.01 -19.29
C GLU A 348 0.37 28.82 -19.61
N THR A 349 0.56 30.12 -19.86
CA THR A 349 -0.58 31.01 -20.06
C THR A 349 -1.48 30.54 -21.19
N MET A 350 -0.90 29.91 -22.20
CA MET A 350 -1.71 29.32 -23.27
C MET A 350 -2.53 28.17 -22.74
N ALA A 351 -1.94 27.34 -21.87
CA ALA A 351 -2.70 26.28 -21.23
C ALA A 351 -3.87 26.85 -20.45
N VAL A 352 -3.59 27.81 -19.55
CA VAL A 352 -4.64 28.44 -18.76
C VAL A 352 -5.75 28.94 -19.65
N CYS A 353 -5.39 29.76 -20.65
CA CYS A 353 -6.40 30.34 -21.52
C CYS A 353 -7.22 29.26 -22.22
N SER A 354 -6.66 28.06 -22.37
CA SER A 354 -7.44 26.96 -22.93
C SER A 354 -8.33 26.31 -21.88
N HIS A 355 -7.85 26.19 -20.64
CA HIS A 355 -8.69 25.71 -19.56
C HIS A 355 -9.97 26.53 -19.48
N LEU A 356 -9.84 27.85 -19.59
CA LEU A 356 -11.00 28.72 -19.48
C LEU A 356 -11.82 28.77 -20.76
N GLY A 357 -11.27 28.31 -21.88
CA GLY A 357 -12.01 28.27 -23.13
C GLY A 357 -12.64 26.93 -23.37
N SER A 358 -12.16 25.91 -22.67
CA SER A 358 -12.74 24.58 -22.78
C SER A 358 -14.08 24.50 -22.04
N CYS A 359 -14.16 25.13 -20.87
CA CYS A 359 -15.37 25.18 -20.07
C CYS A 359 -16.32 26.30 -20.49
N ARG A 360 -15.98 27.03 -21.54
CA ARG A 360 -16.79 28.12 -22.10
C ARG A 360 -16.93 29.31 -21.15
N LEU A 361 -16.00 29.48 -20.21
CA LEU A 361 -15.92 30.78 -19.54
C LEU A 361 -15.42 31.85 -20.50
N LEU A 362 -14.61 31.44 -21.47
CA LEU A 362 -14.09 32.34 -22.49
C LEU A 362 -14.47 31.83 -23.87
N LEU A 363 -14.53 32.77 -24.81
CA LEU A 363 -14.67 32.45 -26.23
C LEU A 363 -13.38 32.87 -26.91
N VAL A 364 -12.59 31.88 -27.33
CA VAL A 364 -11.23 32.10 -27.79
C VAL A 364 -11.10 31.60 -29.22
N GLU A 365 -10.31 32.33 -30.00
CA GLU A 365 -10.00 31.92 -31.36
C GLU A 365 -9.16 30.64 -31.33
N PRO A 366 -9.06 29.94 -32.45
CA PRO A 366 -8.29 28.69 -32.45
C PRO A 366 -6.85 28.92 -32.06
N SER A 367 -6.29 27.94 -31.33
CA SER A 367 -4.97 28.09 -30.71
C SER A 367 -3.85 28.32 -31.73
N ARG A 368 -4.07 28.01 -33.01
CA ARG A 368 -3.02 28.18 -34.01
C ARG A 368 -2.56 29.63 -34.07
N ASN A 369 -3.46 30.59 -33.83
CA ASN A 369 -3.14 31.99 -34.04
C ASN A 369 -2.15 32.54 -33.02
N ASP A 370 -1.85 31.78 -31.97
CA ASP A 370 -0.77 32.09 -31.01
C ASP A 370 -1.05 33.47 -30.40
N LEU A 371 -0.16 34.45 -30.52
CA LEU A 371 -0.38 35.73 -29.86
C LEU A 371 -1.56 36.52 -30.40
N LEU A 372 -2.11 36.13 -31.55
CA LEU A 372 -3.19 36.87 -32.19
C LEU A 372 -4.57 36.33 -31.82
N LEU A 373 -4.66 35.38 -30.90
CA LEU A 373 -5.96 34.97 -30.38
C LEU A 373 -6.75 36.18 -29.92
N ARG A 374 -7.98 36.28 -30.39
CA ARG A 374 -8.92 37.27 -29.88
C ARG A 374 -9.82 36.60 -28.85
N VAL A 375 -10.01 37.25 -27.72
CA VAL A 375 -10.63 36.65 -26.53
C VAL A 375 -11.85 37.46 -26.13
N ARG A 376 -13.01 36.79 -26.05
CA ARG A 376 -14.23 37.38 -25.55
C ARG A 376 -14.67 36.65 -24.29
N LEU A 377 -15.33 37.39 -23.39
CA LEU A 377 -15.90 36.80 -22.20
C LEU A 377 -17.26 36.18 -22.52
N ASN A 378 -17.44 34.93 -22.10
CA ASN A 378 -18.75 34.30 -22.18
C ASN A 378 -19.60 34.60 -20.96
N VAL A 379 -19.09 35.43 -20.04
CA VAL A 379 -19.81 35.81 -18.83
C VAL A 379 -19.66 37.31 -18.67
N SER A 380 -20.75 37.97 -18.26
CA SER A 380 -20.74 39.42 -18.10
C SER A 380 -19.71 39.85 -17.06
N GLN A 381 -19.08 41.00 -17.30
CA GLN A 381 -18.04 41.48 -16.39
C GLN A 381 -18.56 41.58 -14.96
N ASP A 382 -19.81 42.03 -14.78
CA ASP A 382 -20.37 42.14 -13.44
C ASP A 382 -20.39 40.79 -12.74
N ASP A 383 -20.68 39.72 -13.49
CA ASP A 383 -20.70 38.40 -12.89
C ASP A 383 -19.32 37.98 -12.41
N VAL A 384 -18.30 38.23 -13.22
CA VAL A 384 -16.93 37.84 -12.87
C VAL A 384 -16.48 38.59 -11.62
N LEU A 385 -16.62 39.91 -11.63
CA LEU A 385 -16.24 40.69 -10.46
C LEU A 385 -16.91 40.16 -9.20
N TYR A 386 -18.17 39.74 -9.32
CA TYR A 386 -18.88 39.18 -8.17
C TYR A 386 -18.29 37.84 -7.75
N ALA A 387 -17.76 37.06 -8.70
CA ALA A 387 -17.21 35.76 -8.37
C ALA A 387 -15.83 35.91 -7.74
N LEU A 388 -15.04 36.88 -8.20
CA LEU A 388 -13.71 37.08 -7.67
C LEU A 388 -13.73 37.85 -6.36
N LYS A 389 -14.66 38.79 -6.21
CA LYS A 389 -14.68 39.72 -5.09
C LYS A 389 -15.53 39.26 -3.92
N ASP A 390 -16.26 38.15 -4.05
CA ASP A 390 -17.12 37.70 -2.95
C ASP A 390 -16.33 37.37 -1.71
N GLU A 391 -15.01 37.24 -1.81
CA GLU A 391 -14.16 36.88 -0.69
C GLU A 391 -12.87 37.68 -0.73
N LEU B 17 10.87 -5.10 -6.26
CA LEU B 17 11.10 -5.18 -7.70
C LEU B 17 10.43 -4.00 -8.41
N SER B 18 10.30 -4.13 -9.73
CA SER B 18 9.56 -3.17 -10.56
C SER B 18 8.06 -3.25 -10.31
N GLN B 19 7.62 -4.15 -9.44
CA GLN B 19 6.20 -4.28 -9.11
C GLN B 19 5.60 -2.92 -8.81
N VAL B 20 6.39 -1.99 -8.26
CA VAL B 20 5.93 -0.63 -8.06
C VAL B 20 5.46 -0.03 -9.38
N GLN B 21 6.31 -0.08 -10.41
CA GLN B 21 6.02 0.55 -11.69
C GLN B 21 4.71 0.02 -12.28
N ARG B 22 4.57 -1.30 -12.37
CA ARG B 22 3.38 -1.88 -12.98
C ARG B 22 2.10 -1.32 -12.39
N ILE B 23 2.13 -0.99 -11.09
CA ILE B 23 0.94 -0.54 -10.37
C ILE B 23 0.66 0.93 -10.68
N LEU B 24 1.60 1.80 -10.34
CA LEU B 24 1.42 3.23 -10.54
C LEU B 24 1.18 3.56 -12.01
N ARG B 25 1.68 2.74 -12.93
CA ARG B 25 1.51 3.03 -14.35
C ARG B 25 0.07 2.81 -14.79
N GLU B 26 -0.58 1.75 -14.29
CA GLU B 26 -2.02 1.60 -14.53
C GLU B 26 -2.83 2.65 -13.78
N ARG B 27 -2.27 3.22 -12.72
CA ARG B 27 -2.96 4.29 -12.00
C ARG B 27 -2.74 5.65 -12.65
N PHE B 28 -1.49 5.96 -13.01
CA PHE B 28 -1.18 7.28 -13.54
C PHE B 28 -1.52 7.41 -15.03
N CYS B 29 -1.07 6.44 -15.84
CA CYS B 29 -1.21 6.56 -17.29
C CYS B 29 -2.60 6.10 -17.73
N ARG B 30 -2.85 4.79 -17.67
CA ARG B 30 -4.22 4.32 -17.73
C ARG B 30 -4.94 4.76 -16.46
N GLN B 31 -6.26 4.88 -16.55
CA GLN B 31 -7.07 5.42 -15.47
C GLN B 31 -7.59 4.26 -14.64
N SER B 32 -7.10 4.14 -13.40
CA SER B 32 -7.38 2.99 -12.57
C SER B 32 -8.86 2.91 -12.23
N PRO B 33 -9.57 1.87 -12.66
CA PRO B 33 -10.99 1.75 -12.30
C PRO B 33 -11.25 1.84 -10.80
N HIS B 34 -10.33 1.36 -9.97
CA HIS B 34 -10.46 1.47 -8.53
C HIS B 34 -9.37 2.40 -8.00
N SER B 35 -9.79 3.41 -7.26
CA SER B 35 -8.89 4.34 -6.60
C SER B 35 -9.70 5.07 -5.52
N ASN B 36 -9.08 6.04 -4.87
CA ASN B 36 -9.79 6.83 -3.87
C ASN B 36 -10.57 7.95 -4.56
N LEU B 37 -11.83 8.10 -4.18
CA LEU B 37 -12.71 9.10 -4.76
C LEU B 37 -12.66 10.34 -3.88
N PHE B 38 -12.14 11.44 -4.42
CA PHE B 38 -11.85 12.63 -3.64
C PHE B 38 -12.92 13.69 -3.89
N GLY B 39 -13.64 14.06 -2.83
CA GLY B 39 -14.58 15.15 -2.87
C GLY B 39 -15.80 14.94 -3.74
N VAL B 40 -15.98 13.76 -4.32
CA VAL B 40 -17.11 13.46 -5.19
C VAL B 40 -18.22 12.82 -4.38
N GLN B 41 -18.05 12.76 -3.06
CA GLN B 41 -18.98 11.99 -2.23
C GLN B 41 -20.43 12.39 -2.51
N VAL B 42 -20.71 13.69 -2.57
CA VAL B 42 -22.07 14.15 -2.88
C VAL B 42 -22.48 13.71 -4.27
N GLN B 43 -21.63 14.02 -5.26
CA GLN B 43 -22.00 13.76 -6.65
C GLN B 43 -22.21 12.28 -6.89
N TYR B 44 -21.38 11.43 -6.27
CA TYR B 44 -21.54 9.99 -6.45
C TYR B 44 -22.89 9.52 -5.93
N LYS B 45 -23.32 10.04 -4.79
CA LYS B 45 -24.65 9.70 -4.27
C LYS B 45 -25.71 9.95 -5.33
N HIS B 46 -25.70 11.14 -5.94
CA HIS B 46 -26.75 11.49 -6.89
C HIS B 46 -26.69 10.62 -8.13
N LEU B 47 -25.50 10.29 -8.60
CA LEU B 47 -25.38 9.44 -9.78
C LEU B 47 -25.77 8.00 -9.46
N SER B 48 -25.13 7.41 -8.44
CA SER B 48 -25.45 6.03 -8.08
C SER B 48 -26.92 5.89 -7.72
N GLU B 49 -27.47 6.88 -7.02
CA GLU B 49 -28.90 6.89 -6.72
C GLU B 49 -29.72 6.72 -8.00
N LEU B 50 -29.61 7.70 -8.90
CA LEU B 50 -30.34 7.64 -10.16
C LEU B 50 -30.14 6.29 -10.85
N LEU B 51 -28.92 5.77 -10.82
CA LEU B 51 -28.63 4.53 -11.53
C LEU B 51 -29.41 3.36 -10.95
N LYS B 52 -29.50 3.27 -9.62
CA LYS B 52 -30.37 2.25 -9.04
C LYS B 52 -31.81 2.44 -9.50
N ARG B 53 -32.26 3.69 -9.58
CA ARG B 53 -33.66 3.95 -9.86
C ARG B 53 -34.04 3.48 -11.25
N THR B 54 -33.13 3.61 -12.23
CA THR B 54 -33.44 3.16 -13.57
C THR B 54 -33.22 1.66 -13.72
N ALA B 55 -32.20 1.12 -13.05
CA ALA B 55 -31.88 -0.30 -13.19
C ALA B 55 -32.83 -1.17 -12.37
N LEU B 56 -33.00 -0.86 -11.09
CA LEU B 56 -33.78 -1.73 -10.21
C LEU B 56 -35.28 -1.49 -10.37
N HIS B 57 -35.70 -0.24 -10.46
CA HIS B 57 -37.08 0.11 -10.74
C HIS B 57 -37.21 0.43 -12.23
N GLY B 58 -38.43 0.74 -12.66
CA GLY B 58 -38.67 0.96 -14.08
C GLY B 58 -38.57 2.41 -14.49
N GLU B 59 -37.89 3.22 -13.68
CA GLU B 59 -37.84 4.66 -13.91
C GLU B 59 -36.84 5.00 -15.02
N SER B 60 -37.12 6.09 -15.71
CA SER B 60 -36.27 6.61 -16.79
C SER B 60 -35.81 8.00 -16.43
N ASN B 61 -34.50 8.26 -16.55
CA ASN B 61 -33.92 9.53 -16.17
C ASN B 61 -32.86 9.95 -17.18
N SER B 62 -32.43 11.21 -17.06
CA SER B 62 -31.31 11.73 -17.82
C SER B 62 -30.53 12.72 -16.96
N VAL B 63 -29.20 12.72 -17.08
CA VAL B 63 -28.36 13.55 -16.23
C VAL B 63 -27.10 13.94 -17.00
N LEU B 64 -26.52 15.07 -16.61
CA LEU B 64 -25.25 15.55 -17.16
C LEU B 64 -24.23 15.70 -16.05
N ILE B 65 -23.06 15.10 -16.25
CA ILE B 65 -21.91 15.30 -15.38
C ILE B 65 -21.01 16.32 -16.07
N ILE B 66 -20.79 17.46 -15.42
CA ILE B 66 -20.21 18.64 -16.06
C ILE B 66 -19.08 19.14 -15.18
N GLY B 67 -17.86 19.15 -15.71
CA GLY B 67 -16.72 19.61 -14.97
C GLY B 67 -15.63 20.10 -15.91
N PRO B 68 -14.48 20.48 -15.38
CA PRO B 68 -13.36 20.85 -16.24
C PRO B 68 -12.89 19.49 -16.76
N ARG B 69 -12.02 19.54 -17.77
CA ARG B 69 -11.46 18.26 -18.28
C ARG B 69 -10.30 17.82 -17.44
N GLY B 70 -10.16 16.52 -17.22
CA GLY B 70 -9.05 15.98 -16.46
C GLY B 70 -9.43 15.73 -15.02
N SER B 71 -10.62 16.12 -14.60
CA SER B 71 -11.08 15.87 -13.25
C SER B 71 -12.48 15.26 -13.32
N GLY B 72 -12.80 14.41 -12.34
CA GLY B 72 -14.14 13.87 -12.33
C GLY B 72 -14.45 12.83 -13.40
N LYS B 73 -15.26 13.24 -14.37
CA LYS B 73 -16.34 12.48 -14.97
C LYS B 73 -16.10 10.99 -15.19
N THR B 74 -15.22 10.62 -16.13
CA THR B 74 -15.22 9.23 -16.60
C THR B 74 -14.99 8.23 -15.48
N MET B 75 -14.20 8.59 -14.46
CA MET B 75 -14.00 7.66 -13.35
C MET B 75 -15.26 7.55 -12.50
N LEU B 76 -15.93 8.67 -12.24
CA LEU B 76 -17.17 8.61 -11.48
C LEU B 76 -18.16 7.67 -12.14
N ILE B 77 -18.46 7.90 -13.41
CA ILE B 77 -19.43 7.05 -14.11
C ILE B 77 -18.93 5.61 -14.18
N ASN B 78 -17.62 5.41 -14.33
CA ASN B 78 -17.09 4.05 -14.36
C ASN B 78 -17.26 3.36 -13.01
N HIS B 79 -16.92 4.06 -11.92
CA HIS B 79 -17.08 3.48 -10.59
C HIS B 79 -18.55 3.21 -10.29
N ALA B 80 -19.41 4.16 -10.64
CA ALA B 80 -20.85 4.00 -10.42
C ALA B 80 -21.40 2.81 -11.19
N LEU B 81 -21.06 2.71 -12.48
CA LEU B 81 -21.58 1.62 -13.29
C LEU B 81 -21.12 0.27 -12.75
N LYS B 82 -19.88 0.17 -12.28
CA LYS B 82 -19.38 -1.10 -11.77
C LYS B 82 -20.20 -1.55 -10.56
N GLU B 83 -20.27 -0.71 -9.52
CA GLU B 83 -21.02 -1.08 -8.33
C GLU B 83 -22.44 -1.45 -8.69
N LEU B 84 -23.03 -0.79 -9.69
CA LEU B 84 -24.41 -1.06 -10.06
C LEU B 84 -24.57 -2.48 -10.54
N MET B 85 -23.66 -2.96 -11.39
CA MET B 85 -23.79 -4.27 -12.00
C MET B 85 -23.30 -5.40 -11.11
N GLU B 86 -22.78 -5.09 -9.91
CA GLU B 86 -22.47 -6.12 -8.93
C GLU B 86 -23.71 -6.70 -8.29
N ILE B 87 -24.89 -6.13 -8.55
CA ILE B 87 -26.15 -6.69 -8.11
C ILE B 87 -26.58 -7.73 -9.12
N GLU B 88 -26.81 -8.97 -8.65
CA GLU B 88 -27.06 -10.07 -9.58
C GLU B 88 -28.25 -9.79 -10.49
N GLU B 89 -29.35 -9.26 -9.92
CA GLU B 89 -30.50 -8.91 -10.75
C GLU B 89 -30.09 -7.89 -11.82
N VAL B 90 -29.21 -6.96 -11.46
CA VAL B 90 -28.78 -5.92 -12.40
C VAL B 90 -27.97 -6.52 -13.54
N SER B 91 -26.92 -7.28 -13.22
CA SER B 91 -26.03 -7.78 -14.26
C SER B 91 -26.77 -8.58 -15.31
N GLU B 92 -27.82 -9.30 -14.92
CA GLU B 92 -28.55 -10.12 -15.87
C GLU B 92 -29.56 -9.30 -16.67
N ASN B 93 -30.26 -8.37 -16.03
CA ASN B 93 -31.36 -7.65 -16.68
C ASN B 93 -30.97 -6.32 -17.32
N VAL B 94 -29.75 -5.83 -17.10
CA VAL B 94 -29.37 -4.47 -17.51
C VAL B 94 -28.32 -4.54 -18.61
N LEU B 95 -28.54 -3.77 -19.66
CA LEU B 95 -27.57 -3.58 -20.73
C LEU B 95 -27.08 -2.13 -20.68
N GLN B 96 -25.81 -1.93 -21.06
CA GLN B 96 -25.24 -0.59 -21.07
C GLN B 96 -24.60 -0.31 -22.43
N VAL B 97 -24.79 0.92 -22.89
CA VAL B 97 -24.32 1.36 -24.19
C VAL B 97 -23.41 2.57 -23.98
N HIS B 98 -22.18 2.46 -24.46
CA HIS B 98 -21.17 3.50 -24.29
C HIS B 98 -20.97 4.18 -25.63
N LEU B 99 -21.26 5.47 -25.68
CA LEU B 99 -21.09 6.26 -26.88
C LEU B 99 -20.08 7.37 -26.61
N ASN B 100 -19.46 7.87 -27.67
CA ASN B 100 -18.50 8.95 -27.54
C ASN B 100 -18.60 9.84 -28.77
N GLY B 101 -18.59 11.15 -28.53
CA GLY B 101 -18.72 12.10 -29.62
C GLY B 101 -17.57 12.08 -30.60
N LEU B 102 -16.41 11.60 -30.18
CA LEU B 102 -15.28 11.50 -31.09
C LEU B 102 -15.42 10.30 -32.03
N LEU B 103 -15.87 9.16 -31.50
CA LEU B 103 -15.99 7.96 -32.32
C LEU B 103 -17.20 8.03 -33.23
N GLN B 104 -18.37 8.34 -32.68
CA GLN B 104 -19.58 8.50 -33.50
C GLN B 104 -19.74 9.99 -33.82
N ILE B 105 -19.48 10.35 -35.07
CA ILE B 105 -19.62 11.73 -35.53
C ILE B 105 -20.94 11.99 -36.23
N ASN B 106 -21.76 10.96 -36.39
CA ASN B 106 -23.01 11.06 -37.13
C ASN B 106 -24.07 10.23 -36.42
N ASP B 107 -25.27 10.78 -36.32
CA ASP B 107 -26.35 10.07 -35.64
C ASP B 107 -26.70 8.75 -36.33
N LYS B 108 -26.41 8.62 -37.63
CA LYS B 108 -26.56 7.33 -38.28
C LYS B 108 -25.51 6.34 -37.80
N ILE B 109 -24.27 6.81 -37.67
CA ILE B 109 -23.22 5.97 -37.08
C ILE B 109 -23.64 5.53 -35.69
N ALA B 110 -24.16 6.47 -34.89
CA ALA B 110 -24.57 6.14 -33.53
C ALA B 110 -25.68 5.09 -33.52
N LEU B 111 -26.68 5.23 -34.38
CA LEU B 111 -27.75 4.25 -34.44
C LEU B 111 -27.19 2.85 -34.66
N LYS B 112 -26.34 2.69 -35.68
CA LYS B 112 -25.75 1.39 -35.92
C LYS B 112 -24.80 0.97 -34.81
N GLU B 113 -24.26 1.93 -34.06
CA GLU B 113 -23.41 1.58 -32.92
C GLU B 113 -24.23 1.09 -31.74
N ILE B 114 -25.39 1.70 -31.50
CA ILE B 114 -26.31 1.16 -30.50
C ILE B 114 -26.74 -0.24 -30.89
N THR B 115 -27.17 -0.41 -32.15
CA THR B 115 -27.54 -1.74 -32.63
C THR B 115 -26.45 -2.75 -32.37
N ARG B 116 -25.18 -2.33 -32.44
CA ARG B 116 -24.07 -3.24 -32.25
C ARG B 116 -23.86 -3.57 -30.77
N GLN B 117 -23.87 -2.56 -29.92
CA GLN B 117 -23.63 -2.76 -28.49
C GLN B 117 -24.77 -3.49 -27.80
N LEU B 118 -25.97 -3.43 -28.36
CA LEU B 118 -27.11 -4.15 -27.81
C LEU B 118 -27.20 -5.59 -28.32
N ASN B 119 -26.25 -6.03 -29.14
CA ASN B 119 -26.26 -7.38 -29.71
C ASN B 119 -27.52 -7.60 -30.55
N LEU B 120 -28.07 -6.52 -31.07
CA LEU B 120 -29.26 -6.53 -31.92
C LEU B 120 -28.93 -6.60 -33.41
N GLU B 121 -27.68 -6.88 -33.76
CA GLU B 121 -27.24 -6.95 -35.15
C GLU B 121 -28.09 -7.89 -35.98
N ASN B 122 -28.97 -8.66 -35.34
CA ASN B 122 -29.84 -9.61 -36.01
C ASN B 122 -31.11 -8.99 -36.57
N VAL B 123 -31.19 -7.66 -36.64
CA VAL B 123 -32.40 -6.97 -37.12
C VAL B 123 -32.98 -7.68 -38.34
N VAL B 124 -32.17 -8.08 -39.33
CA VAL B 124 -30.80 -7.59 -39.56
C VAL B 124 -30.81 -6.92 -40.92
N GLY B 125 -30.81 -5.60 -40.97
CA GLY B 125 -30.59 -4.91 -42.22
C GLY B 125 -31.66 -5.14 -43.26
N ASP B 126 -32.57 -6.09 -43.05
CA ASP B 126 -33.63 -6.38 -43.99
C ASP B 126 -34.76 -5.37 -43.88
N LYS B 127 -34.94 -4.83 -42.69
CA LYS B 127 -35.96 -3.82 -42.43
C LYS B 127 -35.24 -2.52 -42.12
N VAL B 128 -35.27 -1.58 -43.06
CA VAL B 128 -34.83 -0.22 -42.84
C VAL B 128 -36.10 0.57 -42.49
N PHE B 129 -36.19 1.04 -41.26
CA PHE B 129 -37.44 1.54 -40.72
C PHE B 129 -37.74 2.95 -41.24
N GLY B 130 -39.03 3.27 -41.30
CA GLY B 130 -39.48 4.51 -41.91
C GLY B 130 -38.98 5.76 -41.20
N SER B 131 -38.56 5.65 -39.94
CA SER B 131 -38.14 6.82 -39.19
C SER B 131 -36.99 6.45 -38.27
N PHE B 132 -36.20 7.47 -37.92
CA PHE B 132 -35.08 7.27 -37.01
C PHE B 132 -35.56 6.76 -35.66
N ALA B 133 -36.63 7.35 -35.13
CA ALA B 133 -37.16 6.91 -33.85
C ALA B 133 -37.70 5.48 -33.92
N GLU B 134 -38.37 5.14 -35.03
CA GLU B 134 -38.93 3.80 -35.15
C GLU B 134 -37.84 2.74 -35.12
N ASN B 135 -36.68 3.02 -35.72
CA ASN B 135 -35.56 2.10 -35.64
C ASN B 135 -35.02 2.03 -34.23
N LEU B 136 -34.91 3.18 -33.55
CA LEU B 136 -34.41 3.19 -32.18
C LEU B 136 -35.40 2.49 -31.25
N SER B 137 -36.69 2.79 -31.37
CA SER B 137 -37.69 2.13 -30.54
C SER B 137 -37.69 0.63 -30.80
N PHE B 138 -37.57 0.23 -32.08
CA PHE B 138 -37.55 -1.19 -32.41
C PHE B 138 -36.38 -1.90 -31.73
N LEU B 139 -35.28 -1.19 -31.49
CA LEU B 139 -34.11 -1.81 -30.84
C LEU B 139 -34.40 -2.07 -29.36
N LEU B 140 -34.92 -1.06 -28.66
CA LEU B 140 -35.17 -1.21 -27.23
C LEU B 140 -36.28 -2.22 -26.97
N GLU B 141 -37.25 -2.33 -27.87
CA GLU B 141 -38.37 -3.25 -27.69
C GLU B 141 -37.98 -4.70 -27.95
N ALA B 142 -36.76 -4.96 -28.41
CA ALA B 142 -36.31 -6.32 -28.68
C ALA B 142 -35.44 -6.84 -27.53
N CYS B 152 -36.73 -4.18 -19.47
CA CYS B 152 -35.55 -4.40 -20.31
C CYS B 152 -34.78 -3.09 -20.46
N PRO B 153 -34.15 -2.64 -19.37
CA PRO B 153 -33.52 -1.32 -19.35
C PRO B 153 -32.21 -1.29 -20.12
N VAL B 154 -31.80 -0.06 -20.47
CA VAL B 154 -30.51 0.19 -21.09
C VAL B 154 -29.97 1.51 -20.57
N ILE B 155 -28.69 1.53 -20.22
CA ILE B 155 -28.04 2.73 -19.70
C ILE B 155 -27.18 3.32 -20.83
N PHE B 156 -27.61 4.47 -21.35
CA PHE B 156 -26.91 5.14 -22.45
C PHE B 156 -25.90 6.12 -21.88
N ILE B 157 -24.62 5.85 -22.12
CA ILE B 157 -23.55 6.76 -21.75
C ILE B 157 -23.12 7.50 -23.00
N LEU B 158 -23.20 8.83 -22.97
CA LEU B 158 -22.74 9.66 -24.07
C LEU B 158 -21.56 10.49 -23.58
N ASP B 159 -20.36 10.13 -24.03
CA ASP B 159 -19.15 10.85 -23.67
C ASP B 159 -18.84 11.89 -24.74
N GLU B 160 -18.29 13.02 -24.30
CA GLU B 160 -18.15 14.18 -25.17
C GLU B 160 -19.54 14.59 -25.66
N PHE B 161 -20.46 14.73 -24.70
CA PHE B 161 -21.82 15.18 -25.00
C PHE B 161 -21.82 16.43 -25.87
N ASP B 162 -20.83 17.31 -25.70
CA ASP B 162 -20.77 18.55 -26.49
C ASP B 162 -20.97 18.26 -27.97
N LEU B 163 -20.35 17.20 -28.47
CA LEU B 163 -20.32 16.95 -29.90
C LEU B 163 -21.63 16.37 -30.38
N PHE B 164 -22.28 15.55 -29.56
CA PHE B 164 -23.61 15.05 -29.93
C PHE B 164 -24.59 16.19 -30.10
N ALA B 165 -24.36 17.31 -29.42
CA ALA B 165 -25.21 18.48 -29.58
C ALA B 165 -25.03 19.15 -30.93
N HIS B 166 -23.94 18.81 -31.64
CA HIS B 166 -23.59 19.48 -32.88
C HIS B 166 -24.07 18.75 -34.12
N HIS B 167 -24.86 17.67 -33.99
CA HIS B 167 -25.19 16.85 -35.15
C HIS B 167 -26.45 17.41 -35.80
N LYS B 168 -26.28 18.12 -36.92
CA LYS B 168 -27.36 18.52 -37.80
C LYS B 168 -28.58 18.97 -37.00
N ASN B 169 -29.77 18.53 -37.40
CA ASN B 169 -30.88 18.45 -36.46
C ASN B 169 -30.58 17.35 -35.47
N GLN B 170 -30.82 17.59 -34.19
CA GLN B 170 -30.30 16.66 -33.20
C GLN B 170 -31.35 15.57 -33.08
N THR B 171 -31.13 14.48 -33.79
CA THR B 171 -32.06 13.36 -33.80
C THR B 171 -31.77 12.41 -32.65
N LEU B 172 -30.49 12.16 -32.37
CA LEU B 172 -30.14 11.20 -31.33
C LEU B 172 -30.49 11.75 -29.96
N LEU B 173 -30.17 13.02 -29.70
CA LEU B 173 -30.50 13.60 -28.39
C LEU B 173 -32.01 13.73 -28.22
N TYR B 174 -32.68 14.39 -29.17
CA TYR B 174 -34.13 14.57 -29.08
C TYR B 174 -34.83 13.24 -28.84
N ASN B 175 -34.52 12.24 -29.67
CA ASN B 175 -35.27 10.99 -29.60
C ASN B 175 -34.87 10.15 -28.41
N LEU B 176 -33.64 10.30 -27.91
CA LEU B 176 -33.30 9.63 -26.67
C LEU B 176 -34.06 10.22 -25.50
N PHE B 177 -34.11 11.56 -25.41
CA PHE B 177 -34.91 12.18 -24.36
C PHE B 177 -36.40 11.92 -24.59
N ASP B 178 -36.86 12.06 -25.83
CA ASP B 178 -38.25 11.73 -26.14
C ASP B 178 -38.60 10.33 -25.69
N ILE B 179 -37.69 9.38 -25.90
CA ILE B 179 -37.92 8.02 -25.43
C ILE B 179 -37.73 7.93 -23.93
N SER B 180 -36.86 8.76 -23.38
CA SER B 180 -36.63 8.74 -21.94
C SER B 180 -37.86 9.20 -21.17
N GLN B 181 -38.65 10.10 -21.75
CA GLN B 181 -39.82 10.64 -21.06
C GLN B 181 -41.08 9.86 -21.41
N SER B 182 -41.54 9.97 -22.65
CA SER B 182 -42.89 9.55 -23.02
C SER B 182 -43.03 8.08 -23.36
N ALA B 183 -41.93 7.34 -23.56
CA ALA B 183 -42.04 5.98 -24.07
C ALA B 183 -42.19 4.93 -22.97
N GLN B 184 -41.89 5.26 -21.72
CA GLN B 184 -42.00 4.33 -20.60
C GLN B 184 -41.11 3.11 -20.79
N THR B 185 -40.15 3.16 -21.71
CA THR B 185 -39.15 2.10 -21.81
C THR B 185 -38.00 2.46 -20.89
N PRO B 186 -37.61 1.60 -19.96
CA PRO B 186 -36.53 2.00 -19.04
C PRO B 186 -35.26 2.33 -19.82
N ILE B 187 -34.72 3.52 -19.54
CA ILE B 187 -33.55 4.03 -20.23
C ILE B 187 -32.87 5.03 -19.30
N ALA B 188 -31.56 5.16 -19.43
CA ALA B 188 -30.80 6.15 -18.67
C ALA B 188 -29.85 6.84 -19.63
N VAL B 189 -30.05 8.14 -19.81
CA VAL B 189 -29.23 8.94 -20.72
C VAL B 189 -28.32 9.78 -19.84
N ILE B 190 -27.04 9.43 -19.82
CA ILE B 190 -26.05 10.07 -18.97
C ILE B 190 -25.02 10.70 -19.88
N GLY B 191 -24.99 12.03 -19.92
CA GLY B 191 -24.00 12.75 -20.69
C GLY B 191 -22.81 13.18 -19.85
N LEU B 192 -21.66 13.30 -20.52
CA LEU B 192 -20.45 13.84 -19.92
C LEU B 192 -19.97 14.97 -20.82
N THR B 193 -19.72 16.14 -20.21
CA THR B 193 -19.25 17.29 -20.95
C THR B 193 -18.43 18.18 -20.01
N CYS B 194 -17.54 18.95 -20.61
CA CYS B 194 -16.79 19.96 -19.89
C CYS B 194 -17.35 21.37 -20.06
N ARG B 195 -18.39 21.55 -20.87
CA ARG B 195 -18.90 22.87 -21.21
C ARG B 195 -19.89 23.35 -20.17
N LEU B 196 -19.57 24.47 -19.52
CA LEU B 196 -20.59 25.19 -18.76
C LEU B 196 -21.67 25.75 -19.67
N ASP B 197 -21.44 25.77 -20.98
CA ASP B 197 -22.36 26.29 -21.97
C ASP B 197 -23.27 25.22 -22.56
N ILE B 198 -23.18 23.99 -22.06
CA ILE B 198 -23.87 22.86 -22.71
C ILE B 198 -25.36 23.15 -22.87
N LEU B 199 -26.01 23.61 -21.80
CA LEU B 199 -27.46 23.75 -21.84
C LEU B 199 -27.91 24.71 -22.93
N GLU B 200 -27.09 25.72 -23.24
CA GLU B 200 -27.44 26.64 -24.31
C GLU B 200 -27.25 26.02 -25.69
N LEU B 201 -26.55 24.88 -25.79
CA LEU B 201 -26.34 24.22 -27.07
C LEU B 201 -27.50 23.32 -27.47
N LEU B 202 -28.48 23.12 -26.59
CA LEU B 202 -29.60 22.25 -26.87
C LEU B 202 -30.77 23.05 -27.41
N GLU B 203 -31.46 22.48 -28.39
CA GLU B 203 -32.67 23.10 -28.90
C GLU B 203 -33.70 23.22 -27.77
N LYS B 204 -34.56 24.23 -27.90
CA LYS B 204 -35.62 24.41 -26.91
C LYS B 204 -36.33 23.09 -26.61
N ARG B 205 -36.66 22.34 -27.65
CA ARG B 205 -37.38 21.09 -27.46
C ARG B 205 -36.55 20.06 -26.69
N VAL B 206 -35.30 19.87 -27.08
CA VAL B 206 -34.47 18.87 -26.42
C VAL B 206 -34.17 19.31 -24.99
N LYS B 207 -33.93 20.61 -24.80
CA LYS B 207 -33.68 21.12 -23.46
C LYS B 207 -34.83 20.79 -22.52
N SER B 208 -36.07 20.95 -23.01
CA SER B 208 -37.22 20.58 -22.21
C SER B 208 -37.20 19.10 -21.86
N ARG B 209 -37.06 18.23 -22.87
CA ARG B 209 -37.15 16.80 -22.66
C ARG B 209 -36.00 16.28 -21.80
N PHE B 210 -34.84 16.92 -21.84
CA PHE B 210 -33.76 16.57 -20.93
C PHE B 210 -34.28 16.67 -19.51
N SER B 211 -34.17 15.59 -18.73
CA SER B 211 -34.68 15.65 -17.37
C SER B 211 -34.04 16.85 -16.70
N HIS B 212 -34.87 17.81 -16.33
CA HIS B 212 -34.39 19.18 -16.39
C HIS B 212 -33.18 19.36 -15.52
N ARG B 213 -32.09 19.78 -16.15
CA ARG B 213 -30.90 20.24 -15.45
C ARG B 213 -30.55 19.35 -14.26
N GLN B 214 -30.47 18.04 -14.50
CA GLN B 214 -29.84 17.16 -13.54
C GLN B 214 -28.34 17.30 -13.80
N ILE B 215 -27.63 17.89 -12.84
CA ILE B 215 -26.30 18.44 -13.11
C ILE B 215 -25.39 18.08 -11.94
N HIS B 216 -24.31 17.37 -12.24
CA HIS B 216 -23.23 17.11 -11.29
C HIS B 216 -22.02 17.92 -11.72
N LEU B 217 -21.44 18.67 -10.79
CA LEU B 217 -20.26 19.47 -11.07
C LEU B 217 -19.08 18.96 -10.26
N MET B 218 -17.92 18.85 -10.92
CA MET B 218 -16.74 18.19 -10.34
C MET B 218 -15.75 19.20 -9.77
N ASN B 219 -15.11 19.97 -10.64
CA ASN B 219 -14.30 21.14 -10.27
C ASN B 219 -13.13 20.72 -9.39
N SER B 220 -12.85 21.43 -8.29
CA SER B 220 -11.55 21.40 -7.64
C SER B 220 -11.63 21.23 -6.13
N PHE B 221 -10.49 21.35 -5.45
CA PHE B 221 -10.36 21.01 -4.04
C PHE B 221 -9.48 22.08 -3.37
N GLY B 222 -9.09 21.81 -2.13
CA GLY B 222 -8.20 22.68 -1.40
C GLY B 222 -6.77 22.18 -1.48
N PHE B 223 -5.81 23.06 -1.19
CA PHE B 223 -4.40 22.67 -1.31
C PHE B 223 -4.06 21.51 -0.37
N PRO B 224 -4.37 21.56 0.92
CA PRO B 224 -4.13 20.40 1.77
C PRO B 224 -4.73 19.12 1.23
N GLN B 225 -5.92 19.19 0.64
CA GLN B 225 -6.50 18.02 -0.02
C GLN B 225 -5.66 17.59 -1.21
N TYR B 226 -5.03 18.56 -1.89
CA TYR B 226 -4.15 18.23 -3.02
C TYR B 226 -2.95 17.43 -2.55
N VAL B 227 -2.30 17.86 -1.48
CA VAL B 227 -1.14 17.15 -0.96
C VAL B 227 -1.53 15.76 -0.49
N LYS B 228 -2.66 15.66 0.22
CA LYS B 228 -3.14 14.34 0.64
C LYS B 228 -3.36 13.44 -0.57
N ILE B 229 -3.83 14.01 -1.68
CA ILE B 229 -4.00 13.23 -2.90
C ILE B 229 -2.64 12.82 -3.45
N PHE B 230 -1.70 13.76 -3.47
CA PHE B 230 -0.34 13.45 -3.91
C PHE B 230 0.21 12.22 -3.20
N LYS B 231 0.13 12.21 -1.87
CA LYS B 231 0.67 11.08 -1.12
C LYS B 231 -0.16 9.82 -1.31
N GLU B 232 -1.47 9.96 -1.55
CA GLU B 232 -2.33 8.79 -1.68
C GLU B 232 -2.11 8.08 -3.00
N GLN B 233 -1.88 8.85 -4.09
CA GLN B 233 -1.69 8.23 -5.40
C GLN B 233 -0.31 7.60 -5.52
N LEU B 234 0.71 8.14 -4.85
CA LEU B 234 2.03 7.54 -4.87
C LEU B 234 2.12 6.31 -3.99
N SER B 235 1.30 6.22 -2.95
CA SER B 235 1.36 5.11 -2.01
C SER B 235 0.79 3.84 -2.66
N LEU B 236 1.12 2.70 -2.07
CA LEU B 236 0.67 1.42 -2.58
C LEU B 236 -0.33 0.80 -1.62
N PRO B 237 -1.28 0.00 -2.12
CA PRO B 237 -2.30 -0.58 -1.24
C PRO B 237 -1.77 -1.75 -0.43
N ALA B 238 -2.66 -2.44 0.28
CA ALA B 238 -2.24 -3.62 1.05
C ALA B 238 -1.72 -4.74 0.15
N GLU B 239 -1.90 -4.62 -1.17
CA GLU B 239 -1.39 -5.59 -2.12
C GLU B 239 -2.09 -6.93 -1.95
N VAL B 244 5.54 -6.14 3.55
CA VAL B 244 6.59 -5.40 4.23
C VAL B 244 7.30 -4.49 3.24
N PHE B 245 7.24 -4.87 1.96
CA PHE B 245 7.81 -4.02 0.92
C PHE B 245 6.92 -2.82 0.66
N ALA B 246 5.60 -3.02 0.69
CA ALA B 246 4.68 -1.90 0.51
C ALA B 246 4.69 -0.98 1.72
N GLU B 247 4.80 -1.55 2.92
CA GLU B 247 4.79 -0.72 4.13
C GLU B 247 5.98 0.23 4.15
N LYS B 248 7.17 -0.28 3.82
CA LYS B 248 8.35 0.57 3.78
C LYS B 248 8.21 1.66 2.72
N TRP B 249 7.59 1.32 1.57
CA TRP B 249 7.37 2.30 0.52
C TRP B 249 6.48 3.44 1.00
N ASN B 250 5.34 3.10 1.64
CA ASN B 250 4.40 4.14 2.04
C ASN B 250 4.98 5.06 3.11
N GLU B 251 5.83 4.53 4.00
CA GLU B 251 6.48 5.40 4.98
C GLU B 251 7.30 6.49 4.29
N ASN B 252 7.99 6.15 3.19
CA ASN B 252 8.82 7.13 2.51
C ASN B 252 7.97 8.16 1.78
N VAL B 253 6.83 7.76 1.23
CA VAL B 253 5.93 8.73 0.59
C VAL B 253 5.46 9.75 1.61
N GLN B 254 4.94 9.27 2.74
CA GLN B 254 4.50 10.18 3.81
C GLN B 254 5.62 11.13 4.23
N TYR B 255 6.87 10.68 4.13
CA TYR B 255 7.99 11.58 4.39
C TYR B 255 8.06 12.68 3.34
N LEU B 256 7.87 12.32 2.07
CA LEU B 256 7.86 13.32 1.00
C LEU B 256 6.73 14.32 1.19
N SER B 257 5.57 13.85 1.67
CA SER B 257 4.40 14.71 1.75
C SER B 257 4.72 16.05 2.38
N GLU B 258 5.58 16.06 3.41
CA GLU B 258 6.01 17.29 4.05
C GLU B 258 7.48 17.52 3.73
N ASP B 259 7.74 18.47 2.84
CA ASP B 259 9.08 18.99 2.60
C ASP B 259 8.91 20.39 2.04
N ARG B 260 9.86 21.28 2.38
CA ARG B 260 9.79 22.63 1.83
C ARG B 260 9.95 22.61 0.31
N SER B 261 10.63 21.60 -0.22
CA SER B 261 10.83 21.51 -1.66
C SER B 261 9.60 20.95 -2.36
N VAL B 262 9.22 19.71 -2.01
CA VAL B 262 8.09 19.08 -2.68
C VAL B 262 6.84 19.95 -2.56
N GLN B 263 6.69 20.65 -1.43
CA GLN B 263 5.50 21.45 -1.22
C GLN B 263 5.52 22.72 -2.07
N GLU B 264 6.68 23.38 -2.15
CA GLU B 264 6.75 24.59 -2.97
C GLU B 264 6.68 24.26 -4.45
N VAL B 265 7.01 23.02 -4.83
CA VAL B 265 6.77 22.57 -6.20
C VAL B 265 5.29 22.24 -6.39
N LEU B 266 4.73 21.46 -5.47
CA LEU B 266 3.32 21.06 -5.58
C LEU B 266 2.40 22.26 -5.61
N GLN B 267 2.71 23.30 -4.83
CA GLN B 267 1.89 24.51 -4.86
C GLN B 267 1.96 25.17 -6.23
N LYS B 268 3.16 25.30 -6.79
CA LYS B 268 3.29 25.89 -8.12
C LYS B 268 2.41 25.15 -9.12
N HIS B 269 2.44 23.82 -9.08
CA HIS B 269 1.55 23.05 -9.94
C HIS B 269 0.09 23.26 -9.54
N PHE B 270 -0.16 23.40 -8.23
CA PHE B 270 -1.52 23.60 -7.77
C PHE B 270 -2.08 24.91 -8.30
N ASN B 271 -1.32 26.00 -8.17
CA ASN B 271 -1.76 27.30 -8.65
C ASN B 271 -2.08 27.31 -10.14
N ILE B 272 -1.69 26.27 -10.87
CA ILE B 272 -2.03 26.11 -12.26
C ILE B 272 -3.11 25.04 -12.37
N SER B 273 -2.80 23.85 -11.88
CA SER B 273 -3.59 22.66 -12.15
C SER B 273 -4.92 22.62 -11.40
N LYS B 274 -4.88 22.41 -10.08
CA LYS B 274 -6.07 22.01 -9.31
C LYS B 274 -6.73 20.81 -9.97
N ASN B 275 -5.90 19.92 -10.50
CA ASN B 275 -6.36 18.80 -11.30
C ASN B 275 -5.51 17.58 -11.02
N LEU B 276 -6.17 16.42 -10.90
CA LEU B 276 -5.46 15.20 -10.56
C LEU B 276 -4.78 14.55 -11.76
N ARG B 277 -5.20 14.87 -12.98
CA ARG B 277 -4.53 14.31 -14.15
C ARG B 277 -3.18 14.98 -14.38
N SER B 278 -3.13 16.31 -14.28
CA SER B 278 -1.83 17.00 -14.33
C SER B 278 -0.90 16.46 -13.26
N LEU B 279 -1.40 16.25 -12.05
CA LEU B 279 -0.60 15.67 -10.98
C LEU B 279 -0.08 14.30 -11.37
N HIS B 280 -0.94 13.46 -11.95
CA HIS B 280 -0.53 12.12 -12.36
C HIS B 280 0.66 12.18 -13.30
N MET B 281 0.64 13.10 -14.27
CA MET B 281 1.78 13.27 -15.16
C MET B 281 3.03 13.62 -14.37
N LEU B 282 2.93 14.57 -13.45
CA LEU B 282 4.08 14.92 -12.63
C LEU B 282 4.62 13.72 -11.87
N LEU B 283 3.73 12.93 -11.27
CA LEU B 283 4.17 11.75 -10.54
C LEU B 283 4.78 10.71 -11.47
N MET B 284 4.30 10.63 -12.71
CA MET B 284 4.80 9.63 -13.65
C MET B 284 6.23 9.95 -14.09
N LEU B 285 6.47 11.19 -14.53
CA LEU B 285 7.81 11.57 -14.99
C LEU B 285 8.84 11.36 -13.89
N ALA B 286 8.50 11.71 -12.65
CA ALA B 286 9.39 11.43 -11.53
C ALA B 286 9.45 9.95 -11.19
N LEU B 287 8.51 9.15 -11.69
CA LEU B 287 8.53 7.72 -11.45
C LEU B 287 9.55 7.00 -12.34
N ASN B 288 9.91 7.59 -13.48
CA ASN B 288 11.01 7.03 -14.26
C ASN B 288 12.32 7.12 -13.50
N ARG B 289 12.48 8.17 -12.70
CA ARG B 289 13.70 8.35 -11.92
C ARG B 289 13.91 7.22 -10.92
N VAL B 290 12.90 6.41 -10.65
CA VAL B 290 12.98 5.32 -9.69
C VAL B 290 13.37 4.05 -10.44
N THR B 291 14.50 3.46 -10.07
CA THR B 291 14.97 2.22 -10.69
C THR B 291 15.50 1.31 -9.60
N ALA B 292 16.05 0.16 -10.00
CA ALA B 292 16.64 -0.76 -9.05
C ALA B 292 17.84 -0.14 -8.34
N SER B 293 18.48 0.85 -8.96
CA SER B 293 19.57 1.60 -8.32
C SER B 293 19.07 2.86 -7.63
N HIS B 294 17.78 3.18 -7.73
CA HIS B 294 17.19 4.36 -7.08
C HIS B 294 15.85 3.91 -6.53
N PRO B 295 15.83 3.30 -5.35
CA PRO B 295 14.63 2.56 -4.92
C PRO B 295 13.37 3.42 -4.80
N PHE B 296 13.45 4.60 -4.21
CA PHE B 296 12.26 5.41 -3.97
C PHE B 296 12.53 6.85 -4.38
N MET B 297 11.45 7.58 -4.60
CA MET B 297 11.54 8.95 -5.06
C MET B 297 12.24 9.82 -4.02
N THR B 298 12.78 10.94 -4.49
CA THR B 298 13.37 11.95 -3.63
C THR B 298 12.86 13.32 -4.06
N ALA B 299 13.23 14.35 -3.30
CA ALA B 299 12.80 15.71 -3.64
C ALA B 299 13.33 16.11 -5.02
N VAL B 300 14.54 15.67 -5.36
CA VAL B 300 15.14 16.04 -6.64
C VAL B 300 14.45 15.32 -7.78
N ASP B 301 14.05 14.07 -7.57
CA ASP B 301 13.32 13.34 -8.61
C ASP B 301 12.09 14.10 -9.06
N LEU B 302 11.36 14.69 -8.13
CA LEU B 302 10.16 15.44 -8.49
C LEU B 302 10.51 16.82 -9.06
N MET B 303 11.54 17.47 -8.53
CA MET B 303 11.93 18.78 -9.05
C MET B 303 12.32 18.68 -10.52
N GLU B 304 13.16 17.69 -10.85
CA GLU B 304 13.49 17.46 -12.25
C GLU B 304 12.24 17.18 -13.08
N ALA B 305 11.38 16.28 -12.59
CA ALA B 305 10.14 15.98 -13.30
C ALA B 305 9.29 17.23 -13.49
N SER B 306 9.33 18.16 -12.53
CA SER B 306 8.58 19.41 -12.67
C SER B 306 9.21 20.34 -13.68
N GLN B 307 10.54 20.30 -13.82
CA GLN B 307 11.21 21.20 -14.74
C GLN B 307 10.86 20.87 -16.19
N LEU B 308 10.72 19.59 -16.51
CA LEU B 308 10.36 19.18 -17.85
C LEU B 308 8.99 19.73 -18.27
N CYS B 309 8.07 19.88 -17.32
CA CYS B 309 6.74 20.37 -17.63
C CYS B 309 6.70 21.89 -17.76
N SER B 310 7.58 22.60 -17.06
CA SER B 310 7.55 24.06 -17.01
C SER B 310 8.24 24.70 -18.21
N MET B 311 8.88 23.93 -19.08
CA MET B 311 9.58 24.51 -20.22
C MET B 311 8.63 25.33 -21.08
N ASP B 312 9.13 26.44 -21.60
CA ASP B 312 8.37 27.27 -22.53
C ASP B 312 8.67 26.79 -23.95
N SER B 313 7.67 26.18 -24.58
CA SER B 313 7.92 25.46 -25.83
C SER B 313 8.49 26.40 -26.89
N LYS B 314 7.88 27.56 -27.08
CA LYS B 314 8.32 28.46 -28.15
C LYS B 314 9.71 29.00 -27.89
N ALA B 315 10.13 29.09 -26.62
CA ALA B 315 11.50 29.51 -26.33
C ALA B 315 12.49 28.42 -26.72
N ASN B 316 12.13 27.15 -26.50
CA ASN B 316 12.98 26.04 -26.91
C ASN B 316 13.21 26.05 -28.42
N ILE B 317 12.15 26.29 -29.20
CA ILE B 317 12.29 26.30 -30.66
C ILE B 317 13.25 27.40 -31.10
N VAL B 318 13.15 28.58 -30.50
CA VAL B 318 14.01 29.70 -30.88
C VAL B 318 15.48 29.35 -30.67
N HIS B 319 15.78 28.52 -29.67
CA HIS B 319 17.17 28.26 -29.30
C HIS B 319 17.95 27.62 -30.44
N GLY B 320 17.27 26.93 -31.35
CA GLY B 320 17.92 26.16 -32.39
C GLY B 320 18.00 26.84 -33.74
N LEU B 321 17.61 28.10 -33.85
CA LEU B 321 17.67 28.79 -35.12
C LEU B 321 19.11 29.16 -35.47
N SER B 322 19.35 29.35 -36.77
CA SER B 322 20.62 29.85 -37.26
C SER B 322 20.71 31.35 -37.03
N VAL B 323 21.94 31.85 -36.92
CA VAL B 323 22.14 33.27 -36.63
C VAL B 323 21.44 34.15 -37.67
N LEU B 324 21.32 33.67 -38.91
CA LEU B 324 20.59 34.45 -39.90
C LEU B 324 19.14 34.63 -39.46
N GLU B 325 18.45 33.53 -39.17
CA GLU B 325 17.05 33.61 -38.75
C GLU B 325 16.89 34.55 -37.56
N ILE B 326 17.83 34.50 -36.62
CA ILE B 326 17.76 35.38 -35.46
C ILE B 326 17.77 36.83 -35.90
N CYS B 327 18.78 37.21 -36.70
CA CYS B 327 18.86 38.58 -37.16
C CYS B 327 17.57 39.04 -37.83
N LEU B 328 16.91 38.14 -38.56
CA LEU B 328 15.62 38.47 -39.14
C LEU B 328 14.59 38.79 -38.06
N ILE B 329 14.54 37.97 -37.01
CA ILE B 329 13.61 38.26 -35.92
C ILE B 329 13.93 39.59 -35.28
N ILE B 330 15.22 39.90 -35.11
CA ILE B 330 15.59 41.20 -34.57
C ILE B 330 15.19 42.31 -35.54
N ALA B 331 15.26 42.05 -36.85
CA ALA B 331 14.71 43.01 -37.82
C ALA B 331 13.22 43.17 -37.63
N MET B 332 12.50 42.05 -37.47
CA MET B 332 11.06 42.12 -37.25
C MET B 332 10.75 42.83 -35.94
N LYS B 333 11.55 42.57 -34.89
CA LYS B 333 11.37 43.30 -33.64
C LYS B 333 11.49 44.79 -33.87
N HIS B 334 12.54 45.22 -34.56
CA HIS B 334 12.71 46.64 -34.86
C HIS B 334 11.55 47.18 -35.69
N LEU B 335 10.94 46.34 -36.51
CA LEU B 335 9.84 46.82 -37.35
C LEU B 335 8.56 47.00 -36.55
N ASN B 336 8.30 46.12 -35.57
CA ASN B 336 7.12 46.32 -34.73
C ASN B 336 7.30 47.48 -33.76
N ASP B 337 8.54 47.82 -33.40
CA ASP B 337 8.78 48.97 -32.52
C ASP B 337 8.85 50.29 -33.28
N ILE B 338 9.04 50.26 -34.60
CA ILE B 338 9.12 51.46 -35.42
C ILE B 338 7.75 51.79 -35.96
N TYR B 339 7.19 50.87 -36.74
CA TYR B 339 5.89 51.07 -37.39
C TYR B 339 4.71 50.85 -36.46
N GLU B 340 4.96 50.57 -35.17
CA GLU B 340 3.90 50.42 -34.17
C GLU B 340 2.98 49.25 -34.50
N GLU B 341 3.54 48.05 -34.35
CA GLU B 341 2.80 46.79 -34.40
C GLU B 341 2.04 46.63 -35.70
N GLU B 342 2.50 47.28 -36.77
CA GLU B 342 1.94 47.03 -38.08
C GLU B 342 2.63 45.82 -38.71
N PRO B 343 1.93 45.05 -39.53
CA PRO B 343 2.57 43.89 -40.16
C PRO B 343 3.68 44.32 -41.11
N PHE B 344 4.33 43.35 -41.76
CA PHE B 344 5.46 43.65 -42.63
C PHE B 344 5.59 42.52 -43.63
N ASN B 345 6.41 42.76 -44.64
CA ASN B 345 6.74 41.77 -45.66
C ASN B 345 8.25 41.59 -45.73
N PHE B 346 8.69 40.68 -46.61
CA PHE B 346 10.10 40.36 -46.71
C PHE B 346 10.93 41.58 -47.07
N GLN B 347 10.41 42.44 -47.95
CA GLN B 347 11.19 43.57 -48.46
C GLN B 347 11.68 44.45 -47.31
N MET B 348 10.76 44.97 -46.50
CA MET B 348 11.14 45.88 -45.42
C MET B 348 12.03 45.18 -44.40
N VAL B 349 11.76 43.90 -44.12
CA VAL B 349 12.68 43.12 -43.29
C VAL B 349 14.06 43.11 -43.93
N TYR B 350 14.10 42.85 -45.24
CA TYR B 350 15.38 42.82 -45.95
C TYR B 350 16.10 44.15 -45.82
N ASN B 351 15.38 45.26 -45.97
CA ASN B 351 15.99 46.58 -45.83
C ASN B 351 16.57 46.78 -44.44
N GLU B 352 15.74 46.60 -43.41
CA GLU B 352 16.21 46.80 -42.04
C GLU B 352 17.39 45.87 -41.74
N PHE B 353 17.36 44.66 -42.29
CA PHE B 353 18.47 43.73 -42.10
C PHE B 353 19.71 44.21 -42.84
N GLN B 354 19.54 44.79 -44.03
CA GLN B 354 20.67 45.36 -44.74
C GLN B 354 21.30 46.49 -43.95
N LYS B 355 20.48 47.29 -43.27
CA LYS B 355 21.01 48.35 -42.42
C LYS B 355 21.91 47.81 -41.32
N PHE B 356 21.78 46.52 -40.99
CA PHE B 356 22.59 45.93 -39.93
C PHE B 356 24.00 45.61 -40.39
N VAL B 357 24.14 45.08 -41.61
CA VAL B 357 25.47 44.74 -42.13
C VAL B 357 26.17 45.95 -42.71
N GLN B 358 25.43 47.00 -43.05
CA GLN B 358 26.01 48.22 -43.60
C GLN B 358 27.13 48.76 -42.74
N ARG B 359 27.05 48.52 -41.42
CA ARG B 359 28.00 49.13 -40.49
C ARG B 359 29.44 48.94 -40.96
N LYS B 360 29.78 47.75 -41.43
CA LYS B 360 31.14 47.44 -41.85
C LYS B 360 31.18 47.30 -43.37
N ALA B 361 32.23 47.87 -43.98
CA ALA B 361 32.37 47.81 -45.42
C ALA B 361 32.44 46.38 -45.92
N HIS B 362 33.11 45.51 -45.18
CA HIS B 362 33.28 44.12 -45.58
C HIS B 362 32.00 43.33 -45.35
N SER B 363 31.87 42.23 -46.08
CA SER B 363 30.69 41.38 -46.03
C SER B 363 30.96 40.24 -45.04
N VAL B 364 30.24 40.25 -43.92
CA VAL B 364 30.27 39.17 -42.93
C VAL B 364 28.95 38.43 -42.89
N TYR B 365 27.87 39.12 -42.52
CA TYR B 365 26.54 38.54 -42.52
C TYR B 365 25.81 38.72 -43.85
N ASN B 366 26.45 39.31 -44.86
CA ASN B 366 25.80 39.57 -46.13
C ASN B 366 25.59 38.27 -46.89
N PHE B 367 24.34 37.98 -47.25
CA PHE B 367 23.99 36.81 -48.02
C PHE B 367 23.04 37.21 -49.15
N GLU B 368 22.83 36.29 -50.09
CA GLU B 368 22.00 36.57 -51.25
C GLU B 368 20.52 36.52 -50.86
N LYS B 369 19.72 37.40 -51.48
CA LYS B 369 18.31 37.51 -51.14
C LYS B 369 17.58 36.17 -51.14
N PRO B 370 17.77 35.29 -52.12
CA PRO B 370 17.08 33.99 -52.06
C PRO B 370 17.35 33.22 -50.78
N VAL B 371 18.58 33.28 -50.25
CA VAL B 371 18.91 32.54 -49.05
C VAL B 371 18.21 33.13 -47.84
N VAL B 372 18.24 34.46 -47.71
CA VAL B 372 17.55 35.10 -46.60
C VAL B 372 16.08 34.74 -46.61
N MET B 373 15.48 34.69 -47.80
CA MET B 373 14.07 34.32 -47.91
C MET B 373 13.85 32.86 -47.56
N LYS B 374 14.85 32.01 -47.82
CA LYS B 374 14.75 30.62 -47.41
C LYS B 374 14.61 30.51 -45.89
N ALA B 375 15.44 31.28 -45.17
CA ALA B 375 15.35 31.30 -43.71
C ALA B 375 14.05 31.94 -43.27
N PHE B 376 13.70 33.08 -43.86
CA PHE B 376 12.42 33.72 -43.61
C PHE B 376 11.28 32.73 -43.77
N GLU B 377 11.23 32.06 -44.92
CA GLU B 377 10.22 31.03 -45.14
C GLU B 377 10.32 29.90 -44.13
N HIS B 378 11.50 29.70 -43.53
CA HIS B 378 11.60 28.67 -42.50
C HIS B 378 10.94 29.12 -41.21
N LEU B 379 11.05 30.41 -40.88
CA LEU B 379 10.33 30.93 -39.72
C LEU B 379 8.82 30.70 -39.89
N GLN B 380 8.30 31.02 -41.07
CA GLN B 380 6.90 30.72 -41.36
C GLN B 380 6.65 29.22 -41.29
N GLN B 381 7.56 28.42 -41.86
CA GLN B 381 7.44 26.97 -41.80
C GLN B 381 7.35 26.49 -40.35
N LEU B 382 7.94 27.24 -39.42
CA LEU B 382 7.83 26.95 -38.01
C LEU B 382 6.65 27.62 -37.34
N GLU B 383 5.87 28.41 -38.09
CA GLU B 383 4.75 29.15 -37.52
C GLU B 383 5.22 30.07 -36.41
N LEU B 384 6.41 30.66 -36.59
CA LEU B 384 6.87 31.79 -35.79
C LEU B 384 6.58 33.12 -36.45
N ILE B 385 5.90 33.10 -37.59
CA ILE B 385 5.44 34.31 -38.25
C ILE B 385 4.16 33.95 -38.99
N LYS B 386 3.18 34.85 -38.99
CA LYS B 386 1.87 34.51 -39.53
C LYS B 386 1.46 35.48 -40.63
N PRO B 387 0.84 34.98 -41.72
CA PRO B 387 0.40 35.88 -42.78
C PRO B 387 -1.01 36.40 -42.56
N MET B 388 -1.51 37.22 -43.48
CA MET B 388 -2.86 37.76 -43.38
C MET B 388 -3.43 38.06 -44.76
N GLU B 398 8.14 40.48 -50.13
CA GLU B 398 7.03 39.78 -50.77
C GLU B 398 5.77 40.62 -50.72
N TYR B 399 4.71 40.14 -51.39
CA TYR B 399 3.46 40.87 -51.47
C TYR B 399 2.45 40.45 -50.39
N GLN B 400 2.84 39.58 -49.47
CA GLN B 400 1.98 39.17 -48.35
C GLN B 400 2.46 39.80 -47.06
N LEU B 401 1.52 40.29 -46.25
CA LEU B 401 1.83 40.92 -44.98
C LEU B 401 1.76 39.89 -43.85
N MET B 402 2.70 40.00 -42.92
CA MET B 402 2.82 39.02 -41.84
C MET B 402 3.18 39.73 -40.56
N LYS B 403 2.94 39.03 -39.44
CA LYS B 403 3.20 39.57 -38.11
C LYS B 403 3.95 38.56 -37.26
N LEU B 404 4.77 39.08 -36.36
CA LEU B 404 5.69 38.26 -35.58
C LEU B 404 4.97 37.65 -34.37
N LEU B 405 5.16 36.35 -34.18
CA LEU B 405 4.48 35.59 -33.13
C LEU B 405 5.30 35.47 -31.86
N LEU B 406 6.42 36.16 -31.72
CA LEU B 406 7.23 36.08 -30.52
C LEU B 406 7.01 37.30 -29.63
N ASP B 407 7.05 37.07 -28.32
CA ASP B 407 7.03 38.15 -27.34
C ASP B 407 8.44 38.69 -27.13
N ASN B 408 8.55 40.01 -27.00
CA ASN B 408 9.86 40.63 -26.91
C ASN B 408 10.66 40.10 -25.74
N THR B 409 10.00 39.72 -24.64
CA THR B 409 10.74 39.14 -23.53
C THR B 409 11.25 37.75 -23.87
N GLN B 410 10.51 36.99 -24.67
CA GLN B 410 11.05 35.74 -25.21
C GLN B 410 12.31 36.01 -26.03
N ILE B 411 12.29 37.06 -26.86
CA ILE B 411 13.43 37.35 -27.71
C ILE B 411 14.65 37.70 -26.86
N MET B 412 14.51 38.67 -25.97
CA MET B 412 15.67 39.11 -25.20
C MET B 412 16.17 38.01 -24.28
N ASN B 413 15.27 37.19 -23.74
CA ASN B 413 15.69 36.06 -22.92
C ASN B 413 16.43 35.02 -23.77
N ALA B 414 15.89 34.71 -24.95
CA ALA B 414 16.54 33.74 -25.83
C ALA B 414 17.93 34.21 -26.24
N LEU B 415 18.08 35.49 -26.60
CA LEU B 415 19.39 35.99 -26.98
C LEU B 415 20.39 35.82 -25.85
N GLN B 416 19.98 36.06 -24.61
CA GLN B 416 20.89 35.90 -23.48
C GLN B 416 21.23 34.43 -23.25
N LYS B 417 20.34 33.52 -23.65
CA LYS B 417 20.56 32.09 -23.49
C LYS B 417 21.10 31.42 -24.74
N TYR B 418 21.31 32.16 -25.82
CA TYR B 418 21.73 31.57 -27.08
C TYR B 418 23.22 31.22 -27.01
N PRO B 419 23.62 30.01 -27.45
CA PRO B 419 24.99 29.55 -27.12
C PRO B 419 26.11 30.39 -27.70
N ASN B 420 26.07 30.66 -29.00
CA ASN B 420 27.14 31.34 -29.71
C ASN B 420 26.86 32.81 -30.01
N CYS B 421 25.78 33.36 -29.47
CA CYS B 421 25.26 34.64 -29.95
C CYS B 421 26.39 35.67 -30.05
N PRO B 422 26.64 36.22 -31.24
CA PRO B 422 27.74 37.19 -31.38
C PRO B 422 27.39 38.53 -30.76
N THR B 423 28.41 39.16 -30.17
CA THR B 423 28.22 40.47 -29.54
C THR B 423 27.61 41.48 -30.50
N ASP B 424 27.74 41.26 -31.81
CA ASP B 424 27.20 42.22 -32.78
C ASP B 424 25.67 42.17 -32.83
N VAL B 425 25.09 40.97 -32.81
CA VAL B 425 23.63 40.90 -32.90
C VAL B 425 23.00 41.34 -31.60
N ARG B 426 23.70 41.16 -30.48
CA ARG B 426 23.18 41.63 -29.20
C ARG B 426 23.12 43.15 -29.16
N GLN B 427 24.22 43.82 -29.52
CA GLN B 427 24.22 45.27 -29.62
C GLN B 427 23.08 45.75 -30.51
N TRP B 428 22.88 45.08 -31.66
CA TRP B 428 21.80 45.46 -32.56
C TRP B 428 20.44 45.27 -31.89
N ALA B 429 20.29 44.22 -31.09
CA ALA B 429 19.02 43.93 -30.45
C ALA B 429 18.57 45.07 -29.55
N THR B 430 19.50 45.65 -28.79
CA THR B 430 19.19 46.72 -27.85
C THR B 430 19.13 48.09 -28.53
N SER B 431 19.44 48.17 -29.82
CA SER B 431 19.40 49.46 -30.52
C SER B 431 18.05 50.14 -30.36
N SER B 432 16.97 49.38 -30.43
CA SER B 432 15.62 49.93 -30.30
C SER B 432 15.42 50.52 -28.90
N VAL C 8 23.71 6.27 -32.19
CA VAL C 8 23.09 7.45 -31.60
C VAL C 8 24.04 8.05 -30.57
N LEU C 9 24.29 9.36 -30.69
CA LEU C 9 25.17 10.07 -29.77
C LEU C 9 24.58 11.44 -29.49
N CYS C 10 24.90 11.95 -28.30
CA CYS C 10 24.48 13.29 -27.86
C CYS C 10 22.99 13.36 -27.57
N ARG C 11 22.23 12.30 -27.90
CA ARG C 11 20.86 12.15 -27.46
C ARG C 11 20.73 11.27 -26.23
N GLU C 12 21.84 10.82 -25.64
CA GLU C 12 21.78 9.81 -24.59
C GLU C 12 20.81 10.20 -23.48
N SER C 13 20.70 11.50 -23.17
CA SER C 13 19.80 11.92 -22.12
C SER C 13 18.35 11.71 -22.52
N GLN C 14 17.99 12.05 -23.76
CA GLN C 14 16.63 11.84 -24.23
C GLN C 14 16.28 10.37 -24.32
N VAL C 15 17.28 9.53 -24.58
CA VAL C 15 17.03 8.09 -24.63
C VAL C 15 16.66 7.56 -23.25
N SER C 16 17.35 8.03 -22.20
CA SER C 16 17.04 7.57 -20.85
C SER C 16 15.62 7.97 -20.46
N ILE C 17 15.18 9.17 -20.82
CA ILE C 17 13.82 9.58 -20.52
C ILE C 17 12.83 8.76 -21.33
N LEU C 18 13.07 8.63 -22.64
CA LEU C 18 12.11 7.94 -23.49
C LEU C 18 12.18 6.42 -23.32
N GLN C 19 13.33 5.89 -22.90
CA GLN C 19 13.44 4.46 -22.65
C GLN C 19 12.74 4.06 -21.36
N SER C 20 13.04 4.78 -20.27
CA SER C 20 12.40 4.46 -18.99
C SER C 20 10.90 4.66 -19.07
N LEU C 21 10.44 5.63 -19.86
CA LEU C 21 9.00 5.81 -20.07
C LEU C 21 8.38 4.57 -20.67
N PHE C 22 9.06 3.96 -21.65
CA PHE C 22 8.56 2.69 -22.20
C PHE C 22 8.40 1.64 -21.12
N GLY C 23 9.30 1.64 -20.14
CA GLY C 23 9.25 0.67 -19.07
C GLY C 23 9.28 -0.75 -19.61
N GLU C 24 8.68 -1.65 -18.85
CA GLU C 24 8.54 -3.04 -19.28
C GLU C 24 7.38 -3.14 -20.28
N ARG C 25 7.55 -4.04 -21.25
CA ARG C 25 6.66 -4.05 -22.40
C ARG C 25 5.23 -4.47 -22.03
N HIS C 26 5.08 -5.26 -20.97
CA HIS C 26 3.74 -5.66 -20.51
C HIS C 26 3.10 -4.60 -19.61
N HIS C 27 3.83 -3.54 -19.28
CA HIS C 27 3.30 -2.44 -18.48
C HIS C 27 2.40 -1.57 -19.35
N PHE C 28 1.97 -0.45 -18.78
CA PHE C 28 1.32 0.61 -19.52
C PHE C 28 2.24 1.83 -19.53
N SER C 29 2.13 2.63 -20.58
CA SER C 29 2.90 3.84 -20.72
C SER C 29 1.93 4.98 -20.99
N PHE C 30 2.48 6.18 -21.18
CA PHE C 30 1.64 7.34 -21.41
C PHE C 30 0.65 7.05 -22.54
N PRO C 31 -0.60 7.48 -22.43
CA PRO C 31 -1.52 7.33 -23.57
C PRO C 31 -1.01 8.05 -24.80
N SER C 32 -0.30 9.16 -24.63
CA SER C 32 0.24 9.90 -25.74
C SER C 32 1.49 10.63 -25.30
N ILE C 33 2.45 10.72 -26.21
CA ILE C 33 3.69 11.47 -25.98
C ILE C 33 3.92 12.35 -27.20
N PHE C 34 4.35 13.59 -26.96
CA PHE C 34 4.52 14.57 -28.03
C PHE C 34 5.94 15.12 -27.98
N ILE C 35 6.72 14.85 -29.02
CA ILE C 35 8.11 15.28 -29.10
C ILE C 35 8.20 16.44 -30.07
N TYR C 36 8.91 17.50 -29.68
CA TYR C 36 9.12 18.63 -30.57
C TYR C 36 10.60 18.96 -30.59
N GLY C 37 10.97 19.82 -31.53
CA GLY C 37 12.35 19.91 -31.97
C GLY C 37 12.37 20.30 -33.43
N HIS C 38 13.59 20.37 -33.98
CA HIS C 38 13.75 20.80 -35.36
C HIS C 38 13.82 19.60 -36.30
N THR C 39 13.99 19.89 -37.60
CA THR C 39 14.14 18.86 -38.61
C THR C 39 15.26 17.88 -38.25
N ALA C 40 16.46 18.39 -37.99
CA ALA C 40 17.65 17.58 -37.85
C ALA C 40 17.92 17.17 -36.41
N SER C 41 17.00 17.47 -35.49
CA SER C 41 17.21 17.17 -34.08
C SER C 41 17.56 15.70 -33.85
N GLY C 42 17.21 14.81 -34.77
CA GLY C 42 17.40 13.40 -34.57
C GLY C 42 16.24 12.68 -33.93
N LYS C 43 15.04 13.26 -33.95
CA LYS C 43 13.91 12.66 -33.25
C LYS C 43 13.67 11.23 -33.74
N THR C 44 13.31 11.06 -35.02
CA THR C 44 12.90 9.74 -35.48
C THR C 44 14.06 8.75 -35.51
N TYR C 45 15.28 9.21 -35.75
CA TYR C 45 16.43 8.30 -35.66
C TYR C 45 16.45 7.63 -34.29
N VAL C 46 16.12 8.39 -33.24
CA VAL C 46 16.12 7.83 -31.90
C VAL C 46 14.90 6.95 -31.69
N THR C 47 13.74 7.39 -32.20
CA THR C 47 12.52 6.63 -32.01
C THR C 47 12.61 5.28 -32.72
N GLN C 48 13.00 5.27 -33.99
CA GLN C 48 13.07 4.01 -34.73
C GLN C 48 14.08 3.05 -34.12
N THR C 49 15.24 3.56 -33.72
CA THR C 49 16.24 2.69 -33.10
C THR C 49 15.64 2.00 -31.88
N LEU C 50 15.07 2.77 -30.95
CA LEU C 50 14.54 2.19 -29.73
C LEU C 50 13.45 1.16 -30.03
N LEU C 51 12.61 1.45 -31.02
CA LEU C 51 11.56 0.49 -31.37
C LEU C 51 12.14 -0.72 -32.09
N LYS C 52 13.17 -0.51 -32.93
CA LYS C 52 13.79 -1.62 -33.66
C LYS C 52 14.64 -2.50 -32.74
N THR C 53 15.36 -1.91 -31.79
CA THR C 53 16.39 -2.64 -31.06
C THR C 53 15.84 -3.60 -30.02
N LEU C 54 14.70 -3.31 -29.41
CA LEU C 54 14.34 -3.95 -28.14
C LEU C 54 13.79 -5.38 -28.18
N GLU C 55 12.88 -5.76 -29.08
CA GLU C 55 12.27 -4.94 -30.11
C GLU C 55 10.78 -4.85 -29.86
N LEU C 56 10.28 -3.62 -29.71
CA LEU C 56 8.88 -3.38 -29.43
C LEU C 56 8.07 -3.41 -30.73
N PRO C 57 6.87 -4.00 -30.71
CA PRO C 57 6.02 -3.90 -31.90
C PRO C 57 5.55 -2.48 -32.06
N HIS C 58 5.55 -2.01 -33.30
CA HIS C 58 5.20 -0.62 -33.54
C HIS C 58 4.81 -0.46 -35.00
N VAL C 59 4.35 0.74 -35.30
CA VAL C 59 4.09 1.17 -36.66
C VAL C 59 4.59 2.60 -36.75
N PHE C 60 4.96 3.01 -37.96
CA PHE C 60 5.50 4.32 -38.20
C PHE C 60 4.82 4.84 -39.46
N VAL C 61 4.22 6.03 -39.39
CA VAL C 61 3.45 6.56 -40.51
C VAL C 61 3.71 8.04 -40.67
N ASN C 62 3.79 8.49 -41.92
CA ASN C 62 4.03 9.88 -42.26
C ASN C 62 2.70 10.54 -42.57
N CYS C 63 2.38 11.61 -41.83
CA CYS C 63 1.08 12.26 -41.95
C CYS C 63 0.95 13.10 -43.21
N VAL C 64 2.06 13.54 -43.79
CA VAL C 64 1.97 14.26 -45.05
C VAL C 64 1.79 13.29 -46.21
N GLU C 65 2.27 12.05 -46.05
CA GLU C 65 2.02 11.06 -47.08
C GLU C 65 0.55 10.69 -47.13
N CYS C 66 -0.03 10.37 -45.98
CA CYS C 66 -1.47 10.10 -45.89
C CYS C 66 -2.17 11.38 -45.50
N PHE C 67 -2.84 12.01 -46.45
CA PHE C 67 -3.61 13.21 -46.13
C PHE C 67 -5.00 12.88 -45.61
N THR C 68 -5.63 11.84 -46.13
CA THR C 68 -7.01 11.54 -45.81
C THR C 68 -7.08 10.60 -44.61
N LEU C 69 -8.30 10.31 -44.16
CA LEU C 69 -8.49 9.30 -43.13
C LEU C 69 -8.29 7.91 -43.69
N ARG C 70 -8.93 7.61 -44.82
CA ARG C 70 -8.82 6.28 -45.40
C ARG C 70 -7.36 5.85 -45.45
N LEU C 71 -6.50 6.70 -46.00
CA LEU C 71 -5.11 6.34 -46.19
C LEU C 71 -4.35 6.23 -44.87
N LEU C 72 -4.51 7.24 -44.00
CA LEU C 72 -3.79 7.22 -42.72
C LEU C 72 -4.23 6.03 -41.87
N LEU C 73 -5.54 5.84 -41.75
CA LEU C 73 -6.03 4.80 -40.86
C LEU C 73 -5.83 3.41 -41.45
N GLU C 74 -6.00 3.26 -42.76
CA GLU C 74 -5.73 1.96 -43.38
C GLU C 74 -4.26 1.58 -43.25
N GLN C 75 -3.34 2.54 -43.32
CA GLN C 75 -1.93 2.22 -43.12
C GLN C 75 -1.69 1.66 -41.74
N ILE C 76 -2.17 2.36 -40.70
CA ILE C 76 -1.95 1.91 -39.33
C ILE C 76 -2.55 0.54 -39.10
N LEU C 77 -3.76 0.30 -39.61
CA LEU C 77 -4.37 -1.01 -39.43
C LEU C 77 -3.58 -2.08 -40.19
N ASN C 78 -3.30 -1.83 -41.48
CA ASN C 78 -2.60 -2.83 -42.28
C ASN C 78 -1.24 -3.18 -41.68
N LYS C 79 -0.51 -2.18 -41.21
CA LYS C 79 0.86 -2.39 -40.76
C LYS C 79 0.93 -3.18 -39.46
N LEU C 80 -0.19 -3.51 -38.85
CA LEU C 80 -0.22 -4.35 -37.66
C LEU C 80 -0.34 -5.80 -38.11
N ASN C 81 0.70 -6.58 -37.83
CA ASN C 81 0.73 -8.00 -38.16
C ASN C 81 2.00 -8.65 -37.59
N THR C 95 -9.37 -4.80 -44.54
CA THR C 95 -9.04 -3.64 -43.72
C THR C 95 -9.40 -2.34 -44.42
N CYS C 96 -10.65 -2.24 -44.87
CA CYS C 96 -11.15 -0.98 -45.40
C CYS C 96 -11.61 -0.10 -44.24
N GLU C 97 -11.03 1.10 -44.14
CA GLU C 97 -11.16 1.95 -42.97
C GLU C 97 -11.51 3.37 -43.41
N THR C 98 -12.69 3.84 -42.99
CA THR C 98 -13.16 5.19 -43.32
C THR C 98 -12.99 6.18 -42.17
N PHE C 99 -13.69 5.96 -41.06
CA PHE C 99 -13.74 6.93 -39.97
C PHE C 99 -13.10 6.36 -38.70
N ASN C 100 -12.61 7.26 -37.85
CA ASN C 100 -11.93 6.85 -36.62
C ASN C 100 -12.81 5.95 -35.76
N ASP C 101 -14.11 5.94 -36.02
CA ASP C 101 -15.01 5.01 -35.32
C ASP C 101 -14.53 3.58 -35.48
N PHE C 102 -14.20 3.19 -36.71
CA PHE C 102 -13.84 1.80 -36.98
C PHE C 102 -12.38 1.48 -36.67
N VAL C 103 -11.51 2.48 -36.48
CA VAL C 103 -10.13 2.19 -36.08
C VAL C 103 -10.12 1.53 -34.71
N ARG C 104 -10.73 2.17 -33.71
CA ARG C 104 -10.82 1.56 -32.39
C ARG C 104 -11.50 0.20 -32.49
N LEU C 105 -12.49 0.08 -33.37
CA LEU C 105 -13.14 -1.20 -33.58
C LEU C 105 -12.15 -2.23 -34.10
N PHE C 106 -11.48 -1.92 -35.22
CA PHE C 106 -10.61 -2.89 -35.85
C PHE C 106 -9.19 -2.87 -35.30
N LYS C 107 -8.84 -1.86 -34.50
CA LYS C 107 -7.60 -1.97 -33.74
C LYS C 107 -7.81 -2.84 -32.51
N GLN C 108 -8.94 -2.62 -31.81
CA GLN C 108 -9.30 -3.48 -30.69
C GLN C 108 -9.48 -4.91 -31.15
N VAL C 109 -10.06 -5.13 -32.33
CA VAL C 109 -10.19 -6.45 -32.90
C VAL C 109 -8.84 -7.03 -33.33
N THR C 110 -7.79 -6.20 -33.38
CA THR C 110 -6.46 -6.71 -33.68
C THR C 110 -5.83 -7.04 -32.33
N THR C 111 -5.80 -8.32 -32.01
CA THR C 111 -5.13 -8.83 -30.82
C THR C 111 -4.77 -10.27 -31.09
N ALA C 112 -3.61 -10.68 -30.60
CA ALA C 112 -3.18 -12.07 -30.73
C ALA C 112 -2.10 -12.31 -29.69
N GLU C 113 -1.61 -13.54 -29.63
CA GLU C 113 -0.51 -13.84 -28.71
C GLU C 113 0.68 -12.93 -28.95
N ASN C 114 0.75 -12.30 -30.11
CA ASN C 114 1.79 -11.31 -30.38
C ASN C 114 1.47 -9.99 -29.67
N LEU C 115 0.27 -9.44 -29.88
CA LEU C 115 -0.11 -8.16 -29.29
C LEU C 115 -0.97 -8.27 -28.04
N LYS C 116 -1.35 -9.49 -27.61
CA LYS C 116 -2.34 -9.64 -26.56
C LYS C 116 -2.04 -8.74 -25.37
N ASP C 117 -1.02 -9.08 -24.60
CA ASP C 117 -0.58 -8.27 -23.47
C ASP C 117 0.79 -7.69 -23.80
N GLN C 118 0.81 -6.39 -24.10
CA GLN C 118 2.03 -5.67 -24.42
C GLN C 118 1.63 -4.27 -24.82
N THR C 119 2.59 -3.35 -24.74
CA THR C 119 2.34 -1.98 -25.18
C THR C 119 2.64 -1.86 -26.66
N VAL C 120 1.70 -1.30 -27.39
CA VAL C 120 1.82 -1.11 -28.83
C VAL C 120 2.06 0.36 -29.09
N TYR C 121 2.93 0.64 -30.06
CA TYR C 121 3.39 2.00 -30.32
C TYR C 121 2.99 2.41 -31.73
N ILE C 122 2.45 3.61 -31.85
CA ILE C 122 2.07 4.19 -33.13
C ILE C 122 2.77 5.54 -33.20
N VAL C 123 3.70 5.67 -34.13
CA VAL C 123 4.47 6.90 -34.27
C VAL C 123 3.91 7.65 -35.46
N LEU C 124 3.30 8.80 -35.20
CA LEU C 124 2.77 9.66 -36.26
C LEU C 124 3.79 10.77 -36.48
N ASP C 125 4.48 10.72 -37.62
CA ASP C 125 5.48 11.71 -37.96
C ASP C 125 4.82 12.89 -38.67
N LYS C 126 5.33 14.09 -38.38
CA LYS C 126 4.76 15.32 -38.94
C LYS C 126 3.28 15.44 -38.56
N ALA C 127 2.98 15.18 -37.28
CA ALA C 127 1.62 15.31 -36.79
C ALA C 127 1.07 16.72 -37.00
N GLU C 128 1.95 17.70 -37.23
CA GLU C 128 1.52 19.05 -37.50
C GLU C 128 0.51 19.12 -38.63
N TYR C 129 0.47 18.11 -39.48
CA TYR C 129 -0.48 18.04 -40.59
C TYR C 129 -1.79 17.39 -40.17
N LEU C 130 -1.83 16.74 -39.01
CA LEU C 130 -3.11 16.25 -38.48
C LEU C 130 -4.07 17.41 -38.22
N ARG C 131 -3.54 18.57 -37.80
CA ARG C 131 -4.38 19.71 -37.49
C ARG C 131 -5.30 20.09 -38.64
N ASP C 132 -4.90 19.80 -39.88
CA ASP C 132 -5.62 20.26 -41.05
C ASP C 132 -6.58 19.21 -41.61
N MET C 133 -6.66 18.04 -40.99
CA MET C 133 -7.35 16.91 -41.61
C MET C 133 -8.78 16.76 -41.12
N GLU C 134 -8.94 16.28 -39.91
CA GLU C 134 -10.25 15.95 -39.35
C GLU C 134 -10.26 16.42 -37.90
N ALA C 135 -11.34 17.10 -37.52
CA ALA C 135 -11.38 17.73 -36.19
C ALA C 135 -11.22 16.70 -35.07
N ASN C 136 -11.88 15.55 -35.19
CA ASN C 136 -11.92 14.58 -34.11
C ASN C 136 -10.74 13.62 -34.14
N LEU C 137 -9.84 13.75 -35.11
CA LEU C 137 -8.81 12.74 -35.29
C LEU C 137 -7.67 12.90 -34.29
N LEU C 138 -7.16 14.12 -34.12
CA LEU C 138 -6.11 14.31 -33.13
C LEU C 138 -6.60 14.02 -31.71
N PRO C 139 -7.78 14.47 -31.28
CA PRO C 139 -8.28 14.06 -29.96
C PRO C 139 -8.44 12.56 -29.83
N GLY C 140 -9.03 11.89 -30.83
CA GLY C 140 -9.21 10.46 -30.75
C GLY C 140 -7.89 9.73 -30.52
N PHE C 141 -6.80 10.24 -31.09
CA PHE C 141 -5.52 9.56 -30.95
C PHE C 141 -4.89 9.81 -29.58
N LEU C 142 -5.04 11.02 -29.04
CA LEU C 142 -4.46 11.31 -27.74
C LEU C 142 -5.03 10.40 -26.66
N ARG C 143 -6.33 10.11 -26.74
CA ARG C 143 -7.02 9.25 -25.79
C ARG C 143 -7.13 7.80 -26.25
N LEU C 144 -6.51 7.44 -27.38
CA LEU C 144 -6.75 6.14 -27.98
C LEU C 144 -6.57 5.00 -26.98
N GLN C 145 -5.73 5.19 -25.96
CA GLN C 145 -5.50 4.12 -25.00
C GLN C 145 -6.80 3.68 -24.36
N GLU C 146 -7.50 4.62 -23.69
CA GLU C 146 -8.73 4.26 -23.00
C GLU C 146 -9.91 4.11 -23.94
N LEU C 147 -9.82 4.62 -25.17
CA LEU C 147 -10.90 4.41 -26.14
C LEU C 147 -11.00 2.94 -26.53
N ALA C 148 -9.87 2.33 -26.90
CA ALA C 148 -9.82 0.89 -27.11
C ALA C 148 -9.34 0.11 -25.89
N ASP C 149 -8.77 0.78 -24.88
CA ASP C 149 -8.28 0.11 -23.65
C ASP C 149 -7.33 -1.04 -24.00
N ARG C 150 -6.60 -0.91 -25.10
CA ARG C 150 -5.74 -1.96 -25.61
C ARG C 150 -4.27 -1.82 -25.21
N ASN C 151 -3.94 -0.87 -24.34
CA ASN C 151 -2.55 -0.62 -23.97
C ASN C 151 -1.75 -0.16 -25.19
N VAL C 152 -2.09 1.06 -25.62
CA VAL C 152 -1.48 1.69 -26.77
C VAL C 152 -0.72 2.92 -26.32
N THR C 153 0.27 3.31 -27.10
CA THR C 153 0.95 4.59 -26.91
C THR C 153 1.08 5.24 -28.28
N VAL C 154 0.42 6.36 -28.45
CA VAL C 154 0.52 7.14 -29.68
C VAL C 154 1.65 8.13 -29.50
N LEU C 155 2.61 8.12 -30.43
CA LEU C 155 3.77 8.98 -30.34
C LEU C 155 3.68 10.02 -31.45
N PHE C 156 3.42 11.27 -31.07
CA PHE C 156 3.43 12.36 -32.01
C PHE C 156 4.80 13.03 -31.97
N LEU C 157 5.34 13.35 -33.15
CA LEU C 157 6.52 14.18 -33.25
C LEU C 157 6.34 15.14 -34.40
N SER C 158 6.62 16.41 -34.16
CA SER C 158 6.46 17.46 -35.16
C SER C 158 7.36 18.63 -34.78
N GLU C 159 7.59 19.52 -35.74
CA GLU C 159 8.41 20.71 -35.52
C GLU C 159 7.60 21.87 -34.97
N ILE C 160 6.31 21.66 -34.68
CA ILE C 160 5.42 22.73 -34.24
C ILE C 160 5.16 22.55 -32.75
N VAL C 161 5.18 23.67 -32.02
CA VAL C 161 4.98 23.62 -30.58
C VAL C 161 3.57 23.09 -30.27
N TRP C 162 3.46 22.38 -29.16
CA TRP C 162 2.18 21.79 -28.76
C TRP C 162 1.12 22.85 -28.54
N GLU C 163 1.51 24.07 -28.17
CA GLU C 163 0.55 25.12 -27.89
C GLU C 163 -0.38 25.40 -29.06
N LYS C 164 0.02 25.04 -30.28
CA LYS C 164 -0.79 25.36 -31.44
C LYS C 164 -1.75 24.23 -31.84
N PHE C 165 -1.66 23.08 -31.19
CA PHE C 165 -2.50 21.95 -31.52
C PHE C 165 -3.83 21.93 -30.77
N ARG C 166 -3.96 22.71 -29.71
CA ARG C 166 -5.07 22.53 -28.80
C ARG C 166 -6.39 22.91 -29.46
N PRO C 167 -7.43 22.05 -29.38
CA PRO C 167 -8.73 22.42 -29.93
C PRO C 167 -9.62 23.15 -28.94
N ASN C 168 -10.81 23.53 -29.41
CA ASN C 168 -11.73 24.31 -28.58
C ASN C 168 -12.21 23.52 -27.37
N THR C 169 -12.79 22.34 -27.62
CA THR C 169 -13.32 21.52 -26.53
C THR C 169 -12.22 20.87 -25.70
N GLY C 170 -10.98 20.93 -26.14
CA GLY C 170 -9.87 20.37 -25.39
C GLY C 170 -9.48 18.97 -25.84
N CYS C 171 -8.65 18.36 -25.02
CA CYS C 171 -8.11 17.03 -25.32
C CYS C 171 -7.40 16.48 -24.08
N PHE C 172 -6.89 15.27 -24.22
CA PHE C 172 -6.03 14.68 -23.21
C PHE C 172 -4.61 15.18 -23.46
N GLU C 173 -4.07 15.96 -22.53
CA GLU C 173 -2.79 16.63 -22.76
C GLU C 173 -1.69 15.57 -22.74
N PRO C 174 -0.89 15.43 -23.78
CA PRO C 174 0.17 14.43 -23.78
C PRO C 174 1.36 14.93 -22.99
N PHE C 175 2.38 14.08 -22.89
CA PHE C 175 3.65 14.51 -22.32
C PHE C 175 4.47 15.17 -23.41
N VAL C 176 4.86 16.41 -23.19
CA VAL C 176 5.60 17.18 -24.17
C VAL C 176 7.09 16.99 -23.87
N LEU C 177 7.78 16.29 -24.77
CA LEU C 177 9.20 16.01 -24.66
C LEU C 177 9.95 16.87 -25.66
N TYR C 178 11.00 17.52 -25.20
CA TYR C 178 11.77 18.45 -26.02
C TYR C 178 13.06 17.78 -26.48
N PHE C 179 13.22 17.66 -27.80
CA PHE C 179 14.48 17.21 -28.35
C PHE C 179 15.31 18.42 -28.75
N PRO C 180 16.35 18.79 -28.00
CA PRO C 180 17.03 20.06 -28.28
C PRO C 180 17.86 20.02 -29.55
N ASP C 181 18.04 21.20 -30.13
CA ASP C 181 18.90 21.34 -31.29
C ASP C 181 20.32 20.89 -30.95
N TYR C 182 21.00 20.35 -31.94
CA TYR C 182 22.40 19.97 -31.75
C TYR C 182 23.28 21.21 -31.71
N SER C 183 24.20 21.22 -30.74
CA SER C 183 25.17 22.30 -30.63
C SER C 183 26.24 22.12 -31.71
N ILE C 184 27.19 23.06 -31.75
CA ILE C 184 28.30 22.90 -32.70
C ILE C 184 29.17 21.74 -32.27
N GLY C 185 29.30 21.51 -30.96
CA GLY C 185 30.06 20.36 -30.49
C GLY C 185 29.34 19.05 -30.72
N ASN C 186 28.03 19.01 -30.44
CA ASN C 186 27.25 17.82 -30.72
C ASN C 186 27.30 17.45 -32.18
N LEU C 187 27.28 18.45 -33.07
CA LEU C 187 27.34 18.19 -34.50
C LEU C 187 28.67 17.52 -34.87
N GLN C 188 29.78 18.12 -34.48
CA GLN C 188 31.08 17.57 -34.85
C GLN C 188 31.22 16.12 -34.36
N LYS C 189 30.88 15.87 -33.10
CA LYS C 189 31.03 14.52 -32.54
C LYS C 189 30.16 13.51 -33.28
N ILE C 190 28.95 13.91 -33.67
CA ILE C 190 28.09 13.04 -34.47
C ILE C 190 28.56 13.04 -35.92
N LEU C 191 28.87 14.22 -36.44
CA LEU C 191 29.13 14.39 -37.86
C LEU C 191 30.48 13.84 -38.25
N SER C 192 31.49 14.03 -37.40
CA SER C 192 32.88 13.74 -37.78
C SER C 192 33.25 12.29 -37.56
N HIS C 193 33.43 11.90 -36.29
CA HIS C 193 34.18 10.69 -35.97
C HIS C 193 33.52 9.41 -36.43
N ASP C 194 32.29 9.44 -36.94
CA ASP C 194 31.60 8.20 -37.27
C ASP C 194 31.78 7.76 -38.72
N HIS C 195 32.46 8.54 -39.58
CA HIS C 195 32.93 8.05 -40.87
C HIS C 195 34.27 8.68 -41.22
N PRO C 196 35.34 8.24 -40.57
CA PRO C 196 36.70 8.57 -41.02
C PRO C 196 37.23 7.50 -41.95
N PRO C 197 36.86 7.51 -43.24
CA PRO C 197 37.04 6.31 -44.06
C PRO C 197 38.48 5.91 -44.37
N GLU C 198 39.28 6.81 -44.93
CA GLU C 198 40.62 6.47 -45.40
C GLU C 198 41.75 6.96 -44.50
N TYR C 199 41.45 7.73 -43.46
CA TYR C 199 42.48 8.39 -42.66
C TYR C 199 42.21 8.16 -41.19
N SER C 200 43.11 8.67 -40.36
CA SER C 200 42.87 8.74 -38.92
C SER C 200 41.64 9.58 -38.66
N ALA C 201 40.89 9.19 -37.62
CA ALA C 201 39.70 9.96 -37.27
C ALA C 201 40.04 11.34 -36.75
N ASP C 202 41.29 11.55 -36.30
CA ASP C 202 41.72 12.88 -35.89
C ASP C 202 41.87 13.81 -37.08
N PHE C 203 42.31 13.28 -38.23
CA PHE C 203 42.40 14.09 -39.43
C PHE C 203 41.00 14.51 -39.91
N TYR C 204 40.06 13.56 -39.96
CA TYR C 204 38.70 13.89 -40.34
C TYR C 204 38.05 14.82 -39.32
N ALA C 205 38.48 14.74 -38.07
CA ALA C 205 37.97 15.65 -37.05
C ALA C 205 38.34 17.09 -37.37
N ALA C 206 39.65 17.35 -37.52
CA ALA C 206 40.09 18.69 -37.88
C ALA C 206 39.43 19.17 -39.17
N TYR C 207 39.10 18.25 -40.07
CA TYR C 207 38.35 18.62 -41.26
C TYR C 207 36.98 19.17 -40.90
N ILE C 208 36.21 18.41 -40.12
CA ILE C 208 34.86 18.83 -39.76
C ILE C 208 34.92 20.11 -38.93
N ASN C 209 35.80 20.15 -37.93
CA ASN C 209 35.95 21.36 -37.14
C ASN C 209 36.11 22.60 -38.01
N ILE C 210 36.74 22.45 -39.17
CA ILE C 210 36.85 23.55 -40.12
C ILE C 210 35.55 23.72 -40.89
N LEU C 211 34.92 22.61 -41.28
CA LEU C 211 33.67 22.67 -42.00
C LEU C 211 32.63 23.46 -41.21
N LEU C 212 32.41 23.09 -39.95
CA LEU C 212 31.47 23.82 -39.11
C LEU C 212 31.92 25.26 -38.90
N GLY C 213 33.22 25.47 -38.73
CA GLY C 213 33.75 26.82 -38.50
C GLY C 213 33.33 27.81 -39.56
N VAL C 214 32.89 27.31 -40.71
CA VAL C 214 32.38 28.16 -41.78
C VAL C 214 30.86 28.11 -41.80
N PHE C 215 30.31 26.93 -42.08
CA PHE C 215 28.89 26.81 -42.41
C PHE C 215 27.96 26.85 -41.20
N TYR C 216 28.47 26.77 -39.98
CA TYR C 216 27.60 26.62 -38.82
C TYR C 216 26.65 27.80 -38.67
N THR C 217 27.19 29.03 -38.70
CA THR C 217 26.38 30.22 -38.45
C THR C 217 25.24 30.38 -39.44
N VAL C 218 25.25 29.64 -40.55
CA VAL C 218 24.20 29.71 -41.55
C VAL C 218 23.34 28.45 -41.54
N CYS C 219 23.95 27.29 -41.81
CA CYS C 219 23.23 26.02 -41.89
C CYS C 219 23.56 25.20 -40.64
N ARG C 220 22.56 25.01 -39.78
CA ARG C 220 22.67 24.15 -38.61
C ARG C 220 22.12 22.75 -38.84
N ASP C 221 21.57 22.47 -40.02
CA ASP C 221 20.97 21.17 -40.28
C ASP C 221 22.06 20.11 -40.37
N LEU C 222 21.96 19.07 -39.53
CA LEU C 222 22.93 17.99 -39.57
C LEU C 222 22.89 17.29 -40.92
N LYS C 223 21.71 17.18 -41.52
CA LYS C 223 21.58 16.50 -42.81
C LYS C 223 22.42 17.19 -43.88
N GLU C 224 22.31 18.51 -43.98
CA GLU C 224 23.03 19.23 -45.02
C GLU C 224 24.52 19.31 -44.71
N LEU C 225 24.89 19.45 -43.44
CA LEU C 225 26.30 19.46 -43.09
C LEU C 225 26.99 18.17 -43.49
N ARG C 226 26.28 17.04 -43.36
CA ARG C 226 26.85 15.77 -43.80
C ARG C 226 27.12 15.78 -45.30
N HIS C 227 26.22 16.37 -46.07
CA HIS C 227 26.45 16.52 -47.50
C HIS C 227 27.76 17.27 -47.75
N LEU C 228 27.81 18.54 -47.34
CA LEU C 228 29.03 19.32 -47.54
C LEU C 228 30.25 18.62 -46.95
N ALA C 229 30.10 17.91 -45.83
CA ALA C 229 31.21 17.16 -45.26
C ALA C 229 31.73 16.12 -46.26
N VAL C 230 30.82 15.48 -46.99
CA VAL C 230 31.21 14.51 -48.01
C VAL C 230 31.68 15.22 -49.26
N LEU C 231 31.01 16.31 -49.64
CA LEU C 231 31.30 16.98 -50.90
C LEU C 231 32.73 17.50 -50.93
N ASN C 232 33.10 18.33 -49.95
CA ASN C 232 34.36 19.06 -49.98
C ASN C 232 35.51 18.29 -49.33
N PHE C 233 35.30 17.06 -48.90
CA PHE C 233 36.38 16.28 -48.29
C PHE C 233 37.52 16.01 -49.26
N PRO C 234 37.27 15.58 -50.50
CA PRO C 234 38.40 15.34 -51.40
C PRO C 234 39.31 16.54 -51.59
N LYS C 235 38.75 17.73 -51.84
CA LYS C 235 39.60 18.89 -52.06
C LYS C 235 40.38 19.27 -50.81
N TYR C 236 39.85 18.97 -49.62
CA TYR C 236 40.54 19.32 -48.38
C TYR C 236 41.85 18.54 -48.27
N CYS C 237 41.81 17.25 -48.53
CA CYS C 237 42.98 16.39 -48.39
C CYS C 237 43.79 16.26 -49.67
N GLU C 238 43.44 16.99 -50.72
CA GLU C 238 44.21 16.92 -51.96
C GLU C 238 45.67 17.32 -51.75
N PRO C 239 46.00 18.36 -50.97
CA PRO C 239 47.42 18.65 -50.72
C PRO C 239 48.16 17.53 -50.00
N VAL C 240 47.47 16.58 -49.39
CA VAL C 240 48.15 15.47 -48.72
C VAL C 240 48.75 14.53 -49.75
N VAL C 241 47.93 14.04 -50.68
CA VAL C 241 48.42 13.12 -51.69
C VAL C 241 49.42 13.79 -52.61
N LYS C 242 49.38 15.11 -52.73
CA LYS C 242 50.31 15.86 -53.57
C LYS C 242 51.51 16.40 -52.82
N GLY C 243 51.65 16.06 -51.53
CA GLY C 243 52.88 16.35 -50.81
C GLY C 243 53.08 17.81 -50.47
N GLU C 244 52.07 18.45 -49.89
CA GLU C 244 52.15 19.86 -49.53
C GLU C 244 51.61 20.09 -48.11
N ARG C 251 50.28 20.02 -41.81
CA ARG C 251 48.97 20.27 -41.24
C ARG C 251 48.50 21.67 -41.64
N LYS C 252 47.45 22.16 -40.97
CA LYS C 252 46.89 23.49 -41.21
C LYS C 252 46.50 23.66 -42.68
N LEU C 253 45.49 22.88 -43.06
CA LEU C 253 44.86 23.03 -44.37
C LEU C 253 43.62 23.90 -44.32
N TRP C 254 43.30 24.46 -43.14
CA TRP C 254 42.20 25.41 -43.05
C TRP C 254 42.35 26.51 -44.10
N ARG C 255 43.58 26.97 -44.34
CA ARG C 255 43.81 27.96 -45.37
C ARG C 255 43.40 27.46 -46.75
N ASN C 256 43.58 26.17 -47.01
CA ASN C 256 43.32 25.64 -48.34
C ASN C 256 41.86 25.79 -48.73
N ILE C 257 40.96 25.17 -47.95
CA ILE C 257 39.57 25.03 -48.38
C ILE C 257 38.66 26.17 -47.92
N GLU C 258 39.09 27.02 -46.99
CA GLU C 258 38.16 28.00 -46.43
C GLU C 258 37.55 28.88 -47.50
N PRO C 259 38.30 29.48 -48.44
CA PRO C 259 37.62 30.24 -49.51
C PRO C 259 36.74 29.37 -50.38
N HIS C 260 37.10 28.10 -50.58
CA HIS C 260 36.23 27.20 -51.32
C HIS C 260 34.95 26.94 -50.53
N LEU C 261 35.09 26.69 -49.22
CA LEU C 261 33.92 26.50 -48.38
C LEU C 261 33.02 27.74 -48.42
N LYS C 262 33.62 28.92 -48.32
CA LYS C 262 32.85 30.16 -48.34
C LYS C 262 32.23 30.41 -49.71
N LYS C 263 32.80 29.81 -50.77
CA LYS C 263 32.15 29.85 -52.08
C LYS C 263 30.81 29.14 -52.04
N ALA C 264 30.75 27.99 -51.34
CA ALA C 264 29.51 27.24 -51.26
C ALA C 264 28.54 27.81 -50.23
N MET C 265 29.06 28.48 -49.20
CA MET C 265 28.20 28.95 -48.11
C MET C 265 27.12 29.90 -48.63
N GLN C 266 27.55 31.00 -49.24
CA GLN C 266 26.61 32.04 -49.66
C GLN C 266 25.80 31.65 -50.89
N THR C 267 26.10 30.50 -51.50
CA THR C 267 25.37 30.01 -52.66
C THR C 267 24.38 28.90 -52.29
N VAL C 268 24.90 27.77 -51.81
CA VAL C 268 24.05 26.64 -51.41
C VAL C 268 23.05 27.09 -50.35
N GLU D 20 -28.34 -11.26 39.03
CA GLU D 20 -27.83 -9.89 38.94
C GLU D 20 -27.68 -9.26 40.32
N ALA D 21 -27.75 -10.06 41.38
CA ALA D 21 -27.74 -9.52 42.73
C ALA D 21 -26.32 -9.22 43.20
N ARG D 22 -25.55 -10.26 43.53
CA ARG D 22 -24.15 -10.08 43.87
C ARG D 22 -23.27 -9.99 42.62
N LEU D 23 -23.84 -10.20 41.43
CA LEU D 23 -23.12 -9.95 40.19
C LEU D 23 -23.03 -8.46 39.90
N ARG D 24 -24.02 -7.68 40.33
CA ARG D 24 -23.97 -6.23 40.18
C ARG D 24 -22.83 -5.63 41.01
N LEU D 25 -22.34 -6.36 42.02
CA LEU D 25 -21.19 -5.90 42.77
C LEU D 25 -19.90 -6.05 41.96
N HIS D 26 -19.88 -6.98 41.01
CA HIS D 26 -18.77 -7.03 40.05
C HIS D 26 -18.64 -5.70 39.33
N VAL D 27 -19.76 -5.20 38.80
CA VAL D 27 -19.76 -4.03 37.92
C VAL D 27 -19.21 -2.79 38.61
N SER D 28 -19.19 -2.75 39.94
CA SER D 28 -18.89 -1.53 40.66
C SER D 28 -17.42 -1.35 41.03
N ALA D 29 -16.57 -2.36 40.79
CA ALA D 29 -15.18 -2.29 41.21
C ALA D 29 -14.24 -1.59 40.23
N VAL D 30 -14.33 -1.86 38.93
CA VAL D 30 -13.21 -1.56 38.03
C VAL D 30 -12.88 -0.06 38.00
N PRO D 31 -13.74 0.85 37.49
CA PRO D 31 -13.61 2.27 37.89
C PRO D 31 -14.59 2.66 39.00
N GLU D 32 -14.56 3.91 39.48
CA GLU D 32 -15.45 4.34 40.57
C GLU D 32 -15.42 5.87 40.69
N SER D 33 -16.19 6.35 41.66
CA SER D 33 -16.26 7.76 42.08
C SER D 33 -17.17 7.75 43.33
N LEU D 34 -17.21 8.77 44.20
CA LEU D 34 -16.36 9.96 44.24
C LEU D 34 -15.27 9.85 45.33
N PRO D 35 -14.41 10.85 45.48
CA PRO D 35 -13.23 10.71 46.35
C PRO D 35 -13.55 10.56 47.83
N CYS D 36 -12.71 9.80 48.51
CA CYS D 36 -12.61 9.79 49.95
C CYS D 36 -11.46 10.65 50.47
N ARG D 37 -10.76 11.37 49.59
CA ARG D 37 -9.81 12.39 50.02
C ARG D 37 -10.57 13.71 50.08
N GLU D 38 -10.97 14.12 51.27
CA GLU D 38 -11.70 15.36 51.44
C GLU D 38 -10.78 16.56 51.64
N GLN D 39 -9.76 16.39 52.48
CA GLN D 39 -8.91 17.51 52.87
C GLN D 39 -7.87 17.82 51.80
N GLU D 40 -7.25 16.77 51.24
CA GLU D 40 -6.31 16.97 50.15
C GLU D 40 -6.98 17.67 48.98
N PHE D 41 -8.16 17.16 48.59
CA PHE D 41 -8.95 17.81 47.55
C PHE D 41 -9.08 19.29 47.83
N GLN D 42 -9.42 19.65 49.07
CA GLN D 42 -9.56 21.05 49.45
C GLN D 42 -8.28 21.82 49.19
N ASP D 43 -7.13 21.21 49.52
CA ASP D 43 -5.86 21.89 49.33
C ASP D 43 -5.58 22.14 47.85
N ILE D 44 -5.70 21.11 47.03
CA ILE D 44 -5.40 21.23 45.60
C ILE D 44 -6.37 22.20 44.94
N TYR D 45 -7.65 22.10 45.30
CA TYR D 45 -8.65 23.03 44.77
C TYR D 45 -8.26 24.47 45.05
N ASN D 46 -7.83 24.75 46.28
CA ASN D 46 -7.49 26.12 46.66
C ASN D 46 -6.21 26.62 46.00
N PHE D 47 -5.27 25.72 45.72
CA PHE D 47 -4.03 26.12 45.04
C PHE D 47 -4.33 26.62 43.63
N VAL D 48 -5.06 25.83 42.84
CA VAL D 48 -5.35 26.21 41.46
C VAL D 48 -6.15 27.50 41.42
N GLU D 49 -7.17 27.61 42.28
CA GLU D 49 -7.98 28.82 42.30
C GLU D 49 -7.15 30.03 42.73
N SER D 50 -6.23 29.83 43.66
CA SER D 50 -5.39 30.94 44.12
C SER D 50 -4.61 31.54 42.95
N LYS D 51 -3.80 30.71 42.27
CA LYS D 51 -3.07 31.20 41.11
C LYS D 51 -4.02 31.68 40.01
N LEU D 52 -5.19 31.05 39.91
CA LEU D 52 -6.12 31.42 38.84
C LEU D 52 -6.75 32.77 39.10
N LEU D 53 -7.04 33.09 40.36
CA LEU D 53 -7.57 34.41 40.69
C LEU D 53 -6.54 35.50 40.44
N ASP D 54 -5.28 35.24 40.81
CA ASP D 54 -4.23 36.24 40.69
C ASP D 54 -3.91 36.60 39.25
N HIS D 55 -4.44 35.87 38.27
CA HIS D 55 -4.03 35.99 36.89
C HIS D 55 -2.54 35.67 36.71
N THR D 56 -2.01 34.86 37.64
CA THR D 56 -0.61 34.50 37.68
C THR D 56 -0.49 32.98 37.69
N GLY D 57 0.70 32.45 37.97
CA GLY D 57 0.95 31.04 37.78
C GLY D 57 1.89 30.49 38.84
N GLY D 58 2.07 29.17 38.78
CA GLY D 58 2.89 28.47 39.75
C GLY D 58 2.84 26.99 39.46
N CYS D 59 3.55 26.24 40.29
CA CYS D 59 3.63 24.79 40.13
C CYS D 59 3.59 24.11 41.50
N MET D 60 2.88 23.00 41.57
CA MET D 60 2.76 22.22 42.79
C MET D 60 3.04 20.76 42.45
N TYR D 61 3.95 20.14 43.18
CA TYR D 61 4.34 18.75 42.95
C TYR D 61 3.60 17.84 43.92
N ILE D 62 3.05 16.76 43.39
CA ILE D 62 2.21 15.84 44.14
C ILE D 62 2.89 14.48 44.17
N SER D 63 3.26 14.03 45.36
CA SER D 63 3.89 12.74 45.57
C SER D 63 2.86 11.73 46.07
N GLY D 64 3.29 10.49 46.23
CA GLY D 64 2.46 9.48 46.84
C GLY D 64 2.81 8.09 46.33
N VAL D 65 2.13 7.10 46.93
CA VAL D 65 2.27 5.70 46.54
C VAL D 65 1.37 5.47 45.33
N PRO D 66 1.63 4.47 44.48
CA PRO D 66 0.84 4.33 43.25
C PRO D 66 -0.66 4.13 43.44
N GLY D 67 -1.14 3.80 44.63
CA GLY D 67 -2.56 3.53 44.79
C GLY D 67 -3.37 4.59 45.54
N THR D 68 -2.86 5.81 45.68
CA THR D 68 -3.43 6.74 46.64
C THR D 68 -4.48 7.69 46.05
N GLY D 69 -4.83 7.54 44.78
CA GLY D 69 -5.88 8.37 44.21
C GLY D 69 -5.45 9.76 43.79
N LYS D 70 -4.18 9.94 43.41
CA LYS D 70 -3.70 11.26 43.04
C LYS D 70 -4.39 11.76 41.78
N THR D 71 -4.33 10.97 40.70
CA THR D 71 -4.89 11.43 39.43
C THR D 71 -6.40 11.59 39.52
N ALA D 72 -7.07 10.70 40.27
CA ALA D 72 -8.50 10.84 40.47
C ALA D 72 -8.83 12.15 41.17
N THR D 73 -8.13 12.45 42.27
CA THR D 73 -8.36 13.69 43.00
C THR D 73 -8.24 14.90 42.09
N VAL D 74 -7.21 14.93 41.23
CA VAL D 74 -7.02 16.06 40.34
C VAL D 74 -8.21 16.21 39.40
N HIS D 75 -8.60 15.12 38.75
CA HIS D 75 -9.72 15.18 37.81
C HIS D 75 -10.98 15.73 38.48
N GLU D 76 -11.28 15.28 39.69
CA GLU D 76 -12.42 15.84 40.41
C GLU D 76 -12.21 17.34 40.63
N VAL D 77 -11.07 17.72 41.20
CA VAL D 77 -10.78 19.14 41.41
C VAL D 77 -10.97 19.92 40.12
N ILE D 78 -10.68 19.30 38.98
CA ILE D 78 -10.88 19.97 37.70
C ILE D 78 -12.37 20.14 37.44
N ARG D 79 -13.13 19.05 37.50
CA ARG D 79 -14.56 19.12 37.22
C ARG D 79 -15.23 20.22 38.03
N CYS D 80 -15.00 20.24 39.34
CA CYS D 80 -15.60 21.27 40.18
C CYS D 80 -15.06 22.65 39.83
N LEU D 81 -13.75 22.76 39.62
CA LEU D 81 -13.19 24.05 39.22
C LEU D 81 -13.74 24.49 37.88
N GLN D 82 -14.06 23.55 36.99
CA GLN D 82 -14.71 23.92 35.73
C GLN D 82 -16.13 24.37 35.97
N GLN D 83 -16.84 23.72 36.89
CA GLN D 83 -18.17 24.19 37.27
C GLN D 83 -18.12 25.64 37.75
N ALA D 84 -17.18 25.96 38.64
CA ALA D 84 -17.06 27.31 39.16
C ALA D 84 -16.84 28.32 38.05
N ALA D 85 -16.10 27.95 37.01
CA ALA D 85 -15.87 28.85 35.89
C ALA D 85 -17.14 29.12 35.10
N GLN D 86 -18.14 28.26 35.21
CA GLN D 86 -19.41 28.49 34.53
C GLN D 86 -20.28 29.49 35.29
N ALA D 87 -20.22 29.49 36.62
CA ALA D 87 -20.97 30.43 37.43
C ALA D 87 -20.25 31.76 37.60
N ASN D 88 -19.08 31.93 36.97
CA ASN D 88 -18.25 33.12 37.12
C ASN D 88 -17.69 33.26 38.53
N ASP D 89 -17.60 32.17 39.28
CA ASP D 89 -16.95 32.22 40.58
C ASP D 89 -15.45 32.43 40.44
N VAL D 90 -14.86 31.77 39.45
CA VAL D 90 -13.41 31.85 39.23
C VAL D 90 -13.18 32.16 37.76
N PRO D 91 -12.04 32.75 37.42
CA PRO D 91 -11.76 33.02 36.02
C PRO D 91 -11.74 31.75 35.22
N PRO D 92 -12.07 31.80 33.91
CA PRO D 92 -11.96 30.62 33.04
C PRO D 92 -10.52 30.37 32.59
N PHE D 93 -10.27 29.43 31.67
CA PHE D 93 -11.09 28.25 31.39
C PHE D 93 -10.17 27.03 31.21
N GLN D 94 -9.32 27.16 30.19
CA GLN D 94 -8.63 26.05 29.53
C GLN D 94 -7.80 25.20 30.47
N TYR D 95 -7.72 23.91 30.14
CA TYR D 95 -6.99 22.92 30.92
C TYR D 95 -6.36 21.90 29.98
N ILE D 96 -5.18 21.41 30.34
CA ILE D 96 -4.44 20.44 29.53
C ILE D 96 -3.77 19.43 30.45
N GLU D 97 -3.82 18.16 30.05
CA GLU D 97 -3.15 17.10 30.80
C GLU D 97 -2.38 16.21 29.84
N VAL D 98 -1.23 15.71 30.31
CA VAL D 98 -0.42 14.77 29.54
C VAL D 98 0.27 13.86 30.53
N ASN D 99 0.35 12.57 30.19
CA ASN D 99 0.94 11.57 31.06
C ASN D 99 2.27 11.10 30.47
N GLY D 100 3.27 10.94 31.34
CA GLY D 100 4.60 10.59 30.86
C GLY D 100 4.68 9.17 30.32
N MET D 101 4.11 8.20 31.03
CA MET D 101 4.19 6.81 30.60
C MET D 101 3.36 6.51 29.36
N LYS D 102 2.58 7.47 28.88
CA LYS D 102 1.82 7.31 27.64
C LYS D 102 2.60 7.71 26.40
N LEU D 103 3.87 8.08 26.53
CA LEU D 103 4.68 8.59 25.43
C LEU D 103 5.77 7.62 25.03
N THR D 104 6.13 7.69 23.74
CA THR D 104 7.27 6.92 23.25
C THR D 104 8.58 7.54 23.71
N GLU D 105 8.71 8.85 23.54
CA GLU D 105 9.90 9.58 23.96
C GLU D 105 9.49 10.80 24.77
N PRO D 106 10.28 11.19 25.77
CA PRO D 106 9.90 12.35 26.58
C PRO D 106 9.60 13.61 25.79
N HIS D 107 10.33 13.87 24.70
CA HIS D 107 10.19 15.14 24.00
C HIS D 107 8.85 15.29 23.29
N GLN D 108 8.11 14.19 23.10
CA GLN D 108 6.77 14.32 22.51
C GLN D 108 5.85 15.15 23.40
N VAL D 109 6.21 15.35 24.67
CA VAL D 109 5.40 16.21 25.54
C VAL D 109 5.17 17.55 24.88
N TYR D 110 6.25 18.17 24.40
CA TYR D 110 6.14 19.49 23.79
C TYR D 110 5.14 19.51 22.66
N VAL D 111 5.02 18.42 21.91
CA VAL D 111 4.03 18.36 20.83
C VAL D 111 2.63 18.34 21.41
N GLN D 112 2.37 17.43 22.36
CA GLN D 112 1.09 17.38 23.04
C GLN D 112 0.68 18.75 23.51
N ILE D 113 1.44 19.33 24.45
CA ILE D 113 1.09 20.63 25.01
C ILE D 113 0.75 21.60 23.90
N LEU D 114 1.63 21.70 22.90
CA LEU D 114 1.38 22.59 21.78
C LEU D 114 0.11 22.20 21.04
N GLN D 115 -0.08 20.90 20.80
CA GLN D 115 -1.25 20.47 20.04
C GLN D 115 -2.53 20.82 20.78
N LYS D 116 -2.53 20.71 22.11
CA LYS D 116 -3.73 21.06 22.87
C LYS D 116 -3.97 22.56 22.87
N LEU D 117 -2.91 23.35 22.96
CA LEU D 117 -2.99 24.80 22.80
C LEU D 117 -3.05 25.11 21.30
N THR D 118 -2.89 26.39 20.96
CA THR D 118 -2.74 26.76 19.56
C THR D 118 -1.35 26.38 19.07
N GLY D 119 -1.10 26.61 17.78
CA GLY D 119 0.13 26.22 17.14
C GLY D 119 0.12 24.80 16.60
N GLN D 120 -0.73 23.94 17.14
CA GLN D 120 -0.98 22.60 16.61
C GLN D 120 0.30 21.81 16.42
N LYS D 121 0.58 21.37 15.19
CA LYS D 121 1.64 20.40 14.94
C LYS D 121 2.97 21.11 14.74
N ALA D 122 4.00 20.63 15.43
CA ALA D 122 5.36 21.14 15.28
C ALA D 122 6.32 20.07 15.77
N THR D 123 7.59 20.23 15.41
CA THR D 123 8.62 19.36 15.91
C THR D 123 8.87 19.65 17.39
N ALA D 124 9.47 18.68 18.09
CA ALA D 124 9.75 18.86 19.50
C ALA D 124 10.59 20.11 19.74
N ASN D 125 11.56 20.37 18.85
CA ASN D 125 12.36 21.58 18.98
C ASN D 125 11.52 22.82 18.69
N HIS D 126 10.81 22.83 17.56
CA HIS D 126 9.99 23.99 17.20
C HIS D 126 8.84 24.17 18.18
N ALA D 127 8.26 23.07 18.65
CA ALA D 127 7.19 23.16 19.64
C ALA D 127 7.68 23.84 20.92
N ALA D 128 8.77 23.32 21.49
CA ALA D 128 9.34 23.91 22.69
C ALA D 128 9.62 25.39 22.50
N GLU D 129 10.11 25.77 21.31
CA GLU D 129 10.34 27.18 21.03
C GLU D 129 9.06 27.99 21.09
N LEU D 130 7.97 27.42 20.56
CA LEU D 130 6.69 28.14 20.58
C LEU D 130 6.13 28.22 22.00
N LEU D 131 6.12 27.10 22.72
CA LEU D 131 5.57 27.11 24.07
C LEU D 131 6.33 28.08 24.97
N ALA D 132 7.65 28.17 24.81
CA ALA D 132 8.40 29.19 25.54
C ALA D 132 7.92 30.58 25.19
N LYS D 133 7.59 30.81 23.92
CA LYS D 133 7.10 32.11 23.48
C LYS D 133 5.73 32.42 24.06
N GLN D 134 4.84 31.42 24.11
CA GLN D 134 3.53 31.62 24.71
C GLN D 134 3.67 32.07 26.16
N PHE D 135 4.66 31.55 26.86
CA PHE D 135 4.88 31.86 28.27
C PHE D 135 5.86 33.01 28.46
N CYS D 136 6.27 33.67 27.39
CA CYS D 136 7.05 34.90 27.52
C CYS D 136 6.89 35.77 26.27
N THR D 144 -4.92 32.37 31.20
CA THR D 144 -4.34 31.39 32.10
C THR D 144 -4.56 29.97 31.56
N THR D 145 -3.72 29.03 32.00
CA THR D 145 -3.84 27.63 31.58
C THR D 145 -3.37 26.74 32.71
N VAL D 146 -4.03 25.61 32.89
CA VAL D 146 -3.67 24.61 33.88
C VAL D 146 -3.15 23.39 33.15
N LEU D 147 -1.90 23.01 33.42
CA LEU D 147 -1.25 21.89 32.75
C LEU D 147 -0.97 20.78 33.76
N LEU D 148 -1.57 19.62 33.53
CA LEU D 148 -1.37 18.45 34.39
C LEU D 148 -0.35 17.54 33.73
N VAL D 149 0.75 17.28 34.43
CA VAL D 149 1.76 16.34 33.99
C VAL D 149 1.75 15.17 34.95
N ASP D 150 1.23 14.03 34.49
CA ASP D 150 1.09 12.84 35.31
C ASP D 150 2.33 11.97 35.16
N GLU D 151 2.95 11.61 36.28
CA GLU D 151 4.16 10.80 36.29
C GLU D 151 5.26 11.51 35.49
N LEU D 152 5.63 12.68 36.01
CA LEU D 152 6.74 13.47 35.50
C LEU D 152 8.06 12.72 35.60
N ASP D 153 8.09 11.61 36.35
CA ASP D 153 9.28 10.79 36.47
C ASP D 153 9.82 10.35 35.11
N LEU D 154 8.96 10.22 34.12
CA LEU D 154 9.37 9.74 32.79
C LEU D 154 10.02 10.81 31.93
N LEU D 155 9.92 12.08 32.32
CA LEU D 155 10.57 13.14 31.56
C LEU D 155 12.02 13.34 31.98
N TRP D 156 12.52 12.54 32.90
CA TRP D 156 13.92 12.62 33.27
C TRP D 156 14.81 12.37 32.05
N THR D 157 15.82 13.21 31.89
CA THR D 157 16.79 13.06 30.82
C THR D 157 18.16 13.48 31.35
N HIS D 158 19.22 13.06 30.65
CA HIS D 158 20.58 13.34 31.09
C HIS D 158 20.74 14.81 31.49
N LYS D 159 20.28 15.72 30.64
CA LYS D 159 20.42 17.14 30.90
C LYS D 159 19.24 17.72 31.66
N GLN D 160 18.16 16.96 31.84
CA GLN D 160 17.02 17.38 32.66
C GLN D 160 16.46 18.72 32.18
N ASP D 161 16.62 19.02 30.90
CA ASP D 161 16.13 20.28 30.37
C ASP D 161 14.61 20.34 30.41
N ILE D 162 13.95 19.20 30.23
CA ILE D 162 12.50 19.19 30.00
C ILE D 162 11.75 19.46 31.30
N MET D 163 12.13 18.80 32.38
CA MET D 163 11.42 19.01 33.64
C MET D 163 11.88 20.27 34.35
N TYR D 164 13.03 20.83 33.98
CA TYR D 164 13.37 22.18 34.41
C TYR D 164 12.53 23.22 33.69
N ASN D 165 12.14 22.95 32.45
CA ASN D 165 11.32 23.90 31.70
C ASN D 165 9.92 23.97 32.27
N LEU D 166 9.32 22.81 32.58
CA LEU D 166 8.00 22.82 33.17
C LEU D 166 7.98 23.60 34.47
N PHE D 167 9.04 23.45 35.28
CA PHE D 167 9.08 24.15 36.56
C PHE D 167 9.52 25.60 36.42
N ASP D 168 10.29 25.94 35.38
CA ASP D 168 10.71 27.33 35.21
C ASP D 168 9.67 28.19 34.53
N TRP D 169 8.95 27.66 33.55
CA TRP D 169 8.01 28.47 32.77
C TRP D 169 7.00 29.21 33.62
N PRO D 170 6.29 28.58 34.57
CA PRO D 170 5.24 29.30 35.29
C PRO D 170 5.73 30.52 36.04
N THR D 171 7.02 30.64 36.30
CA THR D 171 7.57 31.76 37.07
C THR D 171 7.87 32.98 36.22
N HIS D 172 7.62 32.92 34.91
CA HIS D 172 7.83 34.08 34.06
C HIS D 172 6.74 35.12 34.29
N LYS D 173 7.10 36.39 34.10
CA LYS D 173 6.16 37.49 34.33
C LYS D 173 4.93 37.35 33.44
N GLU D 174 5.14 37.31 32.12
CA GLU D 174 4.02 37.25 31.20
C GLU D 174 3.33 35.89 31.18
N ALA D 175 3.94 34.86 31.77
CA ALA D 175 3.36 33.52 31.75
C ALA D 175 2.24 33.43 32.76
N ARG D 176 1.03 33.10 32.28
CA ARG D 176 -0.05 32.68 33.16
C ARG D 176 -0.15 31.17 32.98
N LEU D 177 0.41 30.43 33.92
CA LEU D 177 0.52 28.99 33.79
C LEU D 177 0.46 28.34 35.17
N VAL D 178 -0.35 27.29 35.29
CA VAL D 178 -0.43 26.50 36.51
C VAL D 178 0.02 25.08 36.17
N VAL D 179 0.95 24.55 36.96
CA VAL D 179 1.51 23.22 36.72
C VAL D 179 1.17 22.34 37.92
N LEU D 180 0.63 21.16 37.64
CA LEU D 180 0.39 20.14 38.65
C LEU D 180 1.15 18.90 38.20
N ALA D 181 2.19 18.54 38.96
CA ALA D 181 3.07 17.43 38.62
C ALA D 181 2.87 16.29 39.61
N ILE D 182 2.47 15.12 39.09
CA ILE D 182 2.24 13.93 39.90
C ILE D 182 3.35 12.92 39.59
N ALA D 183 3.83 12.25 40.63
CA ALA D 183 4.76 11.14 40.44
C ALA D 183 4.79 10.33 41.73
N ASN D 184 5.56 9.24 41.71
CA ASN D 184 5.57 8.29 42.81
C ASN D 184 6.65 8.55 43.84
N THR D 185 7.55 9.49 43.59
CA THR D 185 8.71 9.71 44.44
C THR D 185 8.67 11.12 45.00
N MET D 186 9.16 11.28 46.22
CA MET D 186 9.18 12.57 46.88
C MET D 186 10.46 13.35 46.61
N ASP D 187 11.49 12.72 46.07
CA ASP D 187 12.76 13.39 45.84
C ASP D 187 12.90 13.99 44.45
N LEU D 188 11.98 13.69 43.53
CA LEU D 188 12.13 14.15 42.15
C LEU D 188 12.41 15.64 42.05
N PRO D 189 11.65 16.52 42.70
CA PRO D 189 11.95 17.96 42.60
C PRO D 189 13.34 18.31 43.08
N GLU D 190 14.04 17.41 43.77
CA GLU D 190 15.38 17.67 44.25
C GLU D 190 16.43 17.51 43.16
N ARG D 191 16.02 17.16 41.93
CA ARG D 191 16.94 17.04 40.81
C ARG D 191 16.52 17.97 39.68
N THR D 204 4.81 24.53 48.25
CA THR D 204 4.08 24.05 47.08
C THR D 204 4.29 22.57 46.85
N ARG D 205 4.10 21.77 47.90
CA ARG D 205 4.27 20.32 47.81
C ARG D 205 3.12 19.64 48.55
N MET D 206 2.39 18.78 47.84
CA MET D 206 1.37 17.94 48.42
C MET D 206 1.82 16.50 48.39
N CYS D 207 1.31 15.70 49.31
CA CYS D 207 1.66 14.30 49.38
C CYS D 207 0.43 13.49 49.74
N PHE D 208 0.24 12.37 49.05
CA PHE D 208 -0.87 11.46 49.32
C PHE D 208 -0.31 10.23 50.01
N GLN D 209 -0.72 10.00 51.25
CA GLN D 209 -0.25 8.85 52.01
C GLN D 209 -0.96 7.59 51.56
N PRO D 210 -0.34 6.42 51.75
CA PRO D 210 -1.08 5.17 51.48
C PRO D 210 -2.33 5.12 52.32
N TYR D 211 -3.32 4.40 51.83
CA TYR D 211 -4.61 4.37 52.50
C TYR D 211 -4.55 3.43 53.70
N THR D 212 -5.19 3.84 54.79
CA THR D 212 -5.12 3.13 56.05
C THR D 212 -6.27 2.13 56.19
N TYR D 213 -6.27 1.43 57.31
CA TYR D 213 -7.35 0.50 57.63
C TYR D 213 -8.71 1.17 57.46
N SER D 214 -8.89 2.32 58.11
CA SER D 214 -10.19 3.01 58.05
C SER D 214 -10.43 3.61 56.67
N GLN D 215 -9.40 4.17 56.05
CA GLN D 215 -9.58 4.79 54.75
C GLN D 215 -9.94 3.75 53.69
N LEU D 216 -9.26 2.61 53.71
CA LEU D 216 -9.58 1.55 52.76
C LEU D 216 -10.95 0.96 53.05
N GLN D 217 -11.21 0.64 54.32
CA GLN D 217 -12.54 0.16 54.71
C GLN D 217 -13.62 1.12 54.23
N GLN D 218 -13.37 2.43 54.35
CA GLN D 218 -14.32 3.42 53.87
C GLN D 218 -14.55 3.29 52.37
N ILE D 219 -13.44 3.24 51.60
CA ILE D 219 -13.53 3.28 50.15
C ILE D 219 -14.29 2.06 49.62
N LEU D 220 -14.07 0.90 50.21
CA LEU D 220 -14.73 -0.32 49.75
C LEU D 220 -16.24 -0.21 49.91
N ARG D 221 -16.70 -0.03 51.15
CA ARG D 221 -18.13 0.01 51.43
C ARG D 221 -18.81 1.23 50.82
N SER D 222 -18.05 2.27 50.44
CA SER D 222 -18.67 3.50 49.96
C SER D 222 -19.56 3.24 48.74
N ARG D 223 -19.04 2.56 47.74
CA ARG D 223 -19.81 2.27 46.53
C ARG D 223 -20.49 0.91 46.57
N LEU D 224 -20.45 0.24 47.72
CA LEU D 224 -21.14 -1.02 47.94
C LEU D 224 -22.57 -0.84 48.45
N LYS D 225 -23.11 0.38 48.39
CA LYS D 225 -24.42 0.69 48.95
C LYS D 225 -25.50 -0.25 48.42
N HIS D 226 -25.21 -1.02 47.37
CA HIS D 226 -26.11 -2.09 46.96
C HIS D 226 -26.48 -2.96 48.17
N LEU D 227 -25.46 -3.45 48.89
CA LEU D 227 -25.65 -4.13 50.17
C LEU D 227 -25.11 -3.19 51.25
N LYS D 228 -26.01 -2.62 52.05
CA LYS D 228 -25.63 -1.68 53.10
C LYS D 228 -25.49 -2.38 54.44
N ILE D 235 -22.75 -8.79 54.14
CA ILE D 235 -21.63 -9.06 53.26
C ILE D 235 -20.40 -8.30 53.74
N GLN D 236 -20.59 -7.43 54.73
CA GLN D 236 -19.55 -6.49 55.16
C GLN D 236 -18.73 -6.97 56.34
N LEU D 237 -18.94 -8.20 56.82
CA LEU D 237 -17.96 -8.79 57.73
C LEU D 237 -16.62 -8.97 57.03
N VAL D 238 -16.66 -9.16 55.72
CA VAL D 238 -15.46 -9.39 54.92
C VAL D 238 -14.73 -8.09 54.64
N ALA D 239 -15.47 -7.07 54.21
CA ALA D 239 -14.87 -5.86 53.66
C ALA D 239 -13.76 -5.30 54.53
N ARG D 240 -13.88 -5.42 55.84
CA ARG D 240 -12.86 -4.86 56.73
C ARG D 240 -11.63 -5.75 56.79
N LYS D 241 -11.78 -7.06 56.62
CA LYS D 241 -10.62 -7.95 56.64
C LYS D 241 -9.65 -7.58 55.52
N VAL D 242 -10.14 -7.58 54.29
CA VAL D 242 -9.31 -7.22 53.14
C VAL D 242 -8.70 -5.84 53.35
N ALA D 243 -9.35 -4.99 54.14
CA ALA D 243 -8.91 -3.61 54.30
C ALA D 243 -7.57 -3.50 55.01
N ALA D 244 -7.03 -4.59 55.56
CA ALA D 244 -5.76 -4.52 56.26
C ALA D 244 -4.67 -4.80 55.23
N LEU D 245 -4.00 -3.75 54.81
CA LEU D 245 -2.99 -3.80 53.76
C LEU D 245 -1.85 -2.84 54.05
N SER D 246 -2.17 -1.56 54.12
CA SER D 246 -1.19 -0.49 54.13
C SER D 246 -0.49 -0.50 52.79
N GLY D 247 -1.21 -0.08 51.76
CA GLY D 247 -0.74 -0.23 50.40
C GLY D 247 -1.76 0.35 49.43
N ASP D 248 -1.70 -0.13 48.19
CA ASP D 248 -2.51 0.43 47.12
C ASP D 248 -3.99 0.20 47.39
N ALA D 249 -4.81 1.09 46.83
CA ALA D 249 -6.25 0.90 46.84
C ALA D 249 -6.70 -0.07 45.77
N ARG D 250 -6.04 -0.09 44.62
CA ARG D 250 -6.40 -1.00 43.55
C ARG D 250 -6.42 -2.44 44.04
N ARG D 251 -5.51 -2.79 44.95
CA ARG D 251 -5.51 -4.13 45.53
C ARG D 251 -6.90 -4.50 46.03
N CYS D 252 -7.55 -3.59 46.73
CA CYS D 252 -8.83 -3.87 47.37
C CYS D 252 -9.89 -4.27 46.34
N LEU D 253 -10.14 -3.39 45.36
CA LEU D 253 -11.19 -3.64 44.38
C LEU D 253 -10.91 -4.90 43.58
N ASP D 254 -9.65 -5.13 43.22
CA ASP D 254 -9.32 -6.34 42.47
C ASP D 254 -9.46 -7.59 43.34
N ILE D 255 -9.08 -7.49 44.62
CA ILE D 255 -9.23 -8.62 45.54
C ILE D 255 -10.71 -8.95 45.75
N CYS D 256 -11.48 -7.98 46.23
CA CYS D 256 -12.88 -8.23 46.55
C CYS D 256 -13.67 -8.65 45.33
N ARG D 257 -13.33 -8.09 44.15
CA ARG D 257 -13.98 -8.54 42.92
C ARG D 257 -13.71 -10.01 42.65
N ARG D 258 -12.51 -10.49 42.99
CA ARG D 258 -12.23 -11.91 42.87
C ARG D 258 -12.97 -12.70 43.94
N ALA D 259 -13.08 -12.13 45.15
CA ALA D 259 -13.78 -12.81 46.23
C ALA D 259 -15.21 -13.14 45.84
N THR D 260 -15.91 -12.20 45.21
CA THR D 260 -17.26 -12.47 44.74
C THR D 260 -17.27 -13.62 43.74
N GLU D 261 -16.24 -13.71 42.89
CA GLU D 261 -16.14 -14.84 41.98
C GLU D 261 -15.95 -16.15 42.72
N ILE D 262 -15.28 -16.13 43.88
CA ILE D 262 -15.11 -17.35 44.67
C ILE D 262 -16.45 -17.80 45.23
N CYS D 263 -17.23 -16.87 45.78
CA CYS D 263 -18.53 -17.21 46.37
C CYS D 263 -19.41 -17.91 45.35
N GLU D 264 -19.65 -17.24 44.21
CA GLU D 264 -20.50 -17.80 43.16
C GLU D 264 -20.02 -19.19 42.76
N PHE D 265 -18.72 -19.32 42.51
CA PHE D 265 -18.15 -20.61 42.11
C PHE D 265 -17.56 -21.31 43.33
N VAL D 276 -21.52 -13.35 50.51
CA VAL D 276 -20.08 -13.57 50.51
C VAL D 276 -19.56 -13.58 51.94
N THR D 277 -18.83 -14.62 52.30
CA THR D 277 -18.35 -14.82 53.65
C THR D 277 -16.87 -14.45 53.76
N ILE D 278 -16.34 -14.55 54.98
CA ILE D 278 -14.94 -14.23 55.22
C ILE D 278 -14.03 -15.27 54.60
N ALA D 279 -14.45 -16.53 54.59
CA ALA D 279 -13.64 -17.59 53.99
C ALA D 279 -13.34 -17.28 52.53
N HIS D 280 -14.30 -16.68 51.82
CA HIS D 280 -14.11 -16.38 50.41
C HIS D 280 -13.00 -15.37 50.19
N SER D 281 -12.83 -14.41 51.10
CA SER D 281 -11.76 -13.43 50.93
C SER D 281 -10.41 -13.99 51.37
N MET D 282 -10.38 -14.84 52.40
CA MET D 282 -9.13 -15.51 52.74
C MET D 282 -8.63 -16.33 51.57
N GLU D 283 -9.51 -17.10 50.94
CA GLU D 283 -9.14 -17.81 49.71
C GLU D 283 -8.69 -16.83 48.64
N ALA D 284 -9.38 -15.69 48.52
CA ALA D 284 -9.00 -14.70 47.53
C ALA D 284 -7.59 -14.21 47.75
N VAL D 285 -7.23 -13.92 48.99
CA VAL D 285 -5.89 -13.41 49.29
C VAL D 285 -4.83 -14.47 49.01
N ASP D 286 -5.13 -15.73 49.33
CA ASP D 286 -4.19 -16.80 49.07
C ASP D 286 -3.97 -17.05 47.58
N GLU D 287 -4.91 -16.60 46.74
CA GLU D 287 -4.73 -16.68 45.29
C GLU D 287 -3.92 -15.52 44.73
N MET D 288 -3.63 -14.49 45.53
CA MET D 288 -2.93 -13.30 45.03
C MET D 288 -1.60 -13.11 45.76
N PHE D 289 -1.62 -12.65 47.01
CA PHE D 289 -0.38 -12.35 47.72
C PHE D 289 0.47 -13.59 47.98
N SER D 290 -0.11 -14.78 47.89
CA SER D 290 0.61 -15.99 48.24
C SER D 290 1.88 -16.14 47.42
N SER D 291 3.01 -16.31 48.10
CA SER D 291 4.28 -16.50 47.42
C SER D 291 4.29 -17.83 46.69
N SER D 292 4.63 -17.79 45.40
CA SER D 292 4.66 -18.99 44.58
C SER D 292 5.95 -19.80 44.75
N TYR D 293 7.02 -19.18 45.25
CA TYR D 293 8.33 -19.83 45.30
C TYR D 293 8.25 -21.14 46.09
N ILE D 294 7.83 -21.06 47.34
CA ILE D 294 7.78 -22.25 48.19
C ILE D 294 6.81 -23.28 47.63
N THR D 295 5.74 -22.84 47.00
CA THR D 295 4.84 -23.77 46.33
C THR D 295 5.57 -24.52 45.23
N ALA D 296 6.37 -23.81 44.43
CA ALA D 296 7.07 -24.43 43.31
C ALA D 296 8.15 -25.39 43.77
N ILE D 297 8.85 -25.06 44.86
CA ILE D 297 9.90 -25.94 45.35
C ILE D 297 9.33 -27.29 45.75
N LYS D 298 8.20 -27.28 46.47
CA LYS D 298 7.59 -28.52 46.92
C LYS D 298 7.16 -29.39 45.75
N ASN D 299 6.75 -28.78 44.63
CA ASN D 299 6.34 -29.51 43.44
C ASN D 299 7.51 -29.85 42.52
N SER D 300 8.72 -29.41 42.84
CA SER D 300 9.86 -29.70 41.99
C SER D 300 10.15 -31.20 41.97
N SER D 301 10.83 -31.64 40.92
CA SER D 301 11.09 -33.07 40.76
C SER D 301 12.12 -33.54 41.79
N VAL D 302 12.39 -34.84 41.76
CA VAL D 302 13.29 -35.44 42.75
C VAL D 302 14.69 -34.84 42.62
N LEU D 303 15.28 -34.96 41.42
CA LEU D 303 16.64 -34.49 41.23
C LEU D 303 16.72 -32.98 41.38
N GLU D 304 15.65 -32.26 41.06
CA GLU D 304 15.64 -30.82 41.29
C GLU D 304 15.80 -30.50 42.77
N GLN D 305 15.11 -31.24 43.63
CA GLN D 305 15.29 -31.06 45.07
C GLN D 305 16.70 -31.44 45.48
N SER D 306 17.21 -32.55 44.96
CA SER D 306 18.55 -32.99 45.29
C SER D 306 19.58 -31.93 44.93
N PHE D 307 19.35 -31.20 43.84
CA PHE D 307 20.26 -30.13 43.47
C PHE D 307 20.14 -28.96 44.45
N LEU D 308 18.92 -28.66 44.89
CA LEU D 308 18.71 -27.62 45.89
C LEU D 308 19.33 -28.02 47.22
N ARG D 309 19.09 -29.26 47.66
CA ARG D 309 19.77 -29.74 48.86
C ARG D 309 21.28 -29.61 48.71
N ALA D 310 21.79 -29.89 47.52
CA ALA D 310 23.21 -29.72 47.26
C ALA D 310 23.64 -28.27 47.47
N ILE D 311 22.86 -27.33 46.95
CA ILE D 311 23.18 -25.91 47.13
C ILE D 311 23.27 -25.57 48.61
N LEU D 312 22.22 -25.88 49.37
CA LEU D 312 22.22 -25.55 50.78
C LEU D 312 23.39 -26.21 51.50
N ALA D 313 23.79 -27.40 51.06
CA ALA D 313 24.93 -28.08 51.67
C ALA D 313 26.22 -27.32 51.42
N GLU D 314 26.47 -26.94 50.16
CA GLU D 314 27.69 -26.21 49.83
C GLU D 314 27.74 -24.88 50.56
N PHE D 315 26.60 -24.18 50.64
CA PHE D 315 26.58 -22.88 51.33
C PHE D 315 26.93 -23.04 52.80
N ARG D 316 26.40 -24.07 53.46
CA ARG D 316 26.70 -24.27 54.87
C ARG D 316 28.14 -24.73 55.08
N ARG D 317 28.74 -25.39 54.09
CA ARG D 317 30.16 -25.75 54.20
C ARG D 317 31.03 -24.51 54.08
N SER D 318 30.85 -23.74 53.00
CA SER D 318 31.66 -22.55 52.79
C SER D 318 31.17 -21.38 53.64
N GLY D 319 29.86 -21.26 53.79
CA GLY D 319 29.26 -20.15 54.50
C GLY D 319 28.97 -18.95 53.63
N LEU D 320 29.17 -19.06 52.32
CA LEU D 320 28.96 -17.94 51.41
C LEU D 320 27.59 -18.04 50.78
N GLU D 321 27.24 -17.02 50.01
CA GLU D 321 25.99 -16.98 49.26
C GLU D 321 26.18 -17.40 47.81
N GLU D 322 27.42 -17.66 47.38
CA GLU D 322 27.72 -18.10 46.03
C GLU D 322 28.48 -19.42 46.08
N ALA D 323 28.28 -20.22 45.04
CA ALA D 323 29.06 -21.44 44.83
C ALA D 323 29.00 -21.77 43.35
N THR D 324 29.98 -22.55 42.89
CA THR D 324 30.12 -22.86 41.48
C THR D 324 29.48 -24.20 41.15
N PHE D 325 28.91 -24.28 39.94
CA PHE D 325 28.24 -25.50 39.50
C PHE D 325 29.11 -26.73 39.71
N GLN D 326 30.43 -26.58 39.61
CA GLN D 326 31.31 -27.71 39.85
C GLN D 326 31.17 -28.22 41.29
N GLN D 327 31.24 -27.30 42.26
CA GLN D 327 31.12 -27.68 43.66
C GLN D 327 29.76 -28.30 43.94
N ILE D 328 28.69 -27.61 43.53
CA ILE D 328 27.34 -28.14 43.74
C ILE D 328 27.21 -29.52 43.12
N TYR D 329 27.89 -29.76 41.99
CA TYR D 329 27.77 -31.04 41.32
C TYR D 329 28.31 -32.18 42.19
N SER D 330 29.46 -31.96 42.84
CA SER D 330 30.02 -32.97 43.73
C SER D 330 29.02 -33.32 44.82
N GLN D 331 28.40 -32.30 45.42
CA GLN D 331 27.36 -32.54 46.42
C GLN D 331 26.22 -33.35 45.82
N HIS D 332 25.77 -32.95 44.63
CA HIS D 332 24.67 -33.63 43.98
C HIS D 332 24.99 -35.10 43.73
N VAL D 333 26.24 -35.40 43.36
CA VAL D 333 26.65 -36.79 43.16
C VAL D 333 26.51 -37.57 44.46
N ALA D 334 27.05 -37.01 45.55
CA ALA D 334 26.97 -37.69 46.84
C ALA D 334 25.53 -37.96 47.22
N LEU D 335 24.65 -36.95 47.07
CA LEU D 335 23.28 -37.10 47.51
C LEU D 335 22.52 -38.11 46.66
N CYS D 336 22.70 -38.06 45.33
CA CYS D 336 22.01 -39.02 44.47
C CYS D 336 22.40 -40.46 44.81
N ARG D 337 23.64 -40.67 45.22
CA ARG D 337 24.07 -42.02 45.62
C ARG D 337 23.34 -42.47 46.87
N MET D 338 23.38 -41.66 47.93
CA MET D 338 22.79 -42.06 49.20
C MET D 338 21.28 -42.20 49.13
N GLU D 339 20.62 -41.57 48.17
CA GLU D 339 19.17 -41.69 48.02
C GLU D 339 18.77 -42.84 47.10
N GLY D 340 19.73 -43.62 46.62
CA GLY D 340 19.45 -44.71 45.72
C GLY D 340 19.21 -44.32 44.28
N LEU D 341 19.46 -43.07 43.92
CA LEU D 341 19.25 -42.61 42.55
C LEU D 341 20.37 -43.08 41.64
N PRO D 342 20.15 -43.03 40.33
CA PRO D 342 21.25 -43.31 39.40
C PRO D 342 22.26 -42.18 39.39
N TYR D 343 23.44 -42.48 38.84
CA TYR D 343 24.49 -41.47 38.79
C TYR D 343 23.98 -40.24 38.04
N PRO D 344 24.25 -39.03 38.54
CA PRO D 344 23.79 -37.82 37.84
C PRO D 344 24.69 -37.39 36.70
N THR D 345 24.48 -37.94 35.50
CA THR D 345 25.23 -37.48 34.34
C THR D 345 25.14 -35.96 34.25
N MET D 346 26.28 -35.33 33.97
CA MET D 346 26.33 -33.87 33.99
C MET D 346 25.31 -33.24 33.05
N SER D 347 24.93 -33.96 31.99
CA SER D 347 23.85 -33.47 31.13
C SER D 347 22.55 -33.34 31.91
N GLU D 348 22.22 -34.34 32.75
CA GLU D 348 21.07 -34.20 33.64
C GLU D 348 21.23 -32.96 34.50
N THR D 349 22.33 -32.88 35.25
CA THR D 349 22.49 -31.80 36.21
C THR D 349 22.49 -30.44 35.53
N MET D 350 22.99 -30.35 34.30
CA MET D 350 22.90 -29.09 33.57
C MET D 350 21.46 -28.78 33.18
N ALA D 351 20.72 -29.80 32.71
CA ALA D 351 19.31 -29.60 32.45
C ALA D 351 18.57 -29.17 33.71
N VAL D 352 18.77 -29.90 34.81
CA VAL D 352 18.16 -29.54 36.08
C VAL D 352 18.50 -28.11 36.46
N CYS D 353 19.80 -27.79 36.49
CA CYS D 353 20.22 -26.48 36.93
C CYS D 353 19.61 -25.36 36.09
N SER D 354 19.20 -25.64 34.85
CA SER D 354 18.55 -24.60 34.06
C SER D 354 17.08 -24.46 34.45
N HIS D 355 16.40 -25.57 34.73
CA HIS D 355 15.03 -25.51 35.22
C HIS D 355 14.94 -24.62 36.45
N LEU D 356 15.88 -24.77 37.38
CA LEU D 356 15.84 -24.00 38.62
C LEU D 356 16.30 -22.56 38.42
N GLY D 357 16.99 -22.27 37.33
CA GLY D 357 17.35 -20.90 37.03
C GLY D 357 16.38 -20.29 36.05
N SER D 358 15.64 -21.16 35.35
CA SER D 358 14.65 -20.70 34.40
C SER D 358 13.42 -20.16 35.10
N CYS D 359 12.98 -20.82 36.16
CA CYS D 359 11.86 -20.34 36.96
C CYS D 359 12.30 -19.33 38.00
N ARG D 360 13.58 -18.97 38.02
CA ARG D 360 14.13 -17.97 38.93
C ARG D 360 14.10 -18.43 40.38
N LEU D 361 14.07 -19.74 40.63
CA LEU D 361 14.43 -20.21 41.95
C LEU D 361 15.91 -20.01 42.21
N LEU D 362 16.72 -20.07 41.15
CA LEU D 362 18.16 -19.87 41.22
C LEU D 362 18.57 -18.76 40.27
N LEU D 363 19.72 -18.15 40.57
CA LEU D 363 20.33 -17.15 39.70
C LEU D 363 21.63 -17.73 39.15
N VAL D 364 21.65 -18.01 37.84
CA VAL D 364 22.73 -18.76 37.21
C VAL D 364 23.38 -17.94 36.13
N GLU D 365 24.71 -18.05 36.02
CA GLU D 365 25.44 -17.46 34.92
C GLU D 365 25.08 -18.17 33.62
N PRO D 366 25.40 -17.55 32.48
CA PRO D 366 25.05 -18.19 31.21
C PRO D 366 25.71 -19.55 31.07
N SER D 367 24.98 -20.49 30.45
CA SER D 367 25.44 -21.87 30.38
C SER D 367 26.79 -22.01 29.67
N ARG D 368 27.23 -20.98 28.95
CA ARG D 368 28.50 -21.06 28.23
C ARG D 368 29.69 -21.19 29.19
N ASN D 369 29.53 -20.81 30.46
CA ASN D 369 30.62 -20.94 31.41
C ASN D 369 30.78 -22.36 31.93
N ASP D 370 29.81 -23.25 31.65
CA ASP D 370 29.95 -24.69 31.90
C ASP D 370 30.28 -24.91 33.37
N LEU D 371 31.41 -25.51 33.71
CA LEU D 371 31.73 -25.82 35.10
C LEU D 371 31.96 -24.57 35.94
N LEU D 372 32.13 -23.41 35.33
CA LEU D 372 32.43 -22.18 36.05
C LEU D 372 31.17 -21.38 36.39
N LEU D 373 29.99 -21.92 36.10
CA LEU D 373 28.76 -21.27 36.50
C LEU D 373 28.78 -20.96 38.00
N ARG D 374 28.53 -19.70 38.33
CA ARG D 374 28.34 -19.28 39.72
C ARG D 374 26.85 -19.18 39.99
N VAL D 375 26.44 -19.68 41.16
CA VAL D 375 25.02 -19.84 41.48
C VAL D 375 24.71 -19.07 42.75
N ARG D 376 23.58 -18.37 42.74
CA ARG D 376 23.00 -17.75 43.91
C ARG D 376 21.61 -18.33 44.13
N LEU D 377 21.10 -18.19 45.35
CA LEU D 377 19.72 -18.55 45.66
C LEU D 377 18.84 -17.33 45.46
N ASN D 378 17.74 -17.51 44.74
CA ASN D 378 16.73 -16.47 44.63
C ASN D 378 15.73 -16.53 45.78
N VAL D 379 15.93 -17.44 46.72
CA VAL D 379 15.06 -17.61 47.87
C VAL D 379 15.94 -17.73 49.11
N SER D 380 15.51 -17.14 50.21
CA SER D 380 16.30 -17.18 51.43
C SER D 380 16.55 -18.63 51.85
N GLN D 381 17.75 -18.88 52.37
CA GLN D 381 18.12 -20.25 52.71
C GLN D 381 17.08 -20.92 53.59
N ASP D 382 16.56 -20.20 54.58
CA ASP D 382 15.58 -20.77 55.50
C ASP D 382 14.32 -21.20 54.76
N ASP D 383 13.90 -20.43 53.76
CA ASP D 383 12.71 -20.79 53.00
C ASP D 383 12.93 -22.05 52.17
N VAL D 384 14.10 -22.19 51.55
CA VAL D 384 14.39 -23.37 50.74
C VAL D 384 14.40 -24.62 51.62
N LEU D 385 14.95 -24.49 52.84
CA LEU D 385 14.99 -25.63 53.75
C LEU D 385 13.58 -25.96 54.24
N TYR D 386 12.78 -24.95 54.53
CA TYR D 386 11.40 -25.19 54.96
C TYR D 386 10.58 -25.82 53.84
N ALA D 387 10.87 -25.50 52.59
CA ALA D 387 10.06 -25.97 51.49
C ALA D 387 10.38 -27.41 51.07
N LEU D 388 11.66 -27.80 51.13
CA LEU D 388 12.01 -29.10 50.54
C LEU D 388 11.64 -30.26 51.46
N LYS D 389 11.85 -30.15 52.76
CA LYS D 389 11.33 -31.14 53.71
C LYS D 389 10.29 -30.42 54.56
N ASP D 390 9.02 -30.59 54.19
CA ASP D 390 7.90 -30.16 55.01
C ASP D 390 7.14 -31.30 55.68
N GLU D 391 7.49 -32.54 55.39
CA GLU D 391 6.69 -33.68 55.81
C GLU D 391 7.47 -34.98 55.64
N LEU E 17 -2.54 -49.06 9.50
CA LEU E 17 -1.67 -48.45 8.51
C LEU E 17 -0.88 -47.31 9.15
N SER E 18 -0.30 -46.43 8.33
CA SER E 18 0.41 -45.27 8.85
C SER E 18 -0.51 -44.21 9.46
N GLN E 19 -1.83 -44.36 9.33
CA GLN E 19 -2.75 -43.43 9.95
C GLN E 19 -2.45 -43.23 11.44
N VAL E 20 -1.97 -44.28 12.11
CA VAL E 20 -1.59 -44.15 13.52
C VAL E 20 -0.54 -43.07 13.68
N GLN E 21 0.57 -43.19 12.95
CA GLN E 21 1.64 -42.21 13.09
C GLN E 21 1.14 -40.81 12.79
N ARG E 22 0.27 -40.67 11.78
CA ARG E 22 -0.27 -39.36 11.44
C ARG E 22 -0.88 -38.69 12.66
N ILE E 23 -1.73 -39.41 13.39
CA ILE E 23 -2.36 -38.85 14.58
C ILE E 23 -1.34 -38.62 15.69
N LEU E 24 -0.64 -39.69 16.10
CA LEU E 24 0.32 -39.56 17.20
C LEU E 24 1.40 -38.53 16.90
N ARG E 25 1.74 -38.32 15.62
CA ARG E 25 2.77 -37.34 15.30
C ARG E 25 2.26 -35.92 15.48
N GLU E 26 1.01 -35.66 15.08
CA GLU E 26 0.40 -34.37 15.34
C GLU E 26 0.15 -34.14 16.83
N ARG E 27 0.09 -35.21 17.63
CA ARG E 27 -0.07 -35.07 19.07
C ARG E 27 1.26 -34.80 19.77
N PHE E 28 2.31 -35.54 19.41
CA PHE E 28 3.57 -35.46 20.14
C PHE E 28 4.40 -34.24 19.74
N CYS E 29 4.61 -34.02 18.44
CA CYS E 29 5.47 -32.93 17.99
C CYS E 29 4.71 -31.61 17.93
N ARG E 30 3.81 -31.47 16.97
CA ARG E 30 2.86 -30.38 17.03
C ARG E 30 1.94 -30.57 18.24
N GLN E 31 1.41 -29.46 18.75
CA GLN E 31 0.63 -29.48 19.97
C GLN E 31 -0.84 -29.64 19.61
N SER E 32 -1.41 -30.80 19.94
CA SER E 32 -2.76 -31.15 19.51
C SER E 32 -3.79 -30.24 20.16
N PRO E 33 -4.52 -29.42 19.41
CA PRO E 33 -5.52 -28.55 20.05
C PRO E 33 -6.50 -29.29 20.94
N HIS E 34 -6.81 -30.54 20.63
CA HIS E 34 -7.69 -31.36 21.46
C HIS E 34 -6.90 -32.49 22.09
N SER E 35 -6.96 -32.60 23.41
CA SER E 35 -6.36 -33.71 24.14
C SER E 35 -6.99 -33.73 25.53
N ASN E 36 -6.50 -34.65 26.36
CA ASN E 36 -6.98 -34.75 27.73
C ASN E 36 -6.22 -33.78 28.62
N LEU E 37 -6.95 -33.04 29.45
CA LEU E 37 -6.38 -32.06 30.36
C LEU E 37 -6.19 -32.72 31.72
N PHE E 38 -4.93 -32.87 32.14
CA PHE E 38 -4.58 -33.65 33.33
C PHE E 38 -4.29 -32.70 34.49
N GLY E 39 -5.11 -32.78 35.54
CA GLY E 39 -4.85 -32.07 36.77
C GLY E 39 -4.92 -30.57 36.70
N VAL E 40 -5.30 -30.00 35.55
CA VAL E 40 -5.41 -28.55 35.40
C VAL E 40 -6.83 -28.06 35.62
N GLN E 41 -7.75 -28.94 36.02
CA GLN E 41 -9.16 -28.58 36.09
C GLN E 41 -9.37 -27.30 36.89
N VAL E 42 -8.63 -27.14 37.99
CA VAL E 42 -8.76 -25.92 38.79
C VAL E 42 -8.38 -24.71 37.95
N GLN E 43 -7.19 -24.75 37.35
CA GLN E 43 -6.69 -23.60 36.61
C GLN E 43 -7.58 -23.31 35.40
N TYR E 44 -8.06 -24.35 34.72
CA TYR E 44 -8.93 -24.14 33.56
C TYR E 44 -10.21 -23.42 33.96
N LYS E 45 -10.84 -23.89 35.04
CA LYS E 45 -12.05 -23.22 35.54
C LYS E 45 -11.80 -21.73 35.75
N HIS E 46 -10.71 -21.39 36.44
CA HIS E 46 -10.40 -20.00 36.73
C HIS E 46 -10.12 -19.20 35.46
N LEU E 47 -9.50 -19.83 34.46
CA LEU E 47 -9.21 -19.11 33.23
C LEU E 47 -10.49 -18.85 32.43
N SER E 48 -11.27 -19.90 32.17
CA SER E 48 -12.50 -19.72 31.40
C SER E 48 -13.41 -18.71 32.05
N GLU E 49 -13.44 -18.68 33.38
CA GLU E 49 -14.21 -17.68 34.13
C GLU E 49 -13.93 -16.28 33.64
N LEU E 50 -12.70 -15.81 33.83
CA LEU E 50 -12.35 -14.44 33.43
C LEU E 50 -12.51 -14.25 31.93
N LEU E 51 -12.29 -15.31 31.14
CA LEU E 51 -12.51 -15.20 29.70
C LEU E 51 -13.99 -15.02 29.38
N LYS E 52 -14.85 -15.76 30.08
CA LYS E 52 -16.29 -15.58 29.93
C LYS E 52 -16.71 -14.16 30.32
N ARG E 53 -16.17 -13.65 31.43
CA ARG E 53 -16.60 -12.36 31.95
C ARG E 53 -16.24 -11.22 31.00
N THR E 54 -15.06 -11.28 30.39
CA THR E 54 -14.65 -10.22 29.48
C THR E 54 -15.28 -10.35 28.11
N ALA E 55 -15.51 -11.57 27.64
CA ALA E 55 -16.07 -11.76 26.30
C ALA E 55 -17.57 -11.47 26.28
N LEU E 56 -18.33 -12.07 27.20
CA LEU E 56 -19.79 -11.91 27.17
C LEU E 56 -20.24 -10.61 27.82
N HIS E 57 -19.63 -10.24 28.94
CA HIS E 57 -19.94 -8.98 29.61
C HIS E 57 -18.86 -7.95 29.27
N GLY E 58 -19.03 -6.75 29.81
CA GLY E 58 -18.15 -5.65 29.46
C GLY E 58 -16.96 -5.47 30.39
N GLU E 59 -16.63 -6.51 31.15
CA GLU E 59 -15.58 -6.40 32.15
C GLU E 59 -14.20 -6.51 31.51
N SER E 60 -13.23 -5.83 32.13
CA SER E 60 -11.84 -5.86 31.69
C SER E 60 -10.98 -6.44 32.79
N ASN E 61 -10.11 -7.38 32.44
CA ASN E 61 -9.30 -8.09 33.42
C ASN E 61 -7.88 -8.21 32.89
N SER E 62 -6.98 -8.62 33.80
CA SER E 62 -5.62 -8.99 33.44
C SER E 62 -5.22 -10.17 34.31
N VAL E 63 -4.50 -11.12 33.72
CA VAL E 63 -4.17 -12.37 34.40
C VAL E 63 -2.83 -12.87 33.89
N LEU E 64 -2.13 -13.60 34.75
CA LEU E 64 -0.87 -14.24 34.39
C LEU E 64 -0.99 -15.73 34.61
N ILE E 65 -0.64 -16.51 33.58
CA ILE E 65 -0.51 -17.96 33.70
C ILE E 65 0.98 -18.24 33.81
N ILE E 66 1.39 -18.86 34.91
CA ILE E 66 2.79 -18.99 35.27
C ILE E 66 3.07 -20.46 35.58
N GLY E 67 3.96 -21.08 34.80
CA GLY E 67 4.31 -22.45 35.02
C GLY E 67 5.70 -22.74 34.52
N PRO E 68 6.13 -23.99 34.60
CA PRO E 68 7.45 -24.36 34.07
C PRO E 68 7.23 -24.41 32.56
N ARG E 69 8.33 -24.55 31.84
CA ARG E 69 8.25 -24.70 30.40
C ARG E 69 7.92 -26.15 30.11
N GLY E 70 7.02 -26.39 29.15
CA GLY E 70 6.71 -27.74 28.75
C GLY E 70 5.51 -28.30 29.49
N SER E 71 4.95 -27.57 30.44
CA SER E 71 3.74 -27.99 31.12
C SER E 71 2.76 -26.82 31.13
N GLY E 72 1.47 -27.13 31.06
CA GLY E 72 0.51 -26.06 31.12
C GLY E 72 0.37 -25.17 29.90
N LYS E 73 0.86 -23.94 30.05
CA LYS E 73 0.26 -22.71 29.53
C LYS E 73 -0.35 -22.78 28.13
N THR E 74 0.46 -22.87 27.08
CA THR E 74 -0.08 -22.57 25.75
C THR E 74 -1.27 -23.45 25.42
N MET E 75 -1.30 -24.68 25.94
CA MET E 75 -2.43 -25.56 25.65
C MET E 75 -3.68 -25.14 26.42
N LEU E 76 -3.52 -24.79 27.70
CA LEU E 76 -4.66 -24.35 28.49
C LEU E 76 -5.36 -23.17 27.84
N ILE E 77 -4.62 -22.10 27.58
CA ILE E 77 -5.22 -20.91 26.99
C ILE E 77 -5.78 -21.22 25.61
N ASN E 78 -5.11 -22.10 24.87
CA ASN E 78 -5.60 -22.48 23.55
C ASN E 78 -6.92 -23.23 23.65
N HIS E 79 -7.00 -24.19 24.57
CA HIS E 79 -8.24 -24.94 24.75
C HIS E 79 -9.38 -24.02 25.20
N ALA E 80 -9.09 -23.11 26.13
CA ALA E 80 -10.12 -22.18 26.59
C ALA E 80 -10.65 -21.32 25.45
N LEU E 81 -9.74 -20.72 24.68
CA LEU E 81 -10.16 -19.83 23.60
C LEU E 81 -10.96 -20.58 22.54
N LYS E 82 -10.52 -21.79 22.19
CA LYS E 82 -11.23 -22.53 21.15
C LYS E 82 -12.67 -22.82 21.58
N GLU E 83 -12.84 -23.45 22.74
CA GLU E 83 -14.18 -23.76 23.23
C GLU E 83 -15.03 -22.49 23.33
N LEU E 84 -14.42 -21.36 23.70
CA LEU E 84 -15.18 -20.13 23.87
C LEU E 84 -15.77 -19.63 22.55
N MET E 85 -14.97 -19.61 21.49
CA MET E 85 -15.39 -19.01 20.23
C MET E 85 -16.25 -19.93 19.38
N GLU E 86 -16.54 -21.16 19.83
CA GLU E 86 -17.48 -22.01 19.12
C GLU E 86 -18.92 -21.55 19.30
N ILE E 87 -19.16 -20.53 20.13
CA ILE E 87 -20.50 -19.95 20.26
C ILE E 87 -20.71 -18.93 19.15
N GLU E 88 -21.92 -18.88 18.61
CA GLU E 88 -22.24 -17.99 17.50
C GLU E 88 -21.97 -16.54 17.85
N GLU E 89 -22.74 -15.97 18.78
CA GLU E 89 -22.61 -14.56 19.10
C GLU E 89 -21.18 -14.21 19.50
N VAL E 90 -20.50 -15.13 20.18
CA VAL E 90 -19.12 -14.87 20.60
C VAL E 90 -18.23 -14.71 19.38
N SER E 91 -18.28 -15.70 18.47
CA SER E 91 -17.43 -15.67 17.29
C SER E 91 -17.63 -14.38 16.48
N GLU E 92 -18.83 -13.81 16.52
CA GLU E 92 -19.11 -12.63 15.71
C GLU E 92 -18.57 -11.35 16.33
N ASN E 93 -18.74 -11.17 17.65
CA ASN E 93 -18.42 -9.91 18.30
C ASN E 93 -17.03 -9.84 18.92
N VAL E 94 -16.29 -10.95 18.97
CA VAL E 94 -15.05 -11.03 19.74
C VAL E 94 -13.86 -11.13 18.78
N LEU E 95 -12.86 -10.29 19.00
CA LEU E 95 -11.58 -10.36 18.29
C LEU E 95 -10.47 -10.76 19.25
N GLN E 96 -9.46 -11.45 18.71
CA GLN E 96 -8.34 -11.91 19.51
C GLN E 96 -7.02 -11.45 18.89
N VAL E 97 -6.08 -11.09 19.76
CA VAL E 97 -4.77 -10.58 19.35
C VAL E 97 -3.71 -11.42 20.04
N HIS E 98 -2.83 -12.04 19.25
CA HIS E 98 -1.77 -12.92 19.75
C HIS E 98 -0.42 -12.24 19.62
N LEU E 99 0.26 -12.07 20.75
CA LEU E 99 1.61 -11.50 20.80
C LEU E 99 2.59 -12.50 21.38
N ASN E 100 3.86 -12.28 21.08
CA ASN E 100 4.94 -13.12 21.58
C ASN E 100 6.15 -12.24 21.86
N GLY E 101 6.79 -12.46 23.01
CA GLY E 101 7.94 -11.67 23.39
C GLY E 101 9.16 -11.88 22.51
N LEU E 102 9.26 -13.03 21.86
CA LEU E 102 10.37 -13.28 20.94
C LEU E 102 10.16 -12.60 19.60
N LEU E 103 8.93 -12.63 19.08
CA LEU E 103 8.64 -12.07 17.77
C LEU E 103 8.64 -10.55 17.81
N GLN E 104 7.88 -9.95 18.72
CA GLN E 104 7.87 -8.51 18.89
C GLN E 104 8.85 -8.15 20.00
N ILE E 105 9.98 -7.58 19.61
CA ILE E 105 11.03 -7.24 20.57
C ILE E 105 10.97 -5.78 21.00
N ASN E 106 10.02 -5.02 20.48
CA ASN E 106 9.92 -3.59 20.72
C ASN E 106 8.45 -3.24 20.85
N ASP E 107 8.14 -2.37 21.82
CA ASP E 107 6.76 -1.99 22.04
C ASP E 107 6.16 -1.29 20.82
N LYS E 108 7.01 -0.73 19.95
CA LYS E 108 6.53 -0.20 18.68
C LYS E 108 6.14 -1.33 17.73
N ILE E 109 6.96 -2.37 17.66
CA ILE E 109 6.62 -3.53 16.83
C ILE E 109 5.31 -4.13 17.30
N ALA E 110 5.13 -4.28 18.61
CA ALA E 110 3.91 -4.86 19.15
C ALA E 110 2.69 -4.02 18.76
N LEU E 111 2.80 -2.70 18.88
CA LEU E 111 1.72 -1.81 18.51
C LEU E 111 1.24 -2.09 17.08
N LYS E 112 2.19 -2.11 16.13
CA LYS E 112 1.84 -2.39 14.74
C LYS E 112 1.30 -3.81 14.55
N GLU E 113 1.66 -4.75 15.42
CA GLU E 113 1.13 -6.11 15.31
C GLU E 113 -0.32 -6.17 15.78
N ILE E 114 -0.66 -5.41 16.81
CA ILE E 114 -2.06 -5.27 17.21
C ILE E 114 -2.87 -4.69 16.05
N THR E 115 -2.37 -3.60 15.46
CA THR E 115 -3.02 -3.00 14.30
C THR E 115 -3.24 -4.04 13.21
N ARG E 116 -2.24 -4.91 12.98
CA ARG E 116 -2.28 -5.82 11.85
C ARG E 116 -3.26 -6.96 12.09
N GLN E 117 -3.37 -7.44 13.33
CA GLN E 117 -4.25 -8.56 13.62
C GLN E 117 -5.71 -8.15 13.73
N LEU E 118 -5.98 -6.88 14.03
CA LEU E 118 -7.35 -6.39 14.08
C LEU E 118 -7.86 -5.96 12.72
N ASN E 119 -7.05 -6.11 11.67
CA ASN E 119 -7.39 -5.67 10.31
C ASN E 119 -7.65 -4.17 10.28
N LEU E 120 -7.08 -3.44 11.23
CA LEU E 120 -7.22 -2.00 11.32
C LEU E 120 -6.07 -1.28 10.62
N GLU E 121 -5.22 -2.02 9.91
CA GLU E 121 -4.11 -1.43 9.17
C GLU E 121 -4.55 -0.36 8.18
N ASN E 122 -5.85 -0.23 7.95
CA ASN E 122 -6.43 0.74 7.03
C ASN E 122 -6.68 2.11 7.66
N VAL E 123 -6.09 2.40 8.83
CA VAL E 123 -6.35 3.63 9.56
C VAL E 123 -6.39 4.87 8.64
N VAL E 124 -5.48 5.03 7.68
CA VAL E 124 -4.19 4.34 7.61
C VAL E 124 -3.06 5.36 7.70
N GLY E 125 -2.43 5.45 8.86
CA GLY E 125 -1.14 6.12 8.97
C GLY E 125 -1.11 7.60 8.65
N ASP E 126 -2.21 8.18 8.18
CA ASP E 126 -2.20 9.59 7.81
C ASP E 126 -2.39 10.50 9.01
N LYS E 127 -2.94 9.98 10.11
CA LYS E 127 -2.86 10.61 11.42
C LYS E 127 -1.81 9.88 12.25
N VAL E 128 -0.70 10.55 12.51
CA VAL E 128 0.30 10.06 13.44
C VAL E 128 -0.03 10.65 14.80
N PHE E 129 -0.38 9.77 15.75
CA PHE E 129 -1.00 10.20 16.99
C PHE E 129 0.04 10.74 17.95
N GLY E 130 -0.39 11.66 18.82
CA GLY E 130 0.52 12.35 19.72
C GLY E 130 1.17 11.46 20.75
N SER E 131 0.58 10.29 21.04
CA SER E 131 1.10 9.42 22.09
C SER E 131 0.87 7.97 21.71
N PHE E 132 1.57 7.08 22.41
CA PHE E 132 1.37 5.65 22.23
C PHE E 132 -0.03 5.23 22.67
N ALA E 133 -0.44 5.67 23.86
CA ALA E 133 -1.76 5.32 24.36
C ALA E 133 -2.85 5.73 23.39
N GLU E 134 -2.72 6.91 22.79
CA GLU E 134 -3.74 7.37 21.84
C GLU E 134 -3.78 6.45 20.63
N ASN E 135 -2.62 5.99 20.17
CA ASN E 135 -2.61 5.06 19.05
C ASN E 135 -3.24 3.73 19.44
N LEU E 136 -2.89 3.22 20.61
CA LEU E 136 -3.46 1.95 21.06
C LEU E 136 -4.94 2.10 21.37
N SER E 137 -5.30 3.17 22.09
CA SER E 137 -6.71 3.40 22.42
C SER E 137 -7.55 3.57 21.17
N PHE E 138 -7.05 4.32 20.19
CA PHE E 138 -7.81 4.54 18.95
C PHE E 138 -7.89 3.29 18.08
N LEU E 139 -7.09 2.25 18.38
CA LEU E 139 -7.28 0.96 17.73
C LEU E 139 -8.51 0.25 18.28
N LEU E 140 -8.65 0.24 19.60
CA LEU E 140 -9.75 -0.47 20.24
C LEU E 140 -11.11 0.13 19.91
N GLU E 141 -11.16 1.45 19.69
CA GLU E 141 -12.42 2.14 19.50
C GLU E 141 -13.07 1.87 18.15
N ALA E 142 -12.41 1.15 17.25
CA ALA E 142 -12.99 0.85 15.94
C ALA E 142 -13.56 -0.57 15.93
N CYS E 152 -17.78 -4.48 22.11
CA CYS E 152 -16.80 -4.80 21.08
C CYS E 152 -15.46 -5.18 21.70
N PRO E 153 -15.42 -6.33 22.37
CA PRO E 153 -14.22 -6.71 23.14
C PRO E 153 -13.09 -7.21 22.26
N VAL E 154 -11.90 -7.18 22.84
CA VAL E 154 -10.71 -7.76 22.22
C VAL E 154 -9.85 -8.35 23.31
N ILE E 155 -9.27 -9.53 23.03
CA ILE E 155 -8.39 -10.23 23.97
C ILE E 155 -6.95 -10.03 23.53
N PHE E 156 -6.05 -9.92 24.51
CA PHE E 156 -4.62 -9.77 24.25
C PHE E 156 -3.89 -10.93 24.92
N ILE E 157 -3.33 -11.81 24.11
CA ILE E 157 -2.50 -12.92 24.59
C ILE E 157 -1.05 -12.50 24.46
N LEU E 158 -0.33 -12.48 25.57
CA LEU E 158 1.09 -12.16 25.57
C LEU E 158 1.86 -13.42 25.96
N ASP E 159 2.53 -14.04 25.00
CA ASP E 159 3.36 -15.20 25.27
C ASP E 159 4.80 -14.73 25.48
N GLU E 160 5.50 -15.39 26.38
CA GLU E 160 6.81 -14.91 26.85
C GLU E 160 6.65 -13.51 27.44
N PHE E 161 5.64 -13.35 28.29
CA PHE E 161 5.42 -12.11 29.02
C PHE E 161 6.69 -11.63 29.71
N ASP E 162 7.52 -12.57 30.18
CA ASP E 162 8.73 -12.20 30.90
C ASP E 162 9.49 -11.11 30.17
N LEU E 163 9.56 -11.20 28.84
CA LEU E 163 10.42 -10.32 28.06
C LEU E 163 9.81 -8.94 27.86
N PHE E 164 8.48 -8.84 27.73
CA PHE E 164 7.87 -7.52 27.58
C PHE E 164 8.19 -6.61 28.74
N ALA E 165 8.51 -7.18 29.92
CA ALA E 165 8.88 -6.36 31.07
C ALA E 165 10.20 -5.66 30.88
N HIS E 166 10.98 -6.05 29.87
CA HIS E 166 12.33 -5.55 29.68
C HIS E 166 12.41 -4.38 28.69
N HIS E 167 11.28 -3.86 28.21
CA HIS E 167 11.32 -2.88 27.13
C HIS E 167 11.38 -1.49 27.73
N LYS E 168 12.57 -0.89 27.70
CA LYS E 168 12.76 0.52 28.06
C LYS E 168 11.93 0.88 29.28
N ASN E 169 11.26 2.03 29.24
CA ASN E 169 10.06 2.22 30.02
C ASN E 169 8.98 1.35 29.40
N GLN E 170 8.22 0.64 30.23
CA GLN E 170 7.37 -0.42 29.69
C GLN E 170 6.07 0.23 29.27
N THR E 171 5.93 0.47 27.97
CA THR E 171 4.76 1.16 27.43
C THR E 171 3.60 0.23 27.15
N LEU E 172 3.86 -0.95 26.59
CA LEU E 172 2.76 -1.84 26.21
C LEU E 172 2.06 -2.39 27.44
N LEU E 173 2.83 -2.79 28.45
CA LEU E 173 2.22 -3.33 29.66
C LEU E 173 1.43 -2.27 30.39
N TYR E 174 2.06 -1.14 30.70
CA TYR E 174 1.36 -0.05 31.38
C TYR E 174 0.07 0.31 30.66
N ASN E 175 0.15 0.52 29.35
CA ASN E 175 -1.00 1.03 28.61
C ASN E 175 -2.05 -0.04 28.36
N LEU E 176 -1.67 -1.31 28.28
CA LEU E 176 -2.68 -2.37 28.23
C LEU E 176 -3.42 -2.48 29.56
N PHE E 177 -2.67 -2.49 30.66
CA PHE E 177 -3.28 -2.53 31.98
C PHE E 177 -4.05 -1.25 32.26
N ASP E 178 -3.47 -0.10 31.91
CA ASP E 178 -4.19 1.16 32.07
C ASP E 178 -5.54 1.12 31.38
N ILE E 179 -5.61 0.47 30.22
CA ILE E 179 -6.88 0.35 29.51
C ILE E 179 -7.78 -0.67 30.18
N SER E 180 -7.20 -1.72 30.77
CA SER E 180 -8.02 -2.72 31.43
C SER E 180 -8.65 -2.18 32.72
N GLN E 181 -7.98 -1.25 33.38
CA GLN E 181 -8.46 -0.73 34.67
C GLN E 181 -9.31 0.53 34.48
N SER E 182 -8.69 1.63 34.09
CA SER E 182 -9.36 2.92 34.13
C SER E 182 -10.21 3.19 32.90
N ALA E 183 -10.01 2.44 31.82
CA ALA E 183 -10.74 2.68 30.59
C ALA E 183 -11.96 1.78 30.53
N GLN E 184 -13.02 2.30 29.92
CA GLN E 184 -14.27 1.57 29.76
C GLN E 184 -14.30 0.73 28.49
N THR E 185 -13.17 0.57 27.81
CA THR E 185 -13.09 -0.28 26.63
C THR E 185 -12.81 -1.72 27.05
N PRO E 186 -13.67 -2.68 26.69
CA PRO E 186 -13.43 -4.07 27.10
C PRO E 186 -12.11 -4.62 26.54
N ILE E 187 -11.29 -5.19 27.43
CA ILE E 187 -9.98 -5.71 27.07
C ILE E 187 -9.63 -6.83 28.05
N ALA E 188 -8.89 -7.82 27.56
CA ALA E 188 -8.41 -8.92 28.40
C ALA E 188 -6.93 -9.16 28.13
N VAL E 189 -6.10 -8.96 29.14
CA VAL E 189 -4.65 -9.10 29.02
C VAL E 189 -4.23 -10.37 29.73
N ILE E 190 -3.83 -11.39 28.98
CA ILE E 190 -3.45 -12.68 29.52
C ILE E 190 -1.98 -12.89 29.19
N GLY E 191 -1.13 -12.85 30.21
CA GLY E 191 0.29 -13.09 30.03
C GLY E 191 0.67 -14.54 30.31
N LEU E 192 1.75 -14.98 29.66
CA LEU E 192 2.34 -16.29 29.88
C LEU E 192 3.82 -16.12 30.17
N THR E 193 4.30 -16.72 31.27
CA THR E 193 5.70 -16.64 31.62
C THR E 193 6.10 -17.86 32.43
N CYS E 194 7.39 -18.17 32.43
CA CYS E 194 7.94 -19.20 33.29
C CYS E 194 8.59 -18.65 34.56
N ARG E 195 8.67 -17.33 34.72
CA ARG E 195 9.37 -16.74 35.86
C ARG E 195 8.43 -16.63 37.06
N LEU E 196 8.78 -17.30 38.15
CA LEU E 196 8.20 -16.97 39.44
C LEU E 196 8.62 -15.58 39.91
N ASP E 197 9.59 -14.97 39.24
CA ASP E 197 10.12 -13.67 39.58
C ASP E 197 9.40 -12.53 38.88
N ILE E 198 8.35 -12.83 38.12
CA ILE E 198 7.75 -11.85 37.21
C ILE E 198 7.35 -10.58 37.94
N LEU E 199 6.63 -10.72 39.06
CA LEU E 199 6.05 -9.55 39.71
C LEU E 199 7.10 -8.54 40.14
N GLU E 200 8.30 -9.01 40.48
CA GLU E 200 9.35 -8.07 40.88
C GLU E 200 9.94 -7.32 39.70
N LEU E 201 9.65 -7.76 38.47
CA LEU E 201 10.18 -7.11 37.26
C LEU E 201 9.32 -5.95 36.77
N LEU E 202 8.15 -5.71 37.36
CA LEU E 202 7.25 -4.68 36.88
C LEU E 202 7.45 -3.38 37.64
N GLU E 203 7.33 -2.27 36.93
CA GLU E 203 7.35 -0.96 37.57
C GLU E 203 6.23 -0.89 38.60
N LYS E 204 6.47 -0.10 39.64
CA LYS E 204 5.46 0.07 40.69
C LYS E 204 4.11 0.36 40.07
N ARG E 205 4.05 1.31 39.14
CA ARG E 205 2.80 1.71 38.53
C ARG E 205 2.22 0.61 37.65
N VAL E 206 3.05 -0.24 37.05
CA VAL E 206 2.53 -1.31 36.22
C VAL E 206 2.04 -2.47 37.08
N LYS E 207 2.81 -2.81 38.12
CA LYS E 207 2.40 -3.87 39.04
C LYS E 207 1.05 -3.51 39.67
N SER E 208 0.88 -2.25 40.04
CA SER E 208 -0.39 -1.79 40.58
C SER E 208 -1.53 -2.03 39.59
N ARG E 209 -1.38 -1.54 38.36
CA ARG E 209 -2.45 -1.62 37.38
C ARG E 209 -2.71 -3.06 36.96
N PHE E 210 -1.71 -3.92 37.03
CA PHE E 210 -1.94 -5.34 36.77
C PHE E 210 -3.03 -5.81 37.72
N SER E 211 -4.10 -6.40 37.17
CA SER E 211 -5.17 -6.84 38.04
C SER E 211 -4.55 -7.73 39.09
N HIS E 212 -4.61 -7.30 40.33
CA HIS E 212 -3.52 -7.60 41.24
C HIS E 212 -3.37 -9.10 41.37
N ARG E 213 -2.18 -9.58 41.01
CA ARG E 213 -1.77 -10.95 41.26
C ARG E 213 -2.89 -11.94 40.94
N GLN E 214 -3.46 -11.82 39.75
CA GLN E 214 -4.27 -12.91 39.22
C GLN E 214 -3.29 -13.91 38.64
N ILE E 215 -3.19 -15.07 39.27
CA ILE E 215 -2.04 -15.95 39.09
C ILE E 215 -2.53 -17.38 38.97
N HIS E 216 -2.22 -18.03 37.84
CA HIS E 216 -2.43 -19.45 37.67
C HIS E 216 -1.07 -20.12 37.66
N LEU E 217 -0.89 -21.13 38.51
CA LEU E 217 0.36 -21.84 38.62
C LEU E 217 0.16 -23.29 38.19
N MET E 218 1.12 -23.82 37.41
CA MET E 218 0.98 -25.14 36.81
C MET E 218 1.69 -26.20 37.63
N ASN E 219 3.02 -26.14 37.66
CA ASN E 219 3.83 -26.99 38.54
C ASN E 219 3.58 -28.46 38.17
N SER E 220 3.33 -29.35 39.13
CA SER E 220 3.48 -30.78 38.89
C SER E 220 2.28 -31.55 39.41
N PHE E 221 2.39 -32.87 39.31
CA PHE E 221 1.33 -33.82 39.63
C PHE E 221 1.99 -35.05 40.24
N GLY E 222 1.23 -36.14 40.37
CA GLY E 222 1.75 -37.37 40.94
C GLY E 222 2.24 -38.37 39.90
N PHE E 223 3.06 -39.31 40.36
CA PHE E 223 3.64 -40.31 39.48
C PHE E 223 2.59 -41.20 38.82
N PRO E 224 1.65 -41.80 39.53
CA PRO E 224 0.62 -42.59 38.84
C PRO E 224 -0.06 -41.83 37.71
N GLN E 225 -0.31 -40.54 37.89
CA GLN E 225 -0.85 -39.75 36.79
C GLN E 225 0.13 -39.70 35.62
N TYR E 226 1.44 -39.72 35.91
CA TYR E 226 2.42 -39.74 34.84
C TYR E 226 2.29 -41.00 34.01
N VAL E 227 2.14 -42.15 34.67
CA VAL E 227 1.94 -43.41 33.95
C VAL E 227 0.63 -43.37 33.19
N LYS E 228 -0.44 -42.87 33.84
CA LYS E 228 -1.72 -42.72 33.15
C LYS E 228 -1.56 -41.83 31.93
N ILE E 229 -0.88 -40.69 32.08
CA ILE E 229 -0.60 -39.82 30.94
C ILE E 229 0.10 -40.60 29.84
N PHE E 230 1.13 -41.36 30.23
CA PHE E 230 1.84 -42.20 29.26
C PHE E 230 0.87 -43.07 28.48
N LYS E 231 -0.03 -43.76 29.19
CA LYS E 231 -0.98 -44.64 28.53
C LYS E 231 -2.01 -43.85 27.74
N GLU E 232 -2.34 -42.65 28.18
CA GLU E 232 -3.39 -41.87 27.52
C GLU E 232 -2.91 -41.23 26.22
N GLN E 233 -1.66 -40.77 26.18
CA GLN E 233 -1.17 -40.10 24.97
C GLN E 233 -0.90 -41.09 23.84
N LEU E 234 -0.52 -42.32 24.17
CA LEU E 234 -0.28 -43.34 23.16
C LEU E 234 -1.58 -43.91 22.60
N SER E 235 -2.68 -43.79 23.33
CA SER E 235 -3.95 -44.38 22.92
C SER E 235 -4.55 -43.64 21.73
N LEU E 236 -5.50 -44.30 21.08
CA LEU E 236 -6.20 -43.73 19.93
C LEU E 236 -7.70 -43.90 20.08
N PRO E 237 -8.44 -42.78 20.12
CA PRO E 237 -9.90 -42.79 20.27
C PRO E 237 -10.61 -43.38 19.06
N ALA E 238 -11.13 -44.60 19.20
CA ALA E 238 -11.84 -45.29 18.14
C ALA E 238 -11.07 -45.26 16.81
N GLU E 239 -11.78 -44.95 15.73
CA GLU E 239 -11.16 -44.88 14.41
C GLU E 239 -10.12 -43.77 14.37
N VAL E 244 -11.72 -50.87 15.11
CA VAL E 244 -11.45 -52.23 15.54
C VAL E 244 -9.95 -52.43 15.76
N PHE E 245 -9.16 -52.11 14.73
CA PHE E 245 -7.71 -52.20 14.87
C PHE E 245 -7.23 -51.36 16.05
N ALA E 246 -7.82 -50.18 16.23
CA ALA E 246 -7.45 -49.33 17.36
C ALA E 246 -7.66 -50.03 18.69
N GLU E 247 -8.71 -50.86 18.79
CA GLU E 247 -9.03 -51.49 20.07
C GLU E 247 -7.90 -52.39 20.54
N LYS E 248 -7.37 -53.24 19.66
CA LYS E 248 -6.20 -54.04 20.03
C LYS E 248 -4.99 -53.16 20.29
N TRP E 249 -4.84 -52.08 19.54
CA TRP E 249 -3.70 -51.18 19.71
C TRP E 249 -3.66 -50.64 21.14
N ASN E 250 -4.80 -50.13 21.63
CA ASN E 250 -4.86 -49.58 22.97
C ASN E 250 -4.69 -50.65 24.04
N GLU E 251 -5.18 -51.87 23.77
CA GLU E 251 -4.99 -52.96 24.72
C GLU E 251 -3.51 -53.20 24.97
N ASN E 252 -2.70 -53.16 23.91
CA ASN E 252 -1.27 -53.38 24.07
C ASN E 252 -0.60 -52.19 24.74
N VAL E 253 -1.11 -50.98 24.50
CA VAL E 253 -0.61 -49.80 25.21
C VAL E 253 -0.81 -49.97 26.71
N GLN E 254 -1.96 -50.51 27.12
CA GLN E 254 -2.24 -50.66 28.54
C GLN E 254 -1.35 -51.71 29.18
N TYR E 255 -1.08 -52.81 28.47
CA TYR E 255 -0.11 -53.78 28.98
C TYR E 255 1.25 -53.13 29.21
N LEU E 256 1.67 -52.25 28.29
CA LEU E 256 2.92 -51.54 28.51
C LEU E 256 2.86 -50.69 29.77
N SER E 257 1.71 -50.06 30.02
CA SER E 257 1.58 -49.15 31.16
C SER E 257 2.08 -49.81 32.45
N GLU E 258 1.77 -51.10 32.63
CA GLU E 258 2.26 -51.86 33.77
C GLU E 258 3.35 -52.81 33.27
N ASP E 259 4.59 -52.46 33.55
CA ASP E 259 5.74 -53.33 33.34
C ASP E 259 6.80 -52.88 34.32
N ARG E 260 7.54 -53.83 34.90
CA ARG E 260 8.62 -53.45 35.80
C ARG E 260 9.68 -52.65 35.06
N SER E 261 9.91 -53.00 33.80
CA SER E 261 10.87 -52.25 32.98
C SER E 261 10.32 -50.89 32.60
N VAL E 262 9.13 -50.85 31.97
CA VAL E 262 8.57 -49.60 31.49
C VAL E 262 8.45 -48.59 32.63
N GLN E 263 8.11 -49.07 33.83
CA GLN E 263 7.91 -48.14 34.93
C GLN E 263 9.22 -47.60 35.48
N GLU E 264 10.24 -48.46 35.61
CA GLU E 264 11.53 -47.98 36.11
C GLU E 264 12.23 -47.08 35.10
N VAL E 265 11.89 -47.17 33.82
CA VAL E 265 12.37 -46.20 32.85
C VAL E 265 11.55 -44.91 32.95
N LEU E 266 10.22 -45.03 32.96
CA LEU E 266 9.38 -43.85 33.11
C LEU E 266 9.68 -43.14 34.41
N GLN E 267 9.98 -43.90 35.47
CA GLN E 267 10.38 -43.30 36.73
C GLN E 267 11.74 -42.62 36.62
N LYS E 268 12.60 -43.10 35.72
CA LYS E 268 13.89 -42.44 35.53
C LYS E 268 13.71 -41.04 34.97
N HIS E 269 12.85 -40.90 33.95
CA HIS E 269 12.54 -39.57 33.44
C HIS E 269 11.75 -38.78 34.46
N PHE E 270 10.84 -39.43 35.20
CA PHE E 270 10.02 -38.70 36.15
C PHE E 270 10.87 -38.06 37.24
N ASN E 271 11.79 -38.83 37.84
CA ASN E 271 12.61 -38.30 38.93
C ASN E 271 13.37 -37.06 38.51
N ILE E 272 13.51 -36.83 37.21
CA ILE E 272 14.10 -35.62 36.67
C ILE E 272 13.03 -34.69 36.11
N SER E 273 12.21 -35.21 35.19
CA SER E 273 11.33 -34.41 34.36
C SER E 273 10.17 -33.80 35.12
N LYS E 274 9.22 -34.64 35.55
CA LYS E 274 7.92 -34.13 36.00
C LYS E 274 7.33 -33.22 34.92
N ASN E 275 7.54 -33.61 33.67
CA ASN E 275 7.21 -32.77 32.52
C ASN E 275 6.65 -33.66 31.42
N LEU E 276 5.55 -33.22 30.81
CA LEU E 276 4.91 -34.02 29.78
C LEU E 276 5.54 -33.87 28.40
N ARG E 277 6.29 -32.78 28.16
CA ARG E 277 6.92 -32.64 26.86
C ARG E 277 8.08 -33.60 26.72
N SER E 278 8.93 -33.70 27.76
CA SER E 278 9.98 -34.70 27.75
C SER E 278 9.41 -36.08 27.49
N LEU E 279 8.26 -36.39 28.10
CA LEU E 279 7.59 -37.66 27.84
C LEU E 279 7.27 -37.81 26.37
N HIS E 280 6.73 -36.76 25.74
CA HIS E 280 6.40 -36.82 24.33
C HIS E 280 7.64 -37.15 23.49
N MET E 281 8.77 -36.53 23.82
CA MET E 281 10.01 -36.85 23.11
C MET E 281 10.32 -38.33 23.21
N LEU E 282 10.22 -38.89 24.41
CA LEU E 282 10.42 -40.32 24.58
C LEU E 282 9.44 -41.12 23.75
N LEU E 283 8.15 -40.73 23.75
CA LEU E 283 7.15 -41.46 23.00
C LEU E 283 7.40 -41.37 21.49
N MET E 284 7.91 -40.24 21.00
CA MET E 284 8.14 -40.11 19.57
C MET E 284 9.32 -40.97 19.12
N LEU E 285 10.46 -40.86 19.81
CA LEU E 285 11.62 -41.64 19.43
C LEU E 285 11.29 -43.12 19.40
N ALA E 286 10.52 -43.60 20.38
CA ALA E 286 10.05 -44.98 20.36
C ALA E 286 8.96 -45.19 19.32
N LEU E 287 8.34 -44.13 18.82
CA LEU E 287 7.31 -44.28 17.80
C LEU E 287 7.88 -44.50 16.41
N ASN E 288 9.09 -44.01 16.13
CA ASN E 288 9.73 -44.31 14.85
C ASN E 288 10.07 -45.78 14.71
N ARG E 289 10.42 -46.43 15.82
CA ARG E 289 10.73 -47.85 15.81
C ARG E 289 9.54 -48.71 15.41
N VAL E 290 8.35 -48.15 15.34
CA VAL E 290 7.13 -48.88 14.99
C VAL E 290 6.97 -48.85 13.48
N THR E 291 6.92 -50.02 12.86
CA THR E 291 6.76 -50.15 11.43
C THR E 291 5.73 -51.22 11.13
N ALA E 292 5.50 -51.47 9.84
CA ALA E 292 4.57 -52.52 9.43
C ALA E 292 5.06 -53.90 9.85
N SER E 293 6.36 -54.07 10.05
CA SER E 293 6.94 -55.30 10.58
C SER E 293 7.10 -55.26 12.09
N HIS E 294 6.76 -54.15 12.72
CA HIS E 294 6.89 -53.99 14.17
C HIS E 294 5.63 -53.28 14.65
N PRO E 295 4.53 -54.00 14.86
CA PRO E 295 3.23 -53.33 15.00
C PRO E 295 3.14 -52.36 16.16
N PHE E 296 3.57 -52.77 17.36
CA PHE E 296 3.38 -51.94 18.54
C PHE E 296 4.64 -51.92 19.39
N MET E 297 4.71 -50.92 20.27
CA MET E 297 5.89 -50.71 21.10
C MET E 297 6.13 -51.88 22.03
N THR E 298 7.38 -51.99 22.48
CA THR E 298 7.79 -52.94 23.49
C THR E 298 8.62 -52.20 24.52
N ALA E 299 8.93 -52.89 25.63
CA ALA E 299 9.72 -52.27 26.68
C ALA E 299 11.08 -51.80 26.16
N VAL E 300 11.67 -52.54 25.22
CA VAL E 300 12.98 -52.15 24.69
C VAL E 300 12.86 -50.89 23.85
N ASP E 301 11.77 -50.77 23.10
CA ASP E 301 11.58 -49.56 22.29
C ASP E 301 11.68 -48.30 23.12
N LEU E 302 11.07 -48.31 24.31
CA LEU E 302 11.13 -47.14 25.17
C LEU E 302 12.48 -47.01 25.85
N MET E 303 13.08 -48.13 26.28
CA MET E 303 14.39 -48.05 26.93
C MET E 303 15.43 -47.50 25.98
N GLU E 304 15.51 -48.05 24.76
CA GLU E 304 16.43 -47.50 23.77
C GLU E 304 16.14 -46.03 23.53
N ALA E 305 14.87 -45.70 23.28
CA ALA E 305 14.50 -44.31 23.09
C ALA E 305 14.90 -43.46 24.27
N SER E 306 14.87 -44.02 25.48
CA SER E 306 15.30 -43.28 26.66
C SER E 306 16.82 -43.13 26.69
N GLN E 307 17.54 -44.13 26.17
CA GLN E 307 19.00 -44.08 26.19
C GLN E 307 19.53 -43.00 25.26
N LEU E 308 18.90 -42.81 24.10
CA LEU E 308 19.36 -41.77 23.18
C LEU E 308 19.31 -40.40 23.84
N CYS E 309 18.35 -40.19 24.73
CA CYS E 309 18.25 -38.94 25.47
C CYS E 309 19.21 -38.90 26.65
N SER E 310 19.52 -40.07 27.23
CA SER E 310 20.29 -40.15 28.47
C SER E 310 21.79 -40.04 28.26
N MET E 311 22.26 -40.04 27.03
CA MET E 311 23.70 -39.94 26.77
C MET E 311 24.27 -38.66 27.37
N ASP E 312 25.50 -38.74 27.85
CA ASP E 312 26.20 -37.58 28.36
C ASP E 312 26.94 -36.95 27.19
N SER E 313 26.49 -35.77 26.76
CA SER E 313 26.97 -35.20 25.50
C SER E 313 28.47 -34.95 25.55
N LYS E 314 28.96 -34.33 26.64
CA LYS E 314 30.37 -33.98 26.71
C LYS E 314 31.26 -35.22 26.79
N ALA E 315 30.75 -36.34 27.32
CA ALA E 315 31.52 -37.57 27.30
C ALA E 315 31.62 -38.12 25.88
N ASN E 316 30.53 -38.01 25.11
CA ASN E 316 30.57 -38.41 23.71
C ASN E 316 31.62 -37.62 22.94
N ILE E 317 31.74 -36.32 23.22
CA ILE E 317 32.74 -35.51 22.56
C ILE E 317 34.14 -36.02 22.90
N VAL E 318 34.36 -36.37 24.16
CA VAL E 318 35.68 -36.86 24.58
C VAL E 318 36.04 -38.12 23.81
N HIS E 319 35.04 -38.94 23.47
CA HIS E 319 35.31 -40.24 22.85
C HIS E 319 36.00 -40.11 21.51
N GLY E 320 35.84 -38.97 20.83
CA GLY E 320 36.32 -38.79 19.48
C GLY E 320 37.62 -38.02 19.34
N LEU E 321 38.29 -37.68 20.43
CA LEU E 321 39.52 -36.93 20.34
C LEU E 321 40.67 -37.80 19.86
N SER E 322 41.70 -37.15 19.32
CA SER E 322 42.93 -37.84 18.97
C SER E 322 43.77 -38.08 20.22
N VAL E 323 44.63 -39.11 20.14
CA VAL E 323 45.43 -39.50 21.29
C VAL E 323 46.31 -38.35 21.76
N LEU E 324 46.73 -37.48 20.85
CA LEU E 324 47.49 -36.30 21.24
C LEU E 324 46.66 -35.41 22.17
N GLU E 325 45.46 -35.04 21.74
CA GLU E 325 44.60 -34.18 22.55
C GLU E 325 44.37 -34.77 23.93
N ILE E 326 44.19 -36.09 24.01
CA ILE E 326 43.96 -36.73 25.30
C ILE E 326 45.13 -36.49 26.23
N CYS E 327 46.34 -36.81 25.79
CA CYS E 327 47.51 -36.63 26.64
C CYS E 327 47.58 -35.20 27.18
N LEU E 328 47.18 -34.23 26.36
CA LEU E 328 47.10 -32.86 26.85
C LEU E 328 46.11 -32.76 27.99
N ILE E 329 44.94 -33.39 27.84
CA ILE E 329 43.94 -33.37 28.91
C ILE E 329 44.49 -34.00 30.17
N ILE E 330 45.20 -35.12 30.02
CA ILE E 330 45.80 -35.78 31.19
C ILE E 330 46.86 -34.88 31.80
N ALA E 331 47.59 -34.13 30.97
CA ALA E 331 48.51 -33.13 31.50
C ALA E 331 47.76 -32.07 32.30
N MET E 332 46.63 -31.61 31.78
CA MET E 332 45.84 -30.63 32.50
C MET E 332 45.32 -31.20 33.81
N LYS E 333 44.88 -32.46 33.81
CA LYS E 333 44.47 -33.10 35.05
C LYS E 333 45.60 -33.10 36.07
N HIS E 334 46.80 -33.50 35.63
CA HIS E 334 47.95 -33.50 36.53
C HIS E 334 48.27 -32.09 37.01
N LEU E 335 48.02 -31.08 36.18
CA LEU E 335 48.31 -29.71 36.58
C LEU E 335 47.28 -29.20 37.58
N ASN E 336 46.03 -29.59 37.42
CA ASN E 336 45.01 -29.23 38.41
C ASN E 336 45.20 -30.00 39.71
N ASP E 337 45.83 -31.17 39.65
CA ASP E 337 46.14 -31.93 40.85
C ASP E 337 47.43 -31.48 41.52
N ILE E 338 48.29 -30.78 40.79
CA ILE E 338 49.55 -30.25 41.33
C ILE E 338 49.28 -28.83 41.82
N TYR E 339 48.85 -27.96 40.91
CA TYR E 339 48.59 -26.57 41.24
C TYR E 339 47.24 -26.39 41.94
N GLU E 340 46.50 -27.48 42.18
CA GLU E 340 45.24 -27.44 42.92
C GLU E 340 44.24 -26.52 42.24
N GLU E 341 43.81 -26.96 41.06
CA GLU E 341 42.72 -26.32 40.32
C GLU E 341 43.04 -24.87 39.96
N GLU E 342 44.33 -24.51 39.87
CA GLU E 342 44.68 -23.21 39.35
C GLU E 342 44.81 -23.28 37.83
N PRO E 343 44.51 -22.18 37.12
CA PRO E 343 44.62 -22.20 35.66
C PRO E 343 46.04 -22.42 35.18
N PHE E 344 46.21 -22.46 33.86
CA PHE E 344 47.51 -22.72 33.24
C PHE E 344 47.51 -22.14 31.85
N ASN E 345 48.68 -22.19 31.21
CA ASN E 345 48.86 -21.75 29.83
C ASN E 345 49.46 -22.89 29.01
N PHE E 346 49.67 -22.61 27.72
CA PHE E 346 50.20 -23.64 26.84
C PHE E 346 51.56 -24.14 27.30
N GLN E 347 52.37 -23.27 27.90
CA GLN E 347 53.72 -23.66 28.29
C GLN E 347 53.70 -24.79 29.31
N MET E 348 52.82 -24.71 30.31
CA MET E 348 52.81 -25.73 31.36
C MET E 348 52.27 -27.05 30.83
N VAL E 349 51.24 -27.00 29.97
CA VAL E 349 50.76 -28.22 29.33
C VAL E 349 51.89 -28.86 28.52
N TYR E 350 52.58 -28.05 27.73
CA TYR E 350 53.68 -28.55 26.91
C TYR E 350 54.77 -29.16 27.78
N ASN E 351 55.09 -28.52 28.90
CA ASN E 351 56.13 -29.03 29.79
C ASN E 351 55.74 -30.42 30.31
N GLU E 352 54.58 -30.51 30.97
CA GLU E 352 54.13 -31.80 31.49
C GLU E 352 53.96 -32.82 30.36
N PHE E 353 53.56 -32.37 29.18
CA PHE E 353 53.40 -33.30 28.06
C PHE E 353 54.75 -33.83 27.60
N GLN E 354 55.79 -32.99 27.60
CA GLN E 354 57.13 -33.46 27.30
C GLN E 354 57.61 -34.47 28.34
N LYS E 355 57.38 -34.17 29.61
CA LYS E 355 57.81 -35.08 30.68
C LYS E 355 57.18 -36.46 30.53
N PHE E 356 56.01 -36.54 29.89
CA PHE E 356 55.35 -37.82 29.70
C PHE E 356 56.16 -38.72 28.78
N VAL E 357 56.80 -38.15 27.77
CA VAL E 357 57.56 -38.94 26.80
C VAL E 357 58.62 -39.77 27.51
N PHE E 367 57.26 -34.58 18.72
CA PHE E 367 56.11 -33.68 18.82
C PHE E 367 56.56 -32.23 19.00
N GLU E 368 56.66 -31.53 17.87
CA GLU E 368 57.05 -30.13 17.89
C GLU E 368 55.89 -29.26 18.40
N LYS E 369 56.24 -28.07 18.87
CA LYS E 369 55.24 -27.15 19.41
C LYS E 369 54.08 -26.87 18.45
N PRO E 370 54.31 -26.63 17.16
CA PRO E 370 53.16 -26.34 16.28
C PRO E 370 52.05 -27.38 16.33
N VAL E 371 52.39 -28.67 16.40
CA VAL E 371 51.37 -29.70 16.44
C VAL E 371 50.63 -29.67 17.77
N VAL E 372 51.39 -29.57 18.87
CA VAL E 372 50.77 -29.52 20.19
C VAL E 372 49.81 -28.34 20.29
N MET E 373 50.20 -27.19 19.75
CA MET E 373 49.34 -26.01 19.78
C MET E 373 48.12 -26.19 18.89
N LYS E 374 48.24 -26.95 17.80
CA LYS E 374 47.07 -27.22 16.97
C LYS E 374 46.01 -27.98 17.76
N ALA E 375 46.42 -28.99 18.53
CA ALA E 375 45.47 -29.74 19.34
C ALA E 375 44.96 -28.90 20.50
N PHE E 376 45.88 -28.24 21.22
CA PHE E 376 45.48 -27.36 22.31
C PHE E 376 44.43 -26.36 21.84
N GLU E 377 44.74 -25.61 20.79
CA GLU E 377 43.78 -24.67 20.23
C GLU E 377 42.51 -25.36 19.75
N HIS E 378 42.57 -26.66 19.47
CA HIS E 378 41.37 -27.39 19.07
C HIS E 378 40.46 -27.65 20.27
N LEU E 379 41.06 -27.92 21.44
CA LEU E 379 40.26 -28.08 22.65
C LEU E 379 39.45 -26.81 22.91
N GLN E 380 40.09 -25.65 22.82
CA GLN E 380 39.35 -24.40 22.94
C GLN E 380 38.31 -24.26 21.84
N GLN E 381 38.67 -24.62 20.60
CA GLN E 381 37.73 -24.54 19.51
C GLN E 381 36.47 -25.36 19.79
N LEU E 382 36.59 -26.43 20.55
CA LEU E 382 35.43 -27.22 20.96
C LEU E 382 34.84 -26.74 22.29
N GLU E 383 35.45 -25.74 22.92
CA GLU E 383 35.00 -25.25 24.23
C GLU E 383 35.04 -26.37 25.28
N LEU E 384 36.07 -27.22 25.20
CA LEU E 384 36.40 -28.12 26.29
C LEU E 384 37.44 -27.52 27.22
N ILE E 385 37.87 -26.29 26.96
CA ILE E 385 38.74 -25.55 27.84
C ILE E 385 38.39 -24.08 27.65
N LYS E 386 38.42 -23.31 28.74
CA LYS E 386 37.94 -21.94 28.70
C LYS E 386 39.02 -20.99 29.21
N PRO E 387 39.14 -19.79 28.62
CA PRO E 387 40.18 -18.85 29.07
C PRO E 387 39.75 -17.98 30.23
N MET E 388 40.62 -17.07 30.66
CA MET E 388 40.35 -16.19 31.78
C MET E 388 41.05 -14.84 31.60
N GLU E 398 52.08 -19.97 25.71
CA GLU E 398 51.25 -18.81 25.47
C GLU E 398 51.21 -17.89 26.68
N TYR E 399 50.71 -16.68 26.46
CA TYR E 399 50.53 -15.69 27.51
C TYR E 399 49.14 -15.73 28.14
N GLN E 400 48.26 -16.61 27.66
CA GLN E 400 46.88 -16.67 28.11
C GLN E 400 46.68 -17.87 29.02
N LEU E 401 45.96 -17.65 30.13
CA LEU E 401 45.68 -18.69 31.10
C LEU E 401 44.32 -19.30 30.84
N MET E 402 44.23 -20.63 31.00
CA MET E 402 43.00 -21.35 30.74
C MET E 402 42.83 -22.48 31.75
N LYS E 403 41.59 -22.96 31.88
CA LYS E 403 41.27 -24.03 32.81
C LYS E 403 40.36 -25.03 32.13
N LEU E 404 40.46 -26.28 32.57
CA LEU E 404 39.78 -27.40 31.92
C LEU E 404 38.32 -27.46 32.33
N LEU E 405 37.44 -27.64 31.35
CA LEU E 405 35.98 -27.67 31.54
C LEU E 405 35.43 -29.08 31.75
N LEU E 406 36.30 -30.08 31.91
CA LEU E 406 35.86 -31.47 32.06
C LEU E 406 35.90 -31.89 33.52
N ASP E 407 34.94 -32.73 33.90
CA ASP E 407 34.93 -33.35 35.21
C ASP E 407 35.80 -34.60 35.21
N ASN E 408 36.56 -34.80 36.28
CA ASN E 408 37.52 -35.90 36.32
C ASN E 408 36.84 -37.25 36.16
N THR E 409 35.60 -37.39 36.65
CA THR E 409 34.90 -38.66 36.51
C THR E 409 34.48 -38.90 35.05
N GLN E 410 34.12 -37.83 34.33
CA GLN E 410 33.92 -37.94 32.89
C GLN E 410 35.20 -38.42 32.21
N ILE E 411 36.35 -37.89 32.63
CA ILE E 411 37.61 -38.24 32.00
C ILE E 411 37.93 -39.72 32.21
N MET E 412 37.94 -40.16 33.47
CA MET E 412 38.38 -41.52 33.76
C MET E 412 37.40 -42.55 33.21
N ASN E 413 36.09 -42.26 33.26
CA ASN E 413 35.12 -43.17 32.64
C ASN E 413 35.28 -43.18 31.12
N ALA E 414 35.46 -42.00 30.51
CA ALA E 414 35.66 -41.95 29.07
C ALA E 414 36.91 -42.72 28.66
N LEU E 415 38.00 -42.56 29.41
CA LEU E 415 39.21 -43.31 29.10
C LEU E 415 38.95 -44.81 29.15
N GLN E 416 38.17 -45.26 30.14
CA GLN E 416 37.86 -46.69 30.22
C GLN E 416 36.99 -47.13 29.06
N LYS E 417 36.22 -46.22 28.48
CA LYS E 417 35.42 -46.51 27.29
C LYS E 417 36.09 -46.05 26.00
N TYR E 418 37.29 -45.46 26.07
CA TYR E 418 37.97 -45.02 24.87
C TYR E 418 38.43 -46.22 24.05
N PRO E 419 38.22 -46.21 22.72
CA PRO E 419 38.36 -47.49 21.98
C PRO E 419 39.76 -48.07 22.06
N ASN E 420 40.78 -47.28 21.71
CA ASN E 420 42.17 -47.73 21.74
C ASN E 420 42.87 -46.90 22.80
N CYS E 421 43.15 -47.50 23.94
CA CYS E 421 43.87 -46.81 25.00
C CYS E 421 45.33 -47.21 24.91
N PRO E 422 46.23 -46.32 24.47
CA PRO E 422 47.64 -46.71 24.39
C PRO E 422 48.11 -47.23 25.75
N THR E 423 48.93 -48.28 25.71
CA THR E 423 49.43 -48.84 26.97
C THR E 423 50.14 -47.78 27.79
N ASP E 424 50.70 -46.76 27.14
CA ASP E 424 51.40 -45.69 27.83
C ASP E 424 50.44 -44.67 28.44
N VAL E 425 49.37 -44.32 27.72
CA VAL E 425 48.50 -43.24 28.15
C VAL E 425 47.69 -43.65 29.37
N ARG E 426 47.04 -44.81 29.32
CA ARG E 426 46.24 -45.25 30.45
C ARG E 426 47.04 -45.22 31.74
N GLN E 427 48.28 -45.73 31.69
CA GLN E 427 49.14 -45.71 32.87
C GLN E 427 49.33 -44.29 33.37
N TRP E 428 49.59 -43.34 32.46
CA TRP E 428 49.79 -41.96 32.86
C TRP E 428 48.54 -41.37 33.47
N ALA E 429 47.37 -41.71 32.93
CA ALA E 429 46.12 -41.14 33.43
C ALA E 429 45.88 -41.51 34.89
N THR E 430 46.09 -42.78 35.24
CA THR E 430 45.86 -43.24 36.61
C THR E 430 47.04 -43.00 37.53
N SER E 431 48.18 -42.53 37.01
CA SER E 431 49.34 -42.28 37.87
C SER E 431 48.98 -41.34 39.00
N SER E 432 48.18 -40.31 38.71
CA SER E 432 47.77 -39.34 39.72
C SER E 432 46.90 -40.00 40.79
N CYS F 10 28.74 -45.80 6.65
CA CYS F 10 28.88 -46.32 8.00
C CYS F 10 27.87 -45.67 8.96
N ARG F 11 27.06 -44.77 8.42
CA ARG F 11 26.05 -44.04 9.17
C ARG F 11 24.68 -44.69 9.13
N GLU F 12 24.59 -45.92 8.63
CA GLU F 12 23.29 -46.55 8.38
C GLU F 12 22.31 -46.37 9.54
N SER F 13 22.79 -46.46 10.78
CA SER F 13 21.90 -46.31 11.92
C SER F 13 21.37 -44.89 12.04
N GLN F 14 22.25 -43.89 11.88
CA GLN F 14 21.81 -42.51 11.95
C GLN F 14 20.90 -42.17 10.79
N VAL F 15 21.08 -42.83 9.64
CA VAL F 15 20.19 -42.61 8.50
C VAL F 15 18.78 -43.07 8.84
N SER F 16 18.66 -44.23 9.50
CA SER F 16 17.36 -44.73 9.91
C SER F 16 16.70 -43.77 10.90
N ILE F 17 17.50 -43.18 11.77
CA ILE F 17 16.96 -42.23 12.74
C ILE F 17 16.41 -41.00 12.04
N LEU F 18 17.24 -40.34 11.22
CA LEU F 18 16.79 -39.14 10.53
C LEU F 18 15.65 -39.44 9.58
N GLN F 19 15.79 -40.50 8.77
CA GLN F 19 14.76 -40.82 7.80
C GLN F 19 13.42 -41.09 8.50
N SER F 20 13.44 -41.97 9.51
CA SER F 20 12.21 -42.27 10.23
C SER F 20 11.66 -41.04 10.94
N LEU F 21 12.55 -40.18 11.45
CA LEU F 21 12.09 -38.93 12.05
C LEU F 21 11.36 -38.08 11.04
N PHE F 22 11.88 -37.99 9.81
CA PHE F 22 11.16 -37.31 8.75
C PHE F 22 9.79 -37.93 8.54
N GLY F 23 9.67 -39.24 8.72
CA GLY F 23 8.42 -39.92 8.49
C GLY F 23 7.95 -39.71 7.06
N GLU F 24 6.63 -39.74 6.88
CA GLU F 24 6.07 -39.45 5.57
C GLU F 24 6.06 -37.94 5.32
N ARG F 25 6.07 -37.58 4.04
CA ARG F 25 6.21 -36.18 3.67
C ARG F 25 5.10 -35.31 4.26
N HIS F 26 3.89 -35.84 4.39
CA HIS F 26 2.77 -35.05 4.87
C HIS F 26 2.50 -35.22 6.36
N HIS F 27 3.28 -36.01 7.07
CA HIS F 27 3.14 -36.12 8.52
C HIS F 27 3.82 -34.92 9.19
N PHE F 28 3.92 -34.95 10.51
CA PHE F 28 4.66 -33.94 11.26
C PHE F 28 5.90 -34.56 11.89
N SER F 29 6.93 -33.74 12.08
CA SER F 29 8.18 -34.16 12.70
C SER F 29 8.52 -33.18 13.82
N PHE F 30 9.63 -33.48 14.50
CA PHE F 30 10.05 -32.64 15.62
C PHE F 30 10.12 -31.18 15.19
N PRO F 31 9.73 -30.24 16.05
CA PRO F 31 9.96 -28.83 15.71
C PRO F 31 11.42 -28.49 15.51
N SER F 32 12.32 -29.15 16.25
CA SER F 32 13.74 -28.88 16.16
C SER F 32 14.55 -30.12 16.50
N ILE F 33 15.68 -30.28 15.80
CA ILE F 33 16.64 -31.33 16.08
C ILE F 33 18.03 -30.69 16.12
N PHE F 34 18.87 -31.15 17.05
CA PHE F 34 20.18 -30.55 17.27
C PHE F 34 21.24 -31.65 17.20
N ILE F 35 22.13 -31.54 16.22
CA ILE F 35 23.18 -32.52 15.98
C ILE F 35 24.52 -31.93 16.42
N TYR F 36 25.34 -32.75 17.09
CA TYR F 36 26.64 -32.30 17.60
C TYR F 36 27.78 -33.19 17.10
N GLY F 37 29.01 -32.82 17.47
CA GLY F 37 30.25 -33.08 16.73
C GLY F 37 30.68 -34.52 16.44
N HIS F 38 31.85 -34.73 15.79
CA HIS F 38 32.89 -33.72 15.48
C HIS F 38 32.83 -33.11 14.07
N THR F 39 33.85 -32.31 13.75
CA THR F 39 33.98 -31.68 12.44
C THR F 39 33.82 -32.70 11.32
N ALA F 40 34.60 -33.77 11.35
CA ALA F 40 34.66 -34.72 10.27
C ALA F 40 33.67 -35.86 10.44
N SER F 41 32.80 -35.77 11.45
CA SER F 41 31.83 -36.82 11.73
C SER F 41 30.99 -37.16 10.51
N GLY F 42 30.88 -36.26 9.55
CA GLY F 42 30.05 -36.52 8.39
C GLY F 42 28.62 -36.06 8.52
N LYS F 43 28.31 -35.19 9.48
CA LYS F 43 26.92 -34.81 9.74
C LYS F 43 26.25 -34.29 8.47
N THR F 44 26.76 -33.19 7.92
CA THR F 44 26.03 -32.54 6.83
C THR F 44 26.03 -33.40 5.56
N TYR F 45 27.08 -34.18 5.32
CA TYR F 45 27.03 -35.11 4.20
C TYR F 45 25.81 -36.00 4.30
N VAL F 46 25.48 -36.43 5.51
CA VAL F 46 24.38 -37.36 5.72
C VAL F 46 23.04 -36.65 5.58
N THR F 47 22.91 -35.46 6.17
CA THR F 47 21.64 -34.74 6.08
C THR F 47 21.39 -34.29 4.64
N GLN F 48 22.40 -33.69 4.00
CA GLN F 48 22.22 -33.21 2.63
C GLN F 48 21.87 -34.35 1.68
N THR F 49 22.54 -35.49 1.83
CA THR F 49 22.24 -36.64 0.97
C THR F 49 20.78 -37.06 1.11
N LEU F 50 20.33 -37.30 2.34
CA LEU F 50 18.97 -37.78 2.56
C LEU F 50 17.93 -36.77 2.10
N LEU F 51 18.16 -35.48 2.34
CA LEU F 51 17.18 -34.47 1.93
C LEU F 51 17.12 -34.33 0.42
N LYS F 52 18.26 -34.42 -0.25
CA LYS F 52 18.26 -34.29 -1.70
C LYS F 52 17.63 -35.52 -2.36
N THR F 53 17.93 -36.71 -1.83
CA THR F 53 17.52 -37.94 -2.50
C THR F 53 16.05 -38.27 -2.24
N LEU F 54 15.57 -38.00 -1.02
CA LEU F 54 14.30 -38.52 -0.53
C LEU F 54 13.10 -37.65 -0.90
N GLU F 55 13.27 -36.71 -1.84
CA GLU F 55 12.18 -35.88 -2.35
C GLU F 55 11.57 -35.02 -1.25
N LEU F 56 12.43 -34.28 -0.55
CA LEU F 56 11.99 -33.43 0.55
C LEU F 56 12.42 -31.99 0.33
N PRO F 57 11.56 -31.00 0.64
CA PRO F 57 12.01 -29.60 0.60
C PRO F 57 12.97 -29.29 1.73
N HIS F 58 13.98 -28.49 1.43
CA HIS F 58 15.01 -28.19 2.42
C HIS F 58 15.68 -26.88 2.07
N VAL F 59 16.44 -26.36 3.05
CA VAL F 59 17.34 -25.23 2.85
C VAL F 59 18.58 -25.47 3.69
N PHE F 60 19.70 -24.91 3.25
CA PHE F 60 20.97 -25.07 3.95
C PHE F 60 21.70 -23.75 3.99
N VAL F 61 22.05 -23.29 5.18
CA VAL F 61 22.65 -21.98 5.37
C VAL F 61 23.74 -22.06 6.44
N ASN F 62 24.81 -21.29 6.26
CA ASN F 62 25.95 -21.27 7.17
C ASN F 62 25.84 -20.10 8.13
N CYS F 63 25.86 -20.39 9.42
CA CYS F 63 25.67 -19.36 10.43
C CYS F 63 26.89 -18.46 10.62
N VAL F 64 28.09 -18.93 10.26
CA VAL F 64 29.25 -18.05 10.28
C VAL F 64 29.30 -17.20 9.02
N GLU F 65 28.69 -17.68 7.93
CA GLU F 65 28.61 -16.87 6.72
C GLU F 65 27.69 -15.67 6.93
N CYS F 66 26.50 -15.89 7.48
CA CYS F 66 25.59 -14.81 7.80
C CYS F 66 25.86 -14.42 9.25
N PHE F 67 26.52 -13.29 9.46
CA PHE F 67 26.74 -12.85 10.83
C PHE F 67 25.54 -12.11 11.38
N THR F 68 24.84 -11.36 10.53
CA THR F 68 23.73 -10.51 10.97
C THR F 68 22.42 -11.29 10.90
N LEU F 69 21.35 -10.64 11.34
CA LEU F 69 20.02 -11.21 11.18
C LEU F 69 19.58 -11.11 9.74
N ARG F 70 19.78 -9.94 9.12
CA ARG F 70 19.36 -9.72 7.74
C ARG F 70 19.80 -10.87 6.84
N LEU F 71 21.09 -11.22 6.90
CA LEU F 71 21.61 -12.21 5.98
C LEU F 71 20.99 -13.58 6.23
N LEU F 72 20.96 -14.00 7.50
CA LEU F 72 20.40 -15.31 7.83
C LEU F 72 18.92 -15.38 7.49
N LEU F 73 18.16 -14.37 7.90
CA LEU F 73 16.72 -14.41 7.69
C LEU F 73 16.36 -14.16 6.23
N GLU F 74 17.09 -13.28 5.55
CA GLU F 74 16.82 -13.05 4.14
C GLU F 74 17.18 -14.28 3.31
N GLN F 75 18.26 -14.98 3.66
CA GLN F 75 18.67 -16.16 2.91
C GLN F 75 17.63 -17.26 3.03
N ILE F 76 17.19 -17.56 4.24
CA ILE F 76 16.20 -18.61 4.43
C ILE F 76 14.94 -18.31 3.63
N LEU F 77 14.49 -17.06 3.67
CA LEU F 77 13.27 -16.68 2.96
C LEU F 77 13.47 -16.78 1.45
N ASN F 78 14.54 -16.18 0.94
CA ASN F 78 14.76 -16.17 -0.51
C ASN F 78 14.84 -17.59 -1.07
N LYS F 79 15.47 -18.50 -0.34
CA LYS F 79 15.78 -19.83 -0.84
C LYS F 79 14.55 -20.71 -1.03
N LEU F 80 13.37 -20.26 -0.63
CA LEU F 80 12.14 -21.02 -0.86
C LEU F 80 11.52 -20.55 -2.18
N ASN F 81 11.48 -21.45 -3.16
CA ASN F 81 10.86 -21.15 -4.45
C ASN F 81 10.85 -22.40 -5.32
N THR F 95 11.97 -9.21 -0.86
CA THR F 95 12.09 -9.97 0.38
C THR F 95 13.22 -9.41 1.23
N CYS F 96 13.17 -8.11 1.50
CA CYS F 96 14.09 -7.48 2.44
C CYS F 96 13.59 -7.70 3.86
N GLU F 97 14.41 -8.32 4.70
CA GLU F 97 13.95 -8.82 5.99
C GLU F 97 14.91 -8.32 7.08
N THR F 98 14.42 -7.44 7.95
CA THR F 98 15.23 -6.90 9.03
C THR F 98 14.95 -7.53 10.40
N PHE F 99 13.95 -8.39 10.53
CA PHE F 99 13.73 -9.06 11.81
C PHE F 99 12.84 -10.28 11.60
N ASN F 100 12.91 -11.20 12.57
CA ASN F 100 12.17 -12.46 12.45
C ASN F 100 10.68 -12.29 12.68
N ASP F 101 10.25 -11.17 13.24
CA ASP F 101 8.81 -10.91 13.34
C ASP F 101 8.16 -11.02 11.97
N PHE F 102 8.75 -10.36 10.97
CA PHE F 102 8.20 -10.39 9.63
C PHE F 102 8.60 -11.64 8.87
N VAL F 103 9.61 -12.38 9.35
CA VAL F 103 9.89 -13.69 8.77
C VAL F 103 8.68 -14.59 8.94
N ARG F 104 8.24 -14.75 10.18
CA ARG F 104 7.05 -15.57 10.46
C ARG F 104 5.84 -15.05 9.69
N LEU F 105 5.72 -13.73 9.52
CA LEU F 105 4.56 -13.18 8.82
C LEU F 105 4.50 -13.66 7.39
N PHE F 106 5.55 -13.38 6.60
CA PHE F 106 5.59 -13.75 5.19
C PHE F 106 6.22 -15.11 4.93
N LYS F 107 6.78 -15.76 5.96
CA LYS F 107 7.18 -17.16 5.81
C LYS F 107 5.97 -18.08 5.86
N GLN F 108 5.03 -17.81 6.75
CA GLN F 108 3.78 -18.57 6.75
C GLN F 108 3.07 -18.46 5.41
N VAL F 109 3.16 -17.28 4.78
CA VAL F 109 2.55 -17.07 3.47
C VAL F 109 3.18 -17.94 2.40
N THR F 110 4.31 -18.58 2.67
CA THR F 110 4.91 -19.46 1.68
C THR F 110 4.37 -20.86 1.94
N THR F 111 3.43 -21.27 1.09
CA THR F 111 2.93 -22.64 1.04
C THR F 111 2.82 -23.05 -0.42
N ALA F 112 1.92 -22.38 -1.14
CA ALA F 112 1.69 -22.57 -2.57
C ALA F 112 1.13 -23.94 -2.91
N GLU F 113 0.49 -24.61 -1.94
CA GLU F 113 -0.17 -25.90 -2.15
C GLU F 113 0.81 -27.03 -2.45
N ASN F 114 2.06 -26.68 -2.82
CA ASN F 114 3.11 -27.69 -2.93
C ASN F 114 3.64 -28.06 -1.55
N LEU F 115 3.99 -27.05 -0.75
CA LEU F 115 4.58 -27.23 0.56
C LEU F 115 3.56 -27.15 1.68
N LYS F 116 2.29 -26.88 1.36
CA LYS F 116 1.26 -26.77 2.38
C LYS F 116 1.19 -28.05 3.22
N ASP F 117 1.01 -29.19 2.57
CA ASP F 117 0.79 -30.45 3.26
C ASP F 117 2.08 -31.19 3.59
N GLN F 118 3.25 -30.62 3.30
CA GLN F 118 4.51 -31.33 3.43
C GLN F 118 5.39 -30.67 4.49
N THR F 119 6.29 -31.47 5.05
CA THR F 119 7.24 -30.98 6.04
C THR F 119 8.37 -30.23 5.36
N VAL F 120 8.70 -29.04 5.86
CA VAL F 120 9.77 -28.20 5.33
C VAL F 120 10.94 -28.22 6.31
N TYR F 121 12.16 -28.27 5.78
CA TYR F 121 13.37 -28.44 6.58
C TYR F 121 14.33 -27.28 6.37
N ILE F 122 14.88 -26.78 7.48
CA ILE F 122 15.87 -25.71 7.47
C ILE F 122 17.08 -26.20 8.25
N VAL F 123 18.20 -26.39 7.57
CA VAL F 123 19.42 -26.91 8.18
C VAL F 123 20.36 -25.74 8.40
N LEU F 124 20.62 -25.42 9.67
CA LEU F 124 21.52 -24.34 10.03
C LEU F 124 22.87 -24.94 10.41
N ASP F 125 23.86 -24.74 9.56
CA ASP F 125 25.20 -25.24 9.82
C ASP F 125 25.97 -24.24 10.69
N LYS F 126 26.85 -24.78 11.52
CA LYS F 126 27.61 -23.98 12.47
C LYS F 126 26.66 -23.25 13.43
N ALA F 127 25.69 -23.99 13.94
CA ALA F 127 24.73 -23.42 14.90
C ALA F 127 25.45 -22.82 16.11
N GLU F 128 26.68 -23.22 16.37
CA GLU F 128 27.45 -22.68 17.48
C GLU F 128 27.49 -21.16 17.48
N TYR F 129 27.30 -20.53 16.32
CA TYR F 129 27.34 -19.08 16.22
C TYR F 129 25.99 -18.40 16.46
N LEU F 130 24.88 -19.14 16.46
CA LEU F 130 23.62 -18.51 16.85
C LEU F 130 23.71 -17.96 18.27
N ARG F 131 24.49 -18.62 19.12
CA ARG F 131 24.67 -18.17 20.50
C ARG F 131 25.15 -16.72 20.54
N ASP F 132 25.86 -16.28 19.50
CA ASP F 132 26.51 -14.99 19.50
C ASP F 132 25.72 -13.89 18.80
N MET F 133 24.56 -14.19 18.22
CA MET F 133 23.90 -13.22 17.35
C MET F 133 22.80 -12.47 18.07
N GLU F 134 21.66 -13.13 18.28
CA GLU F 134 20.49 -12.48 18.85
C GLU F 134 19.87 -13.42 19.87
N ALA F 135 19.56 -12.88 21.05
CA ALA F 135 19.07 -13.71 22.13
C ALA F 135 17.80 -14.44 21.72
N ASN F 136 16.91 -13.76 21.01
CA ASN F 136 15.60 -14.31 20.70
C ASN F 136 15.59 -15.15 19.44
N LEU F 137 16.73 -15.25 18.75
CA LEU F 137 16.76 -15.97 17.48
C LEU F 137 16.83 -17.48 17.68
N LEU F 138 17.72 -17.94 18.54
CA LEU F 138 17.83 -19.37 18.79
C LEU F 138 16.57 -19.94 19.41
N PRO F 139 15.96 -19.31 20.42
CA PRO F 139 14.66 -19.82 20.90
C PRO F 139 13.59 -19.82 19.83
N GLY F 140 13.49 -18.73 19.06
CA GLY F 140 12.48 -18.68 18.01
C GLY F 140 12.59 -19.83 17.02
N PHE F 141 13.82 -20.29 16.74
CA PHE F 141 14.01 -21.35 15.77
C PHE F 141 13.66 -22.72 16.34
N LEU F 142 13.97 -22.95 17.61
CA LEU F 142 13.71 -24.26 18.21
C LEU F 142 12.21 -24.58 18.21
N ARG F 143 11.38 -23.61 18.56
CA ARG F 143 9.92 -23.78 18.62
C ARG F 143 9.21 -23.27 17.37
N LEU F 144 9.96 -22.91 16.32
CA LEU F 144 9.37 -22.23 15.17
C LEU F 144 8.14 -22.93 14.60
N GLN F 145 8.01 -24.24 14.82
CA GLN F 145 6.89 -24.97 14.23
C GLN F 145 5.55 -24.34 14.61
N GLU F 146 5.27 -24.23 15.92
CA GLU F 146 3.98 -23.72 16.33
C GLU F 146 3.86 -22.21 16.19
N LEU F 147 4.97 -21.49 15.99
CA LEU F 147 4.87 -20.05 15.78
C LEU F 147 4.20 -19.74 14.46
N ALA F 148 4.67 -20.34 13.37
CA ALA F 148 3.98 -20.24 12.08
C ALA F 148 2.98 -21.38 11.85
N ASP F 149 3.03 -22.43 12.65
CA ASP F 149 2.10 -23.57 12.55
C ASP F 149 2.07 -24.16 11.14
N ARG F 150 3.17 -24.04 10.40
CA ARG F 150 3.24 -24.51 9.02
C ARG F 150 3.92 -25.88 8.87
N ASN F 151 4.21 -26.57 9.96
CA ASN F 151 4.91 -27.85 9.90
C ASN F 151 6.32 -27.70 9.36
N VAL F 152 7.19 -27.09 10.16
CA VAL F 152 8.60 -26.89 9.84
C VAL F 152 9.43 -27.70 10.83
N THR F 153 10.64 -28.06 10.41
CA THR F 153 11.61 -28.70 11.29
C THR F 153 12.98 -28.07 11.09
N VAL F 154 13.51 -27.45 12.14
CA VAL F 154 14.83 -26.84 12.09
C VAL F 154 15.87 -27.89 12.49
N LEU F 155 16.96 -27.94 11.73
CA LEU F 155 18.05 -28.89 11.97
C LEU F 155 19.34 -28.12 12.24
N PHE F 156 19.85 -28.25 13.45
CA PHE F 156 21.10 -27.63 13.85
C PHE F 156 22.24 -28.63 13.71
N LEU F 157 23.39 -28.15 13.25
CA LEU F 157 24.61 -28.93 13.24
C LEU F 157 25.72 -28.06 13.83
N SER F 158 26.43 -28.60 14.81
CA SER F 158 27.50 -27.83 15.45
C SER F 158 28.47 -28.78 16.12
N GLU F 159 29.66 -28.26 16.40
CA GLU F 159 30.69 -29.00 17.13
C GLU F 159 30.60 -28.76 18.63
N ILE F 160 29.62 -27.98 19.09
CA ILE F 160 29.49 -27.62 20.49
C ILE F 160 28.31 -28.36 21.10
N VAL F 161 28.49 -28.86 22.32
CA VAL F 161 27.44 -29.57 23.01
C VAL F 161 26.27 -28.63 23.28
N TRP F 162 25.06 -29.21 23.25
CA TRP F 162 23.83 -28.44 23.48
C TRP F 162 23.80 -27.81 24.87
N GLU F 163 24.55 -28.37 25.83
CA GLU F 163 24.53 -27.88 27.20
C GLU F 163 24.87 -26.38 27.27
N LYS F 164 25.56 -25.85 26.27
CA LYS F 164 26.06 -24.48 26.28
C LYS F 164 25.16 -23.49 25.55
N PHE F 165 24.09 -23.94 24.90
CA PHE F 165 23.24 -23.05 24.12
C PHE F 165 22.12 -22.41 24.92
N ARG F 166 21.83 -22.91 26.11
CA ARG F 166 20.59 -22.53 26.81
C ARG F 166 20.65 -21.09 27.32
N PRO F 167 19.60 -20.28 27.11
CA PRO F 167 19.57 -18.93 27.69
C PRO F 167 18.97 -18.90 29.09
N ASN F 168 18.90 -17.71 29.71
CA ASN F 168 18.44 -17.60 31.09
C ASN F 168 17.00 -18.07 31.22
N THR F 169 16.09 -17.49 30.45
CA THR F 169 14.68 -17.83 30.53
C THR F 169 14.37 -19.22 29.99
N GLY F 170 15.33 -19.89 29.37
CA GLY F 170 15.10 -21.21 28.84
C GLY F 170 14.74 -21.17 27.37
N CYS F 171 14.27 -22.32 26.89
CA CYS F 171 13.89 -22.43 25.48
C CYS F 171 13.16 -23.76 25.29
N PHE F 172 12.74 -23.99 24.06
CA PHE F 172 12.14 -25.26 23.65
C PHE F 172 13.24 -26.26 23.37
N GLU F 173 13.28 -27.34 24.14
CA GLU F 173 14.37 -28.30 24.03
C GLU F 173 14.22 -29.12 22.76
N PRO F 174 15.21 -29.14 21.86
CA PRO F 174 15.12 -29.96 20.66
C PRO F 174 15.50 -31.41 20.97
N PHE F 175 15.40 -32.25 19.96
CA PHE F 175 15.92 -33.61 20.07
C PHE F 175 17.41 -33.57 19.77
N VAL F 176 18.22 -34.01 20.72
CA VAL F 176 19.67 -33.96 20.58
C VAL F 176 20.14 -35.28 20.00
N LEU F 177 20.62 -35.23 18.76
CA LEU F 177 21.11 -36.41 18.05
C LEU F 177 22.63 -36.36 17.97
N TYR F 178 23.27 -37.48 18.29
CA TYR F 178 24.71 -37.57 18.36
C TYR F 178 25.23 -38.31 17.14
N PHE F 179 26.09 -37.64 16.35
CA PHE F 179 26.79 -38.30 15.26
C PHE F 179 28.17 -38.71 15.78
N PRO F 180 28.41 -39.99 16.05
CA PRO F 180 29.67 -40.37 16.70
C PRO F 180 30.86 -40.27 15.78
N ASP F 181 32.02 -40.07 16.39
CA ASP F 181 33.27 -40.03 15.63
C ASP F 181 33.46 -41.32 14.85
N TYR F 182 34.09 -41.21 13.68
CA TYR F 182 34.46 -42.39 12.93
C TYR F 182 35.62 -43.08 13.61
N SER F 183 35.53 -44.40 13.76
CA SER F 183 36.63 -45.16 14.31
C SER F 183 37.73 -45.31 13.26
N ILE F 184 38.82 -45.95 13.65
CA ILE F 184 39.90 -46.20 12.69
C ILE F 184 39.44 -47.24 11.68
N GLY F 185 38.59 -48.18 12.08
CA GLY F 185 38.04 -49.13 11.14
C GLY F 185 37.04 -48.50 10.20
N ASN F 186 36.15 -47.66 10.73
CA ASN F 186 35.21 -46.93 9.88
C ASN F 186 35.94 -46.06 8.86
N LEU F 187 37.04 -45.44 9.27
CA LEU F 187 37.82 -44.64 8.34
C LEU F 187 38.38 -45.50 7.21
N GLN F 188 39.08 -46.58 7.57
CA GLN F 188 39.69 -47.41 6.54
C GLN F 188 38.67 -47.93 5.54
N LYS F 189 37.44 -48.20 5.99
CA LYS F 189 36.42 -48.69 5.07
C LYS F 189 36.02 -47.62 4.07
N ILE F 190 35.59 -46.46 4.55
CA ILE F 190 35.16 -45.38 3.66
C ILE F 190 36.36 -44.82 2.90
N LEU F 191 37.49 -44.68 3.59
CA LEU F 191 38.63 -43.99 3.01
C LEU F 191 39.29 -44.80 1.91
N SER F 192 39.41 -46.11 2.13
CA SER F 192 40.20 -46.96 1.23
C SER F 192 39.37 -47.45 0.05
N HIS F 193 38.43 -48.36 0.31
CA HIS F 193 37.87 -49.19 -0.75
C HIS F 193 37.04 -48.40 -1.76
N ASP F 194 36.73 -47.14 -1.51
CA ASP F 194 35.88 -46.37 -2.40
C ASP F 194 36.65 -45.53 -3.41
N HIS F 195 37.99 -45.59 -3.41
CA HIS F 195 38.81 -44.93 -4.42
C HIS F 195 39.90 -45.89 -4.87
N PRO F 196 39.53 -46.97 -5.55
CA PRO F 196 40.52 -47.84 -6.19
C PRO F 196 40.86 -47.35 -7.58
N PRO F 197 41.79 -46.38 -7.71
CA PRO F 197 41.92 -45.67 -8.99
C PRO F 197 42.45 -46.54 -10.11
N GLU F 198 41.58 -47.35 -10.70
CA GLU F 198 41.95 -48.24 -11.81
C GLU F 198 42.92 -49.33 -11.36
N TYR F 199 42.89 -49.68 -10.07
CA TYR F 199 43.74 -50.74 -9.54
C TYR F 199 43.02 -51.39 -8.37
N SER F 200 43.47 -52.59 -8.03
CA SER F 200 42.77 -53.39 -7.02
C SER F 200 42.65 -52.63 -5.71
N ALA F 201 41.49 -52.79 -5.06
CA ALA F 201 41.26 -52.14 -3.78
C ALA F 201 42.07 -52.75 -2.64
N ASP F 202 42.57 -53.98 -2.81
CA ASP F 202 43.39 -54.59 -1.77
C ASP F 202 44.74 -53.89 -1.67
N PHE F 203 45.29 -53.44 -2.79
CA PHE F 203 46.53 -52.67 -2.76
C PHE F 203 46.31 -51.34 -2.05
N TYR F 204 45.23 -50.64 -2.39
CA TYR F 204 44.91 -49.38 -1.71
C TYR F 204 44.55 -49.60 -0.25
N ALA F 205 43.97 -50.76 0.07
CA ALA F 205 43.59 -51.05 1.46
C ALA F 205 44.82 -51.16 2.36
N ALA F 206 45.74 -52.08 2.03
CA ALA F 206 46.95 -52.22 2.82
C ALA F 206 47.70 -50.90 2.92
N TYR F 207 47.58 -50.05 1.90
CA TYR F 207 48.15 -48.71 1.98
C TYR F 207 47.52 -47.91 3.11
N ILE F 208 46.20 -47.84 3.13
CA ILE F 208 45.51 -47.07 4.16
C ILE F 208 45.79 -47.65 5.54
N ASN F 209 45.70 -48.98 5.67
CA ASN F 209 46.01 -49.63 6.94
C ASN F 209 47.35 -49.15 7.48
N ILE F 210 48.30 -48.86 6.60
CA ILE F 210 49.58 -48.29 7.02
C ILE F 210 49.45 -46.80 7.28
N LEU F 211 48.72 -46.09 6.42
CA LEU F 211 48.53 -44.66 6.58
C LEU F 211 47.91 -44.35 7.94
N LEU F 212 46.75 -44.95 8.22
CA LEU F 212 46.08 -44.73 9.50
C LEU F 212 46.95 -45.21 10.66
N GLY F 213 47.61 -46.35 10.48
CA GLY F 213 48.45 -46.91 11.52
C GLY F 213 49.51 -45.95 12.03
N VAL F 214 49.81 -44.91 11.25
CA VAL F 214 50.78 -43.90 11.65
C VAL F 214 50.05 -42.66 12.16
N PHE F 215 49.28 -42.01 11.28
CA PHE F 215 48.76 -40.69 11.53
C PHE F 215 47.55 -40.67 12.47
N TYR F 216 46.96 -41.82 12.81
CA TYR F 216 45.72 -41.80 13.58
C TYR F 216 45.92 -41.11 14.92
N THR F 217 46.96 -41.50 15.67
CA THR F 217 47.17 -40.97 17.01
C THR F 217 47.37 -39.46 17.01
N VAL F 218 47.62 -38.85 15.86
CA VAL F 218 47.80 -37.40 15.75
C VAL F 218 46.63 -36.75 15.03
N CYS F 219 46.40 -37.12 13.77
CA CYS F 219 45.34 -36.55 12.94
C CYS F 219 44.22 -37.56 12.80
N ARG F 220 43.08 -37.26 13.42
CA ARG F 220 41.86 -38.06 13.23
C ARG F 220 40.91 -37.43 12.22
N ASP F 221 41.23 -36.26 11.70
CA ASP F 221 40.31 -35.58 10.79
C ASP F 221 40.23 -36.34 9.47
N LEU F 222 39.02 -36.72 9.08
CA LEU F 222 38.85 -37.44 7.82
C LEU F 222 39.27 -36.58 6.63
N LYS F 223 39.01 -35.27 6.70
CA LYS F 223 39.37 -34.40 5.58
C LYS F 223 40.87 -34.42 5.34
N GLU F 224 41.66 -34.24 6.40
CA GLU F 224 43.11 -34.17 6.24
C GLU F 224 43.71 -35.54 5.95
N LEU F 225 43.18 -36.59 6.59
CA LEU F 225 43.66 -37.93 6.28
C LEU F 225 43.42 -38.28 4.82
N ARG F 226 42.24 -37.93 4.31
CA ARG F 226 41.96 -38.12 2.90
C ARG F 226 42.96 -37.37 2.02
N HIS F 227 43.30 -36.14 2.41
CA HIS F 227 44.31 -35.38 1.66
C HIS F 227 45.64 -36.12 1.66
N LEU F 228 46.03 -36.69 2.79
CA LEU F 228 47.28 -37.46 2.84
C LEU F 228 47.19 -38.71 1.96
N ALA F 229 46.01 -39.31 1.85
CA ALA F 229 45.85 -40.46 0.98
C ALA F 229 46.22 -40.12 -0.45
N VAL F 230 45.91 -38.90 -0.89
CA VAL F 230 46.28 -38.47 -2.24
C VAL F 230 47.75 -38.05 -2.30
N LEU F 231 48.24 -37.38 -1.25
CA LEU F 231 49.58 -36.80 -1.28
C LEU F 231 50.64 -37.89 -1.40
N ASN F 232 50.66 -38.84 -0.47
CA ASN F 232 51.74 -39.80 -0.36
C ASN F 232 51.51 -41.07 -1.17
N PHE F 233 50.42 -41.14 -1.94
CA PHE F 233 50.17 -42.35 -2.73
C PHE F 233 51.25 -42.56 -3.78
N PRO F 234 51.65 -41.56 -4.57
CA PRO F 234 52.71 -41.82 -5.57
C PRO F 234 53.99 -42.35 -4.96
N LYS F 235 54.46 -41.74 -3.88
CA LYS F 235 55.71 -42.19 -3.26
C LYS F 235 55.60 -43.63 -2.78
N TYR F 236 54.38 -44.07 -2.46
CA TYR F 236 54.16 -45.42 -1.93
C TYR F 236 54.23 -46.48 -3.03
N CYS F 237 53.54 -46.25 -4.15
CA CYS F 237 53.49 -47.22 -5.23
C CYS F 237 54.53 -46.95 -6.32
N GLU F 238 55.36 -45.92 -6.16
CA GLU F 238 56.40 -45.67 -7.17
C GLU F 238 57.34 -46.85 -7.32
N PRO F 239 57.76 -47.55 -6.27
CA PRO F 239 58.60 -48.75 -6.46
C PRO F 239 57.91 -49.85 -7.25
N VAL F 240 56.58 -49.84 -7.36
CA VAL F 240 55.88 -50.88 -8.11
C VAL F 240 56.10 -50.70 -9.62
N VAL F 241 55.81 -49.50 -10.14
CA VAL F 241 55.98 -49.26 -11.58
C VAL F 241 57.44 -49.39 -11.97
N LYS F 242 58.35 -49.23 -11.01
CA LYS F 242 59.78 -49.36 -11.25
C LYS F 242 60.29 -50.76 -10.95
N GLY F 243 59.39 -51.70 -10.66
CA GLY F 243 59.74 -53.11 -10.60
C GLY F 243 60.54 -53.55 -9.40
N GLU F 244 60.08 -53.20 -8.20
CA GLU F 244 60.74 -53.69 -6.98
C GLU F 244 59.81 -53.55 -5.77
N ARG F 251 55.61 -58.28 -2.37
CA ARG F 251 54.84 -57.33 -1.58
C ARG F 251 55.71 -56.73 -0.47
N LYS F 252 55.09 -56.42 0.66
CA LYS F 252 55.79 -55.84 1.82
C LYS F 252 56.56 -54.59 1.41
N LEU F 253 55.80 -53.58 1.02
CA LEU F 253 56.31 -52.24 0.77
C LEU F 253 56.38 -51.42 2.04
N TRP F 254 55.96 -51.99 3.18
CA TRP F 254 55.77 -51.21 4.40
C TRP F 254 57.06 -50.49 4.80
N ARG F 255 58.20 -51.16 4.66
CA ARG F 255 59.47 -50.56 5.05
C ARG F 255 59.78 -49.30 4.25
N ASN F 256 59.23 -49.19 3.04
CA ASN F 256 59.59 -48.08 2.18
C ASN F 256 59.10 -46.75 2.73
N ILE F 257 57.78 -46.64 2.96
CA ILE F 257 57.20 -45.37 3.39
C ILE F 257 57.16 -45.20 4.89
N GLU F 258 57.37 -46.26 5.67
CA GLU F 258 57.21 -46.15 7.13
C GLU F 258 58.06 -45.02 7.70
N PRO F 259 59.36 -44.95 7.43
CA PRO F 259 60.12 -43.78 7.88
C PRO F 259 59.66 -42.49 7.20
N HIS F 260 59.15 -42.59 5.97
CA HIS F 260 58.67 -41.40 5.28
C HIS F 260 57.46 -40.79 5.96
N LEU F 261 56.44 -41.60 6.24
CA LEU F 261 55.27 -41.09 6.93
C LEU F 261 55.62 -40.65 8.35
N LYS F 262 56.41 -41.44 9.07
CA LYS F 262 56.73 -41.12 10.45
C LYS F 262 57.64 -39.90 10.57
N LYS F 263 58.36 -39.53 9.50
CA LYS F 263 59.09 -38.27 9.52
C LYS F 263 58.15 -37.08 9.32
N ALA F 264 57.09 -37.26 8.54
CA ALA F 264 56.14 -36.19 8.30
C ALA F 264 55.14 -36.02 9.44
N MET F 265 54.88 -37.07 10.21
CA MET F 265 53.83 -37.04 11.24
C MET F 265 54.06 -35.93 12.27
N GLN F 266 55.13 -36.04 13.06
CA GLN F 266 55.37 -35.10 14.15
C GLN F 266 55.91 -33.76 13.66
N THR F 267 56.19 -33.62 12.36
CA THR F 267 56.68 -32.36 11.80
C THR F 267 55.56 -31.59 11.09
N VAL F 268 55.01 -32.17 10.03
CA VAL F 268 53.91 -31.54 9.30
C VAL F 268 52.76 -31.25 10.25
PG ATP G . -42.92 20.29 -27.73
O1G ATP G . -41.63 20.24 -26.95
O2G ATP G . -43.78 21.51 -27.47
O3G ATP G . -42.81 19.94 -29.20
PB ATP G . -45.40 19.29 -27.04
O1B ATP G . -45.94 18.90 -28.40
O2B ATP G . -45.79 20.60 -26.40
O3B ATP G . -43.81 19.10 -27.11
PA ATP G . -46.60 18.38 -24.70
O1A ATP G . -48.05 18.37 -25.12
O2A ATP G . -46.01 19.51 -23.90
O3A ATP G . -45.73 18.11 -26.02
O5' ATP G . -46.25 16.98 -24.02
C5' ATP G . -46.97 16.42 -22.96
C4' ATP G . -46.04 16.28 -21.77
O4' ATP G . -46.03 17.48 -21.01
C3' ATP G . -46.53 15.17 -20.85
O3' ATP G . -45.67 14.03 -20.88
C2' ATP G . -46.61 15.77 -19.46
O2' ATP G . -45.54 15.24 -18.66
C1' ATP G . -46.39 17.26 -19.64
N9 ATP G . -47.64 18.06 -19.43
C8 ATP G . -47.84 19.27 -20.02
N7 ATP G . -49.03 19.79 -19.65
C5 ATP G . -49.62 18.93 -18.81
C6 ATP G . -50.88 18.89 -18.07
N6 ATP G . -51.76 19.90 -18.18
N1 ATP G . -51.13 17.81 -17.29
C2 ATP G . -50.26 16.80 -17.17
N3 ATP G . -49.08 16.78 -17.83
C4 ATP G . -48.69 17.80 -18.64
MG MG H . -45.06 18.01 -29.97
PG ATP I . -12.53 13.94 -20.06
O1G ATP I . -11.57 15.07 -19.78
O2G ATP I . -13.94 14.35 -20.41
O3G ATP I . -11.94 12.87 -20.94
PB ATP I . -11.87 13.74 -17.38
O1B ATP I . -12.39 15.11 -17.04
O2B ATP I . -10.41 13.52 -17.70
O3B ATP I . -12.70 13.20 -18.65
PA ATP I . -11.78 11.22 -16.25
O1A ATP I . -12.55 10.40 -15.23
O2A ATP I . -11.80 10.82 -17.72
O3A ATP I . -12.34 12.74 -16.22
O5' ATP I . -10.25 11.24 -15.79
C5' ATP I . -9.73 12.21 -14.88
C4' ATP I . -8.44 11.71 -14.26
O4' ATP I . -8.18 12.47 -13.08
C3' ATP I . -8.50 10.25 -13.83
O3' ATP I . -7.31 9.57 -14.20
C2' ATP I . -8.65 10.27 -12.32
O2' ATP I . -7.82 9.26 -11.73
C1' ATP I . -8.22 11.66 -11.90
N9 ATP I . -9.18 12.24 -10.95
C8 ATP I . -9.55 13.54 -10.94
N7 ATP I . -10.45 13.80 -9.97
C5 ATP I . -10.69 12.63 -9.34
C6 ATP I . -11.54 12.19 -8.21
N6 ATP I . -12.33 13.07 -7.56
N1 ATP I . -11.50 10.89 -7.86
C2 ATP I . -10.72 10.00 -8.49
N3 ATP I . -9.92 10.34 -9.52
C4 ATP I . -9.86 11.61 -9.98
MG MG J . -13.83 11.34 -19.89
PG ATP K . 11.88 15.75 -38.85
O1G ATP K . 12.22 16.55 -40.08
O2G ATP K . 12.22 16.43 -37.54
O3G ATP K . 10.52 15.07 -38.87
PB ATP K . 13.35 13.74 -37.59
O1B ATP K . 12.26 12.82 -37.10
O2B ATP K . 14.07 14.68 -36.66
O3B ATP K . 12.90 14.52 -38.91
PA ATP K . 15.91 12.79 -37.73
O1A ATP K . 15.88 11.85 -36.55
O2A ATP K . 16.54 14.15 -37.63
O3A ATP K . 14.44 12.87 -38.33
O5' ATP K . 16.50 11.99 -38.96
C5' ATP K . 17.59 11.15 -38.69
C4' ATP K . 18.68 11.56 -39.63
O4' ATP K . 19.35 12.68 -39.04
C3' ATP K . 19.66 10.43 -39.78
O3' ATP K . 19.38 9.63 -40.94
C2' ATP K . 20.97 11.15 -39.83
O2' ATP K . 21.20 11.57 -41.18
C1' ATP K . 20.75 12.41 -38.99
N9 ATP K . 21.13 12.27 -37.55
C8 ATP K . 20.48 12.88 -36.54
N7 ATP K . 21.05 12.58 -35.33
C5 ATP K . 22.09 11.77 -35.58
C6 ATP K . 23.10 11.09 -34.76
N6 ATP K . 23.14 11.22 -33.41
N1 ATP K . 24.02 10.32 -35.38
C2 ATP K . 24.03 10.17 -36.73
N3 ATP K . 23.12 10.77 -37.53
C4 ATP K . 22.15 11.57 -37.03
K K L . 5.33 -0.42 -22.18
PG ATP M . -0.64 6.36 39.89
O1G ATP M . -1.36 5.03 40.02
O2G ATP M . -0.41 6.78 38.46
O3G ATP M . 0.56 6.53 40.79
PB ATP M . -2.93 7.28 41.41
O1B ATP M . -2.67 6.17 42.39
O2B ATP M . -3.27 8.64 41.96
O3B ATP M . -1.71 7.48 40.37
PA ATP M . -5.63 6.71 40.93
O1A ATP M . -6.29 8.07 40.98
O2A ATP M . -5.57 5.85 42.17
O3A ATP M . -4.11 6.83 40.41
O5' ATP M . -6.33 5.80 39.79
C5' ATP M . -7.75 5.74 39.83
C4' ATP M . -8.17 4.31 40.15
O4' ATP M . -7.88 4.03 41.52
C3' ATP M . -9.65 4.08 39.88
O3' ATP M . -9.82 3.10 38.85
C2' ATP M . -10.21 3.55 41.20
O2' ATP M . -10.72 2.23 41.03
C1' ATP M . -9.05 3.60 42.21
N9 ATP M . -9.22 4.52 43.38
C8 ATP M . -8.24 5.26 43.92
N7 ATP M . -8.71 6.00 44.97
C5 ATP M . -10.02 5.72 45.09
C6 ATP M . -11.11 6.14 45.98
N6 ATP M . -10.87 7.04 46.96
N1 ATP M . -12.34 5.62 45.77
C2 ATP M . -12.59 4.72 44.80
N3 ATP M . -11.63 4.30 43.95
C4 ATP M . -10.37 4.75 44.04
MG MG N . -1.43 8.78 38.24
PG ATP O . 6.40 -22.44 26.94
O1G ATP O . 7.27 -23.46 27.62
O2G ATP O . 6.19 -21.16 27.70
O3G ATP O . 6.73 -22.25 25.48
PB ATP O . 4.80 -24.56 27.58
O1B ATP O . 5.10 -24.43 29.05
O2B ATP O . 5.60 -25.48 26.70
O3B ATP O . 4.94 -23.11 26.91
PA ATP O . 2.71 -25.36 25.97
O1A ATP O . 1.21 -25.36 26.03
O2A ATP O . 3.45 -24.49 24.98
O3A ATP O . 3.24 -24.92 27.43
O5' ATP O . 3.21 -26.88 25.79
C5' ATP O . 3.37 -27.74 26.91
C4' ATP O . 3.38 -29.19 26.43
O4' ATP O . 3.17 -30.09 27.53
C3' ATP O . 2.28 -29.45 25.42
O3' ATP O . 2.79 -30.21 24.31
C2' ATP O . 1.24 -30.25 26.17
O2' ATP O . 0.68 -31.27 25.34
C1' ATP O . 1.95 -30.84 27.39
N9 ATP O . 1.14 -30.75 28.64
C8 ATP O . 1.64 -30.66 29.88
N7 ATP O . 0.66 -30.62 30.82
C5 ATP O . -0.50 -30.71 30.17
C6 ATP O . -1.95 -30.72 30.54
N6 ATP O . -2.32 -30.64 31.84
N1 ATP O . -2.85 -30.82 29.55
C2 ATP O . -2.49 -30.90 28.25
N3 ATP O . -1.22 -30.90 27.85
C4 ATP O . -0.19 -30.81 28.73
MG MG P . 3.93 -21.38 24.90
PG ATP Q . 31.13 -29.72 10.56
O1G ATP Q . 32.56 -29.23 10.51
O2G ATP Q . 30.87 -30.82 11.56
O3G ATP Q . 30.09 -28.63 10.54
PB ATP Q . 29.86 -31.61 8.93
O1B ATP Q . 28.46 -31.03 8.84
O2B ATP Q . 30.17 -32.78 9.83
O3B ATP Q . 30.95 -30.45 9.15
PA ATP Q . 30.66 -33.48 7.08
O1A ATP Q . 29.33 -34.17 6.83
O2A ATP Q . 31.71 -34.04 8.00
O3A ATP Q . 30.36 -31.97 7.46
O5' ATP Q . 31.30 -33.19 5.65
C5' ATP Q . 31.23 -34.22 4.70
C4' ATP Q . 32.62 -34.48 4.17
O4' ATP Q . 33.30 -35.37 5.04
C3' ATP Q . 32.47 -35.16 2.83
O3' ATP Q . 32.47 -34.22 1.74
C2' ATP Q . 33.61 -36.14 2.83
O2' ATP Q . 34.76 -35.49 2.30
C1' ATP Q . 33.81 -36.48 4.30
N9 ATP Q . 33.07 -37.70 4.76
C8 ATP Q . 32.49 -37.86 5.98
N7 ATP Q . 31.90 -39.08 6.08
C5 ATP Q . 32.08 -39.72 4.92
C6 ATP Q . 31.71 -41.05 4.36
N6 ATP Q . 31.01 -41.95 5.09
N1 ATP Q . 32.10 -41.33 3.10
C2 ATP Q . 32.80 -40.45 2.36
N3 ATP Q . 33.17 -39.24 2.81
C4 ATP Q . 32.84 -38.82 4.05
K K R . 6.60 -35.92 8.49
#